data_7EI7
# 
_entry.id   7EI7 
# 
_audit_conform.dict_name       mmcif_pdbx.dic 
_audit_conform.dict_version    5.403 
_audit_conform.dict_location   http://mmcif.pdb.org/dictionaries/ascii/mmcif_pdbx.dic 
# 
loop_
_database_2.database_id 
_database_2.database_code 
_database_2.pdbx_database_accession 
_database_2.pdbx_DOI 
PDB   7EI7         pdb_00007ei7 10.2210/pdb7ei7/pdb 
WWPDB D_1300021274 ?            ?                   
# 
loop_
_pdbx_audit_revision_history.ordinal 
_pdbx_audit_revision_history.data_content_type 
_pdbx_audit_revision_history.major_revision 
_pdbx_audit_revision_history.minor_revision 
_pdbx_audit_revision_history.revision_date 
_pdbx_audit_revision_history.part_number 
1 'Structure model' 1 0 2022-03-30 ? 
2 'Structure model' 1 1 2023-11-29 ? 
3 'Structure model' 1 2 2025-04-16 ? 
# 
_pdbx_audit_revision_details.ordinal             1 
_pdbx_audit_revision_details.revision_ordinal    1 
_pdbx_audit_revision_details.data_content_type   'Structure model' 
_pdbx_audit_revision_details.provider            repository 
_pdbx_audit_revision_details.type                'Initial release' 
_pdbx_audit_revision_details.description         ? 
_pdbx_audit_revision_details.details             ? 
# 
loop_
_pdbx_audit_revision_group.ordinal 
_pdbx_audit_revision_group.revision_ordinal 
_pdbx_audit_revision_group.data_content_type 
_pdbx_audit_revision_group.group 
1 2 'Structure model' 'Data collection'        
2 2 'Structure model' 'Refinement description' 
3 3 'Structure model' 'Database references'    
4 3 'Structure model' 'Structure summary'      
# 
loop_
_pdbx_audit_revision_category.ordinal 
_pdbx_audit_revision_category.revision_ordinal 
_pdbx_audit_revision_category.data_content_type 
_pdbx_audit_revision_category.category 
1 2 'Structure model' chem_comp_atom                
2 2 'Structure model' chem_comp_bond                
3 2 'Structure model' pdbx_initial_refinement_model 
4 3 'Structure model' citation                      
5 3 'Structure model' citation_author               
6 3 'Structure model' pdbx_entry_details            
# 
loop_
_pdbx_audit_revision_item.ordinal 
_pdbx_audit_revision_item.revision_ordinal 
_pdbx_audit_revision_item.data_content_type 
_pdbx_audit_revision_item.item 
1 3 'Structure model' '_citation.journal_abbrev'                     
2 3 'Structure model' '_citation.journal_id_CSD'                     
3 3 'Structure model' '_citation.journal_volume'                     
4 3 'Structure model' '_citation.pdbx_database_id_DOI'               
5 3 'Structure model' '_citation.title'                              
6 3 'Structure model' '_citation.year'                               
7 3 'Structure model' '_pdbx_entry_details.has_protein_modification' 
# 
_pdbx_database_status.status_code                     REL 
_pdbx_database_status.status_code_sf                  REL 
_pdbx_database_status.status_code_mr                  ? 
_pdbx_database_status.entry_id                        7EI7 
_pdbx_database_status.recvd_initial_deposition_date   2021-03-30 
_pdbx_database_status.SG_entry                        N 
_pdbx_database_status.deposit_site                    PDBJ 
_pdbx_database_status.process_site                    PDBJ 
_pdbx_database_status.status_code_cs                  ? 
_pdbx_database_status.status_code_nmr_data            ? 
_pdbx_database_status.methods_development_category    ? 
_pdbx_database_status.pdb_format_compatible           Y 
# 
loop_
_audit_author.name 
_audit_author.pdbx_ordinal 
_audit_author.identifier_ORCID 
'Kondo, J.' 1 0000-0002-5682-3685 
'Saisu, S.' 2 ?                   
# 
_citation.abstract                  ? 
_citation.abstract_id_CAS           ? 
_citation.book_id_ISBN              ? 
_citation.book_publisher            ? 
_citation.book_publisher_city       ? 
_citation.book_title                ? 
_citation.coordinate_linkage        ? 
_citation.country                   ? 
_citation.database_id_Medline       ? 
_citation.details                   ? 
_citation.id                        primary 
_citation.journal_abbrev            'NAR Mol Med' 
_citation.journal_id_ASTM           ? 
_citation.journal_id_CSD            ? 
_citation.journal_id_ISSN           ? 
_citation.journal_full              ? 
_citation.journal_issue             ? 
_citation.journal_volume            2 
_citation.language                  ? 
_citation.page_first                ? 
_citation.page_last                 ? 
_citation.title                     'Structure-based design of a sequence-specific RNA probe that mimics the kink-turn motif' 
_citation.year                      2025 
_citation.database_id_CSD           ? 
_citation.pdbx_database_id_DOI      10.1093/narmme/ugaf006 
_citation.pdbx_database_id_PubMed   ? 
_citation.pdbx_database_id_patent   ? 
_citation.unpublished_flag          ? 
# 
loop_
_citation_author.citation_id 
_citation_author.name 
_citation_author.ordinal 
_citation_author.identifier_ORCID 
primary 'Miyauchi, T.'  1 ? 
primary 'Yamaguchi, K.' 2 ? 
primary 'Saisu, S.'     3 ? 
primary 'Kondo, J.'     4 ? 
# 
loop_
_entity.id 
_entity.type 
_entity.src_method 
_entity.pdbx_description 
_entity.formula_weight 
_entity.pdbx_number_of_molecules 
_entity.pdbx_ec 
_entity.pdbx_mutation 
_entity.pdbx_fragment 
_entity.details 
1 polymer     syn 
;RNA (5'-R(*GP*GP*CP*GP*A)-D(P*(2PR))-R(P*GP*AP*AP*CP*CP*GP*GP*GP*GP*AP*GP*CP*C)-3')
;
6217.834 2 ? ? ? ? 
2 non-polymer syn 'COBALT (II) ION'                                                                     58.933   6 ? ? ? ? 
3 water       nat water                                                                                 18.015   4 ? ? ? ? 
# 
_entity_poly.entity_id                      1 
_entity_poly.type                           polyribonucleotide 
_entity_poly.nstd_linkage                   no 
_entity_poly.nstd_monomer                   yes 
_entity_poly.pdbx_seq_one_letter_code       'GGCGA(2PR)GAACCGGGGAGCC' 
_entity_poly.pdbx_seq_one_letter_code_can   GGCGAGGAACCGGGGAGCC 
_entity_poly.pdbx_strand_id                 A,B 
_entity_poly.pdbx_target_identifier         ? 
# 
loop_
_pdbx_entity_nonpoly.entity_id 
_pdbx_entity_nonpoly.name 
_pdbx_entity_nonpoly.comp_id 
2 'COBALT (II) ION' CO  
3 water             HOH 
# 
loop_
_entity_poly_seq.entity_id 
_entity_poly_seq.num 
_entity_poly_seq.mon_id 
_entity_poly_seq.hetero 
1 1  G   n 
1 2  G   n 
1 3  C   n 
1 4  G   n 
1 5  A   n 
1 6  2PR n 
1 7  G   n 
1 8  A   n 
1 9  A   n 
1 10 C   n 
1 11 C   n 
1 12 G   n 
1 13 G   n 
1 14 G   n 
1 15 G   n 
1 16 A   n 
1 17 G   n 
1 18 C   n 
1 19 C   n 
# 
_pdbx_entity_src_syn.entity_id              1 
_pdbx_entity_src_syn.pdbx_src_id            1 
_pdbx_entity_src_syn.pdbx_alt_source_flag   sample 
_pdbx_entity_src_syn.pdbx_beg_seq_num       1 
_pdbx_entity_src_syn.pdbx_end_seq_num       19 
_pdbx_entity_src_syn.organism_scientific    'synthetic construct' 
_pdbx_entity_src_syn.organism_common_name   ? 
_pdbx_entity_src_syn.ncbi_taxonomy_id       32630 
_pdbx_entity_src_syn.details                ? 
# 
loop_
_chem_comp.id 
_chem_comp.type 
_chem_comp.mon_nstd_flag 
_chem_comp.name 
_chem_comp.pdbx_synonyms 
_chem_comp.formula 
_chem_comp.formula_weight 
2PR 'DNA linking' n "2-AMINO-9-[2-DEOXYRIBOFURANOSYL]-9H-PURINE-5'-MONOPHOSPHATE" "2-AMINOPURINE-2'-DEOXYRIBO-5'-MONOPHOSPHATE" 
'C10 H14 N5 O6 P' 331.222 
A   'RNA linking' y "ADENOSINE-5'-MONOPHOSPHATE"                                  ?                                             
'C10 H14 N5 O7 P' 347.221 
C   'RNA linking' y "CYTIDINE-5'-MONOPHOSPHATE"                                   ?                                             
'C9 H14 N3 O8 P'  323.197 
CO  non-polymer   . 'COBALT (II) ION'                                             ?                                             
'Co 2'            58.933  
G   'RNA linking' y "GUANOSINE-5'-MONOPHOSPHATE"                                  ?                                             
'C10 H14 N5 O8 P' 363.221 
HOH non-polymer   . WATER                                                         ?                                             
'H2 O'            18.015  
# 
loop_
_pdbx_poly_seq_scheme.asym_id 
_pdbx_poly_seq_scheme.entity_id 
_pdbx_poly_seq_scheme.seq_id 
_pdbx_poly_seq_scheme.mon_id 
_pdbx_poly_seq_scheme.ndb_seq_num 
_pdbx_poly_seq_scheme.pdb_seq_num 
_pdbx_poly_seq_scheme.auth_seq_num 
_pdbx_poly_seq_scheme.pdb_mon_id 
_pdbx_poly_seq_scheme.auth_mon_id 
_pdbx_poly_seq_scheme.pdb_strand_id 
_pdbx_poly_seq_scheme.pdb_ins_code 
_pdbx_poly_seq_scheme.hetero 
A 1 1  G   1  1  1  G   G   A . n 
A 1 2  G   2  2  2  G   G   A . n 
A 1 3  C   3  3  3  C   C   A . n 
A 1 4  G   4  4  4  G   G   A . n 
A 1 5  A   5  5  5  A   A   A . n 
A 1 6  2PR 6  6  6  2PR 2PR A . n 
A 1 7  G   7  7  7  G   G   A . n 
A 1 8  A   8  8  8  A   A   A . n 
A 1 9  A   9  9  9  A   A   A . n 
A 1 10 C   10 10 10 C   C   A . n 
A 1 11 C   11 11 11 C   C   A . n 
A 1 12 G   12 12 12 G   G   A . n 
A 1 13 G   13 13 13 G   G   A . n 
A 1 14 G   14 14 14 G   G   A . n 
A 1 15 G   15 15 15 G   G   A . n 
A 1 16 A   16 16 16 A   A   A . n 
A 1 17 G   17 17 17 G   G   A . n 
A 1 18 C   18 18 18 C   C   A . n 
A 1 19 C   19 19 19 C   C   A . n 
B 1 1  G   1  1  1  G   G   B . n 
B 1 2  G   2  2  2  G   G   B . n 
B 1 3  C   3  3  3  C   C   B . n 
B 1 4  G   4  4  4  G   G   B . n 
B 1 5  A   5  5  5  A   A   B . n 
B 1 6  2PR 6  6  6  2PR 2PR B . n 
B 1 7  G   7  7  7  G   G   B . n 
B 1 8  A   8  8  8  A   A   B . n 
B 1 9  A   9  9  9  A   A   B . n 
B 1 10 C   10 10 10 C   C   B . n 
B 1 11 C   11 11 11 C   C   B . n 
B 1 12 G   12 12 12 G   G   B . n 
B 1 13 G   13 13 13 G   G   B . n 
B 1 14 G   14 14 14 G   G   B . n 
B 1 15 G   15 15 15 G   G   B . n 
B 1 16 A   16 16 16 A   A   B . n 
B 1 17 G   17 17 17 G   G   B . n 
B 1 18 C   18 18 18 C   C   B . n 
B 1 19 C   19 19 19 C   C   B . n 
# 
_pdbx_entity_instance_feature.ordinal        1 
_pdbx_entity_instance_feature.comp_id        2PR 
_pdbx_entity_instance_feature.asym_id        ? 
_pdbx_entity_instance_feature.seq_num        ? 
_pdbx_entity_instance_feature.auth_comp_id   2PR 
_pdbx_entity_instance_feature.auth_asym_id   ? 
_pdbx_entity_instance_feature.auth_seq_num   ? 
_pdbx_entity_instance_feature.feature_type   'SUBJECT OF INVESTIGATION' 
_pdbx_entity_instance_feature.details        ? 
# 
loop_
_pdbx_nonpoly_scheme.asym_id 
_pdbx_nonpoly_scheme.entity_id 
_pdbx_nonpoly_scheme.mon_id 
_pdbx_nonpoly_scheme.ndb_seq_num 
_pdbx_nonpoly_scheme.pdb_seq_num 
_pdbx_nonpoly_scheme.auth_seq_num 
_pdbx_nonpoly_scheme.pdb_mon_id 
_pdbx_nonpoly_scheme.auth_mon_id 
_pdbx_nonpoly_scheme.pdb_strand_id 
_pdbx_nonpoly_scheme.pdb_ins_code 
C 2 CO  1 101 1 CO  CO  A . 
D 2 CO  1 102 4 CO  CO  A . 
E 2 CO  1 103 5 CO  CO  A . 
F 2 CO  1 104 6 CO  CO  A . 
G 2 CO  1 101 2 CO  CO  B . 
H 2 CO  1 102 3 CO  CO  B . 
I 3 HOH 1 201 6 HOH HOH A . 
I 3 HOH 2 202 1 HOH HOH A . 
I 3 HOH 3 203 7 HOH HOH A . 
J 3 HOH 1 201 5 HOH HOH B . 
# 
loop_
_software.citation_id 
_software.classification 
_software.compiler_name 
_software.compiler_version 
_software.contact_author 
_software.contact_author_email 
_software.date 
_software.description 
_software.dependencies 
_software.hardware 
_software.language 
_software.location 
_software.mods 
_software.name 
_software.os 
_software.os_version 
_software.type 
_software.version 
_software.pdbx_ordinal 
? 'data scaling'   ? ? ? ? ? ? ? ? ? ? ? XSCALE ? ? ? .      1 
? refinement       ? ? ? ? ? ? ? ? ? ? ? PHENIX ? ? ? 1.17.1 2 
? 'data reduction' ? ? ? ? ? ? ? ? ? ? ? XDS    ? ? ? .      3 
? phasing          ? ? ? ? ? ? ? ? ? ? ? PHASER ? ? ? .      4 
# 
_cell.angle_alpha                  90.000 
_cell.angle_alpha_esd              ? 
_cell.angle_beta                   90.000 
_cell.angle_beta_esd               ? 
_cell.angle_gamma                  90.000 
_cell.angle_gamma_esd              ? 
_cell.entry_id                     7EI7 
_cell.details                      ? 
_cell.formula_units_Z              ? 
_cell.length_a                     75.934 
_cell.length_a_esd                 ? 
_cell.length_b                     75.934 
_cell.length_b_esd                 ? 
_cell.length_c                     41.184 
_cell.length_c_esd                 ? 
_cell.volume                       ? 
_cell.volume_esd                   ? 
_cell.Z_PDB                        16 
_cell.reciprocal_angle_alpha       ? 
_cell.reciprocal_angle_beta        ? 
_cell.reciprocal_angle_gamma       ? 
_cell.reciprocal_angle_alpha_esd   ? 
_cell.reciprocal_angle_beta_esd    ? 
_cell.reciprocal_angle_gamma_esd   ? 
_cell.reciprocal_length_a          ? 
_cell.reciprocal_length_b          ? 
_cell.reciprocal_length_c          ? 
_cell.reciprocal_length_a_esd      ? 
_cell.reciprocal_length_b_esd      ? 
_cell.reciprocal_length_c_esd      ? 
_cell.pdbx_unique_axis             ? 
# 
_symmetry.entry_id                         7EI7 
_symmetry.cell_setting                     ? 
_symmetry.Int_Tables_number                94 
_symmetry.space_group_name_Hall            ? 
_symmetry.space_group_name_H-M             'P 42 21 2' 
_symmetry.pdbx_full_space_group_name_H-M   ? 
# 
_exptl.absorpt_coefficient_mu     ? 
_exptl.absorpt_correction_T_max   ? 
_exptl.absorpt_correction_T_min   ? 
_exptl.absorpt_correction_type    ? 
_exptl.absorpt_process_details    ? 
_exptl.entry_id                   7EI7 
_exptl.crystals_number            1 
_exptl.details                    ? 
_exptl.method                     'X-RAY DIFFRACTION' 
_exptl.method_details             ? 
# 
_exptl_crystal.colour                      ? 
_exptl_crystal.density_diffrn              ? 
_exptl_crystal.density_Matthews            2.39 
_exptl_crystal.density_method              ? 
_exptl_crystal.density_percent_sol         48.47 
_exptl_crystal.description                 ? 
_exptl_crystal.F_000                       ? 
_exptl_crystal.id                          1 
_exptl_crystal.preparation                 ? 
_exptl_crystal.size_max                    ? 
_exptl_crystal.size_mid                    ? 
_exptl_crystal.size_min                    ? 
_exptl_crystal.size_rad                    ? 
_exptl_crystal.colour_lustre               ? 
_exptl_crystal.colour_modifier             ? 
_exptl_crystal.colour_primary              ? 
_exptl_crystal.density_meas                ? 
_exptl_crystal.density_meas_esd            ? 
_exptl_crystal.density_meas_gt             ? 
_exptl_crystal.density_meas_lt             ? 
_exptl_crystal.density_meas_temp           ? 
_exptl_crystal.density_meas_temp_esd       ? 
_exptl_crystal.density_meas_temp_gt        ? 
_exptl_crystal.density_meas_temp_lt        ? 
_exptl_crystal.pdbx_crystal_image_url      ? 
_exptl_crystal.pdbx_crystal_image_format   ? 
_exptl_crystal.pdbx_mosaicity              ? 
_exptl_crystal.pdbx_mosaicity_esd          ? 
# 
_exptl_crystal_grow.apparatus       ? 
_exptl_crystal_grow.atmosphere      ? 
_exptl_crystal_grow.crystal_id      1 
_exptl_crystal_grow.details         ? 
_exptl_crystal_grow.method          'VAPOR DIFFUSION, HANGING DROP' 
_exptl_crystal_grow.method_ref      ? 
_exptl_crystal_grow.pH              ? 
_exptl_crystal_grow.pressure        ? 
_exptl_crystal_grow.pressure_esd    ? 
_exptl_crystal_grow.seeding         ? 
_exptl_crystal_grow.seeding_ref     ? 
_exptl_crystal_grow.temp            293 
_exptl_crystal_grow.temp_details    ? 
_exptl_crystal_grow.temp_esd        ? 
_exptl_crystal_grow.time            ? 
_exptl_crystal_grow.pdbx_details    'sodium cacodylate, hexammine cobalt, MPD, strontium chloride' 
_exptl_crystal_grow.pdbx_pH_range   ? 
# 
_diffrn.ambient_environment              ? 
_diffrn.ambient_temp                     100 
_diffrn.ambient_temp_details             ? 
_diffrn.ambient_temp_esd                 ? 
_diffrn.crystal_id                       1 
_diffrn.crystal_support                  ? 
_diffrn.crystal_treatment                ? 
_diffrn.details                          ? 
_diffrn.id                               1 
_diffrn.ambient_pressure                 ? 
_diffrn.ambient_pressure_esd             ? 
_diffrn.ambient_pressure_gt              ? 
_diffrn.ambient_pressure_lt              ? 
_diffrn.ambient_temp_gt                  ? 
_diffrn.ambient_temp_lt                  ? 
_diffrn.pdbx_serial_crystal_experiment   N 
# 
_diffrn_detector.details                      ? 
_diffrn_detector.detector                     PIXEL 
_diffrn_detector.diffrn_id                    1 
_diffrn_detector.type                         'DECTRIS PILATUS3 S 6M' 
_diffrn_detector.area_resol_mean              ? 
_diffrn_detector.dtime                        ? 
_diffrn_detector.pdbx_frames_total            ? 
_diffrn_detector.pdbx_collection_time_total   ? 
_diffrn_detector.pdbx_collection_date         2019-12-03 
_diffrn_detector.pdbx_frequency               ? 
# 
_diffrn_radiation.collimation                      ? 
_diffrn_radiation.diffrn_id                        1 
_diffrn_radiation.filter_edge                      ? 
_diffrn_radiation.inhomogeneity                    ? 
_diffrn_radiation.monochromator                    ? 
_diffrn_radiation.polarisn_norm                    ? 
_diffrn_radiation.polarisn_ratio                   ? 
_diffrn_radiation.probe                            ? 
_diffrn_radiation.type                             ? 
_diffrn_radiation.xray_symbol                      ? 
_diffrn_radiation.wavelength_id                    1 
_diffrn_radiation.pdbx_monochromatic_or_laue_m_l   M 
_diffrn_radiation.pdbx_wavelength_list             ? 
_diffrn_radiation.pdbx_wavelength                  ? 
_diffrn_radiation.pdbx_diffrn_protocol             'SINGLE WAVELENGTH' 
_diffrn_radiation.pdbx_analyzer                    ? 
_diffrn_radiation.pdbx_scattering_type             x-ray 
# 
_diffrn_radiation_wavelength.id           1 
_diffrn_radiation_wavelength.wavelength   1.60496 
_diffrn_radiation_wavelength.wt           1.0 
# 
_diffrn_source.current                     ? 
_diffrn_source.details                     ? 
_diffrn_source.diffrn_id                   1 
_diffrn_source.power                       ? 
_diffrn_source.size                        ? 
_diffrn_source.source                      SYNCHROTRON 
_diffrn_source.target                      ? 
_diffrn_source.type                        'PHOTON FACTORY BEAMLINE BL-5A' 
_diffrn_source.voltage                     ? 
_diffrn_source.take-off_angle              ? 
_diffrn_source.pdbx_wavelength_list        1.60496 
_diffrn_source.pdbx_wavelength             ? 
_diffrn_source.pdbx_synchrotron_beamline   BL-5A 
_diffrn_source.pdbx_synchrotron_site       'Photon Factory' 
# 
_reflns.B_iso_Wilson_estimate                          75.110 
_reflns.entry_id                                       7EI7 
_reflns.data_reduction_details                         ? 
_reflns.data_reduction_method                          ? 
_reflns.d_resolution_high                              3.200 
_reflns.d_resolution_low                               37.970 
_reflns.details                                        ? 
_reflns.limit_h_max                                    ? 
_reflns.limit_h_min                                    ? 
_reflns.limit_k_max                                    ? 
_reflns.limit_k_min                                    ? 
_reflns.limit_l_max                                    ? 
_reflns.limit_l_min                                    ? 
_reflns.number_all                                     ? 
_reflns.number_obs                                     2201 
_reflns.observed_criterion                             ? 
_reflns.observed_criterion_F_max                       ? 
_reflns.observed_criterion_F_min                       ? 
_reflns.observed_criterion_I_max                       ? 
_reflns.observed_criterion_I_min                       ? 
_reflns.observed_criterion_sigma_F                     ? 
_reflns.observed_criterion_sigma_I                     ? 
_reflns.percent_possible_obs                           100.000 
_reflns.R_free_details                                 ? 
_reflns.Rmerge_F_all                                   ? 
_reflns.Rmerge_F_obs                                   ? 
_reflns.Friedel_coverage                               ? 
_reflns.number_gt                                      ? 
_reflns.threshold_expression                           ? 
_reflns.pdbx_redundancy                                23.227 
_reflns.pdbx_Rmerge_I_obs                              0.066 
_reflns.pdbx_Rmerge_I_all                              ? 
_reflns.pdbx_Rsym_value                                ? 
_reflns.pdbx_netI_over_av_sigmaI                       ? 
_reflns.pdbx_netI_over_sigmaI                          39.550 
_reflns.pdbx_res_netI_over_av_sigmaI_2                 ? 
_reflns.pdbx_res_netI_over_sigmaI_2                    ? 
_reflns.pdbx_chi_squared                               0.926 
_reflns.pdbx_scaling_rejects                           ? 
_reflns.pdbx_d_res_high_opt                            ? 
_reflns.pdbx_d_res_low_opt                             ? 
_reflns.pdbx_d_res_opt_method                          ? 
_reflns.phase_calculation_details                      ? 
_reflns.pdbx_Rrim_I_all                                0.068 
_reflns.pdbx_Rpim_I_all                                ? 
_reflns.pdbx_d_opt                                     ? 
_reflns.pdbx_number_measured_all                       51123 
_reflns.pdbx_diffrn_id                                 1 
_reflns.pdbx_ordinal                                   1 
_reflns.pdbx_CC_half                                   1.000 
_reflns.pdbx_CC_star                                   ? 
_reflns.pdbx_R_split                                   ? 
_reflns.pdbx_aniso_diffraction_limit_axis_1_ortho[1]   ? 
_reflns.pdbx_aniso_diffraction_limit_axis_1_ortho[2]   ? 
_reflns.pdbx_aniso_diffraction_limit_axis_1_ortho[3]   ? 
_reflns.pdbx_aniso_diffraction_limit_axis_2_ortho[1]   ? 
_reflns.pdbx_aniso_diffraction_limit_axis_2_ortho[2]   ? 
_reflns.pdbx_aniso_diffraction_limit_axis_2_ortho[3]   ? 
_reflns.pdbx_aniso_diffraction_limit_axis_3_ortho[1]   ? 
_reflns.pdbx_aniso_diffraction_limit_axis_3_ortho[2]   ? 
_reflns.pdbx_aniso_diffraction_limit_axis_3_ortho[3]   ? 
_reflns.pdbx_aniso_diffraction_limit_1                 ? 
_reflns.pdbx_aniso_diffraction_limit_2                 ? 
_reflns.pdbx_aniso_diffraction_limit_3                 ? 
_reflns.pdbx_aniso_B_tensor_eigenvector_1_ortho[1]     ? 
_reflns.pdbx_aniso_B_tensor_eigenvector_1_ortho[2]     ? 
_reflns.pdbx_aniso_B_tensor_eigenvector_1_ortho[3]     ? 
_reflns.pdbx_aniso_B_tensor_eigenvector_2_ortho[1]     ? 
_reflns.pdbx_aniso_B_tensor_eigenvector_2_ortho[2]     ? 
_reflns.pdbx_aniso_B_tensor_eigenvector_2_ortho[3]     ? 
_reflns.pdbx_aniso_B_tensor_eigenvector_3_ortho[1]     ? 
_reflns.pdbx_aniso_B_tensor_eigenvector_3_ortho[2]     ? 
_reflns.pdbx_aniso_B_tensor_eigenvector_3_ortho[3]     ? 
_reflns.pdbx_aniso_B_tensor_eigenvalue_1               ? 
_reflns.pdbx_aniso_B_tensor_eigenvalue_2               ? 
_reflns.pdbx_aniso_B_tensor_eigenvalue_3               ? 
_reflns.pdbx_orthogonalization_convention              ? 
_reflns.pdbx_percent_possible_ellipsoidal              ? 
_reflns.pdbx_percent_possible_spherical                ? 
_reflns.pdbx_percent_possible_ellipsoidal_anomalous    ? 
_reflns.pdbx_percent_possible_spherical_anomalous      ? 
_reflns.pdbx_redundancy_anomalous                      ? 
_reflns.pdbx_CC_half_anomalous                         ? 
_reflns.pdbx_absDiff_over_sigma_anomalous              ? 
_reflns.pdbx_percent_possible_anomalous                ? 
_reflns.pdbx_observed_signal_threshold                 ? 
_reflns.pdbx_signal_type                               ? 
_reflns.pdbx_signal_details                            ? 
_reflns.pdbx_signal_software_id                        ? 
# 
loop_
_reflns_shell.d_res_high 
_reflns_shell.d_res_low 
_reflns_shell.meanI_over_sigI_all 
_reflns_shell.meanI_over_sigI_obs 
_reflns_shell.number_measured_all 
_reflns_shell.number_measured_obs 
_reflns_shell.number_possible 
_reflns_shell.number_unique_all 
_reflns_shell.number_unique_obs 
_reflns_shell.percent_possible_all 
_reflns_shell.percent_possible_obs 
_reflns_shell.Rmerge_F_all 
_reflns_shell.Rmerge_F_obs 
_reflns_shell.Rmerge_I_all 
_reflns_shell.Rmerge_I_obs 
_reflns_shell.meanI_over_sigI_gt 
_reflns_shell.meanI_over_uI_all 
_reflns_shell.meanI_over_uI_gt 
_reflns_shell.number_measured_gt 
_reflns_shell.number_unique_gt 
_reflns_shell.percent_possible_gt 
_reflns_shell.Rmerge_F_gt 
_reflns_shell.Rmerge_I_gt 
_reflns_shell.pdbx_redundancy 
_reflns_shell.pdbx_Rsym_value 
_reflns_shell.pdbx_chi_squared 
_reflns_shell.pdbx_netI_over_sigmaI_all 
_reflns_shell.pdbx_netI_over_sigmaI_obs 
_reflns_shell.pdbx_Rrim_I_all 
_reflns_shell.pdbx_Rpim_I_all 
_reflns_shell.pdbx_rejects 
_reflns_shell.pdbx_ordinal 
_reflns_shell.pdbx_diffrn_id 
_reflns_shell.pdbx_CC_half 
_reflns_shell.pdbx_CC_star 
_reflns_shell.pdbx_R_split 
_reflns_shell.pdbx_percent_possible_ellipsoidal 
_reflns_shell.pdbx_percent_possible_spherical 
_reflns_shell.pdbx_percent_possible_ellipsoidal_anomalous 
_reflns_shell.pdbx_percent_possible_spherical_anomalous 
_reflns_shell.pdbx_redundancy_anomalous 
_reflns_shell.pdbx_CC_half_anomalous 
_reflns_shell.pdbx_absDiff_over_sigma_anomalous 
_reflns_shell.pdbx_percent_possible_anomalous 
3.200  3.280  ? 8.760  ? 3692 150 ? 150 100.000 ? ? ? ? 0.448 ? ? ? ? ? ? ? ? 24.613 ? ? ? ? 0.458 ? ? 1  1 0.975 ? ? ? ? ? ? ? ? 
? ? 
3.280  3.370  ? 11.190 ? 3627 151 ? 151 100.000 ? ? ? ? 0.351 ? ? ? ? ? ? ? ? 24.020 ? ? ? ? 0.359 ? ? 2  1 0.990 ? ? ? ? ? ? ? ? 
? ? 
3.370  3.470  ? 14.280 ? 3534 156 ? 156 100.000 ? ? ? ? 0.210 ? ? ? ? ? ? ? ? 22.654 ? ? ? ? 0.215 ? ? 3  1 1.000 ? ? ? ? ? ? ? ? 
? ? 
3.470  3.580  ? 14.900 ? 3211 136 ? 136 100.000 ? ? ? ? 0.252 ? ? ? ? ? ? ? ? 23.610 ? ? ? ? 0.257 ? ? 4  1 0.993 ? ? ? ? ? ? ? ? 
? ? 
3.580  3.690  ? 20.890 ? 3621 146 ? 146 100.000 ? ? ? ? 0.178 ? ? ? ? ? ? ? ? 24.801 ? ? ? ? 0.182 ? ? 5  1 0.998 ? ? ? ? ? ? ? ? 
? ? 
3.690  3.820  ? 24.750 ? 3298 134 ? 134 100.000 ? ? ? ? 0.136 ? ? ? ? ? ? ? ? 24.612 ? ? ? ? 0.139 ? ? 6  1 0.999 ? ? ? ? ? ? ? ? 
? ? 
3.820  3.970  ? 26.540 ? 3290 132 ? 132 100.000 ? ? ? ? 0.137 ? ? ? ? ? ? ? ? 24.924 ? ? ? ? 0.140 ? ? 7  1 0.998 ? ? ? ? ? ? ? ? 
? ? 
3.970  4.130  ? 33.470 ? 3247 134 ? 134 100.000 ? ? ? ? 0.104 ? ? ? ? ? ? ? ? 24.231 ? ? ? ? 0.106 ? ? 8  1 0.999 ? ? ? ? ? ? ? ? 
? ? 
4.130  4.310  ? 35.820 ? 2733 119 ? 119 100.000 ? ? ? ? 0.088 ? ? ? ? ? ? ? ? 22.966 ? ? ? ? 0.090 ? ? 9  1 1.000 ? ? ? ? ? ? ? ? 
? ? 
4.310  4.520  ? 43.470 ? 2786 120 ? 120 100.000 ? ? ? ? 0.079 ? ? ? ? ? ? ? ? 23.217 ? ? ? ? 0.081 ? ? 10 1 0.999 ? ? ? ? ? ? ? ? 
? ? 
4.520  4.770  ? 46.610 ? 2642 113 ? 113 100.000 ? ? ? ? 0.065 ? ? ? ? ? ? ? ? 23.381 ? ? ? ? 0.066 ? ? 11 1 1.000 ? ? ? ? ? ? ? ? 
? ? 
4.770  5.060  ? 59.560 ? 2694 108 ? 108 100.000 ? ? ? ? 0.053 ? ? ? ? ? ? ? ? 24.944 ? ? ? ? 0.054 ? ? 12 1 1.000 ? ? ? ? ? ? ? ? 
? ? 
5.060  5.410  ? 67.530 ? 2482 105 ? 105 100.000 ? ? ? ? 0.047 ? ? ? ? ? ? ? ? 23.638 ? ? ? ? 0.048 ? ? 13 1 0.999 ? ? ? ? ? ? ? ? 
? ? 
5.410  5.840  ? 64.260 ? 2190 97  ? 97  100.000 ? ? ? ? 0.047 ? ? ? ? ? ? ? ? 22.577 ? ? ? ? 0.048 ? ? 14 1 1.000 ? ? ? ? ? ? ? ? 
? ? 
5.840  6.400  ? 68.140 ? 1723 84  ? 84  100.000 ? ? ? ? 0.041 ? ? ? ? ? ? ? ? 20.512 ? ? ? ? 0.042 ? ? 15 1 0.999 ? ? ? ? ? ? ? ? 
? ? 
6.400  7.150  ? 73.430 ? 1836 86  ? 86  100.000 ? ? ? ? 0.038 ? ? ? ? ? ? ? ? 21.349 ? ? ? ? 0.039 ? ? 16 1 0.999 ? ? ? ? ? ? ? ? 
? ? 
7.150  8.260  ? 80.470 ? 1706 77  ? 77  100.000 ? ? ? ? 0.035 ? ? ? ? ? ? ? ? 22.156 ? ? ? ? 0.035 ? ? 17 1 1.000 ? ? ? ? ? ? ? ? 
? ? 
8.260  10.120 ? 84.430 ? 1307 64  ? 64  100.000 ? ? ? ? 0.033 ? ? ? ? ? ? ? ? 20.422 ? ? ? ? 0.034 ? ? 18 1 1.000 ? ? ? ? ? ? ? ? 
? ? 
10.120 14.310 ? 79.400 ? 985  57  ? 57  100.000 ? ? ? ? 0.025 ? ? ? ? ? ? ? ? 17.281 ? ? ? ? 0.026 ? ? 19 1 1.000 ? ? ? ? ? ? ? ? 
? ? 
14.310 37.970 ? 86.600 ? 519  33  ? 32  97.000  ? ? ? ? 0.028 ? ? ? ? ? ? ? ? 16.219 ? ? ? ? 0.029 ? ? 20 1 1.000 ? ? ? ? ? ? ? ? 
? ? 
# 
_refine.aniso_B[1][1]                            ? 
_refine.aniso_B[1][2]                            ? 
_refine.aniso_B[1][3]                            ? 
_refine.aniso_B[2][2]                            ? 
_refine.aniso_B[2][3]                            ? 
_refine.aniso_B[3][3]                            ? 
_refine.B_iso_max                                116.350 
_refine.B_iso_mean                               64.2345 
_refine.B_iso_min                                29.420 
_refine.correlation_coeff_Fo_to_Fc               ? 
_refine.correlation_coeff_Fo_to_Fc_free          ? 
_refine.details                                  ? 
_refine.diff_density_max                         ? 
_refine.diff_density_max_esd                     ? 
_refine.diff_density_min                         ? 
_refine.diff_density_min_esd                     ? 
_refine.diff_density_rms                         ? 
_refine.diff_density_rms_esd                     ? 
_refine.entry_id                                 7EI7 
_refine.pdbx_refine_id                           'X-RAY DIFFRACTION' 
_refine.ls_abs_structure_details                 ? 
_refine.ls_abs_structure_Flack                   ? 
_refine.ls_abs_structure_Flack_esd               ? 
_refine.ls_abs_structure_Rogers                  ? 
_refine.ls_abs_structure_Rogers_esd              ? 
_refine.ls_d_res_high                            3.2000 
_refine.ls_d_res_low                             37.9700 
_refine.ls_extinction_coef                       ? 
_refine.ls_extinction_coef_esd                   ? 
_refine.ls_extinction_expression                 ? 
_refine.ls_extinction_method                     ? 
_refine.ls_goodness_of_fit_all                   ? 
_refine.ls_goodness_of_fit_all_esd               ? 
_refine.ls_goodness_of_fit_obs                   ? 
_refine.ls_goodness_of_fit_obs_esd               ? 
_refine.ls_hydrogen_treatment                    ? 
_refine.ls_matrix_type                           ? 
_refine.ls_number_constraints                    ? 
_refine.ls_number_parameters                     ? 
_refine.ls_number_reflns_all                     ? 
_refine.ls_number_reflns_obs                     2194 
_refine.ls_number_reflns_R_free                  220 
_refine.ls_number_reflns_R_work                  1974 
_refine.ls_number_restraints                     ? 
_refine.ls_percent_reflns_obs                    99.4600 
_refine.ls_percent_reflns_R_free                 10.0300 
_refine.ls_R_factor_all                          ? 
_refine.ls_R_factor_obs                          0.2510 
_refine.ls_R_factor_R_free                       0.3045 
_refine.ls_R_factor_R_free_error                 ? 
_refine.ls_R_factor_R_free_error_details         ? 
_refine.ls_R_factor_R_work                       0.2453 
_refine.ls_R_Fsqd_factor_obs                     ? 
_refine.ls_R_I_factor_obs                        ? 
_refine.ls_redundancy_reflns_all                 ? 
_refine.ls_redundancy_reflns_obs                 ? 
_refine.ls_restrained_S_all                      ? 
_refine.ls_restrained_S_obs                      ? 
_refine.ls_shift_over_esd_max                    ? 
_refine.ls_shift_over_esd_mean                   ? 
_refine.ls_structure_factor_coef                 ? 
_refine.ls_weighting_details                     ? 
_refine.ls_weighting_scheme                      ? 
_refine.ls_wR_factor_all                         ? 
_refine.ls_wR_factor_obs                         ? 
_refine.ls_wR_factor_R_free                      ? 
_refine.ls_wR_factor_R_work                      ? 
_refine.occupancy_max                            ? 
_refine.occupancy_min                            ? 
_refine.solvent_model_details                    'FLAT BULK SOLVENT MODEL' 
_refine.solvent_model_param_bsol                 ? 
_refine.solvent_model_param_ksol                 ? 
_refine.pdbx_R_complete                          ? 
_refine.ls_R_factor_gt                           ? 
_refine.ls_goodness_of_fit_gt                    ? 
_refine.ls_goodness_of_fit_ref                   ? 
_refine.ls_shift_over_su_max                     ? 
_refine.ls_shift_over_su_max_lt                  ? 
_refine.ls_shift_over_su_mean                    ? 
_refine.ls_shift_over_su_mean_lt                 ? 
_refine.pdbx_ls_sigma_I                          ? 
_refine.pdbx_ls_sigma_F                          1.400 
_refine.pdbx_ls_sigma_Fsqd                       ? 
_refine.pdbx_data_cutoff_high_absF               ? 
_refine.pdbx_data_cutoff_high_rms_absF           ? 
_refine.pdbx_data_cutoff_low_absF                ? 
_refine.pdbx_isotropic_thermal_model             ? 
_refine.pdbx_ls_cross_valid_method               THROUGHOUT 
_refine.pdbx_method_to_determine_struct          'MOLECULAR REPLACEMENT' 
_refine.pdbx_starting_model                      4c40 
_refine.pdbx_stereochemistry_target_values       ML 
_refine.pdbx_R_Free_selection_details            ? 
_refine.pdbx_stereochem_target_val_spec_case     ? 
_refine.pdbx_overall_ESU_R                       ? 
_refine.pdbx_overall_ESU_R_Free                  ? 
_refine.pdbx_solvent_vdw_probe_radii             1.1100 
_refine.pdbx_solvent_ion_probe_radii             ? 
_refine.pdbx_solvent_shrinkage_radii             0.9000 
_refine.pdbx_real_space_R                        ? 
_refine.pdbx_density_correlation                 ? 
_refine.pdbx_pd_number_of_powder_patterns        ? 
_refine.pdbx_pd_number_of_points                 ? 
_refine.pdbx_pd_meas_number_of_points            ? 
_refine.pdbx_pd_proc_ls_prof_R_factor            ? 
_refine.pdbx_pd_proc_ls_prof_wR_factor           ? 
_refine.pdbx_pd_Marquardt_correlation_coeff      ? 
_refine.pdbx_pd_Fsqrd_R_factor                   ? 
_refine.pdbx_pd_ls_matrix_band_width             ? 
_refine.pdbx_overall_phase_error                 19.5700 
_refine.pdbx_overall_SU_R_free_Cruickshank_DPI   ? 
_refine.pdbx_overall_SU_R_free_Blow_DPI          ? 
_refine.pdbx_overall_SU_R_Blow_DPI               ? 
_refine.pdbx_TLS_residual_ADP_flag               ? 
_refine.pdbx_diffrn_id                           1 
_refine.overall_SU_B                             ? 
_refine.overall_SU_ML                            0.4000 
_refine.overall_SU_R_Cruickshank_DPI             ? 
_refine.overall_SU_R_free                        ? 
_refine.overall_FOM_free_R_set                   ? 
_refine.overall_FOM_work_R_set                   ? 
_refine.pdbx_average_fsc_overall                 ? 
_refine.pdbx_average_fsc_work                    ? 
_refine.pdbx_average_fsc_free                    ? 
# 
_refine_hist.pdbx_refine_id                   'X-RAY DIFFRACTION' 
_refine_hist.cycle_id                         final 
_refine_hist.details                          ? 
_refine_hist.d_res_high                       3.2000 
_refine_hist.d_res_low                        37.9700 
_refine_hist.number_atoms_solvent             4 
_refine_hist.number_atoms_total               836 
_refine_hist.number_reflns_all                ? 
_refine_hist.number_reflns_obs                ? 
_refine_hist.number_reflns_R_free             ? 
_refine_hist.number_reflns_R_work             ? 
_refine_hist.R_factor_all                     ? 
_refine_hist.R_factor_obs                     ? 
_refine_hist.R_factor_R_free                  ? 
_refine_hist.R_factor_R_work                  ? 
_refine_hist.pdbx_number_residues_total       38 
_refine_hist.pdbx_B_iso_mean_ligand           80.02 
_refine_hist.pdbx_B_iso_mean_solvent          45.62 
_refine_hist.pdbx_number_atoms_protein        0 
_refine_hist.pdbx_number_atoms_nucleic_acid   826 
_refine_hist.pdbx_number_atoms_ligand         6 
_refine_hist.pdbx_number_atoms_lipid          ? 
_refine_hist.pdbx_number_atoms_carb           ? 
_refine_hist.pdbx_pseudo_atom_details         ? 
# 
loop_
_refine_ls_shell.pdbx_refine_id 
_refine_ls_shell.d_res_high 
_refine_ls_shell.d_res_low 
_refine_ls_shell.number_reflns_all 
_refine_ls_shell.number_reflns_obs 
_refine_ls_shell.number_reflns_R_free 
_refine_ls_shell.number_reflns_R_work 
_refine_ls_shell.percent_reflns_obs 
_refine_ls_shell.percent_reflns_R_free 
_refine_ls_shell.R_factor_all 
_refine_ls_shell.R_factor_obs 
_refine_ls_shell.R_factor_R_free 
_refine_ls_shell.R_factor_R_free_error 
_refine_ls_shell.R_factor_R_work 
_refine_ls_shell.redundancy_reflns_all 
_refine_ls_shell.redundancy_reflns_obs 
_refine_ls_shell.wR_factor_all 
_refine_ls_shell.wR_factor_obs 
_refine_ls_shell.wR_factor_R_free 
_refine_ls_shell.wR_factor_R_work 
_refine_ls_shell.pdbx_R_complete 
_refine_ls_shell.pdbx_total_number_of_bins_used 
_refine_ls_shell.pdbx_phase_error 
_refine_ls_shell.pdbx_fsc_work 
_refine_ls_shell.pdbx_fsc_free 
'X-RAY DIFFRACTION' 3.2000 4.0300  1052 . 105 947  99.0000  . . . 0.2720 0.0000 0.2237 . . . . . . . 2 . . . 
'X-RAY DIFFRACTION' 4.0300 37.9700 1142 . 115 1027 100.0000 . . . 0.3181 0.0000 0.2534 . . . . . . . 2 . . . 
# 
_struct.entry_id                     7EI7 
_struct.title                        'RNA kink-turn motif with 2-aminopurine' 
_struct.pdbx_model_details           ? 
_struct.pdbx_formula_weight          ? 
_struct.pdbx_formula_weight_method   ? 
_struct.pdbx_model_type_details      ? 
_struct.pdbx_CASP_flag               N 
# 
_struct_keywords.entry_id        7EI7 
_struct_keywords.text            'kink-turn, 2-aminopurine, RNA' 
_struct_keywords.pdbx_keywords   RNA 
# 
loop_
_struct_asym.id 
_struct_asym.pdbx_blank_PDB_chainid_flag 
_struct_asym.pdbx_modified 
_struct_asym.entity_id 
_struct_asym.details 
A N N 1 ? 
B N N 1 ? 
C N N 2 ? 
D N N 2 ? 
E N N 2 ? 
F N N 2 ? 
G N N 2 ? 
H N N 2 ? 
I N N 3 ? 
J N N 3 ? 
# 
_struct_ref.id                         1 
_struct_ref.db_name                    PDB 
_struct_ref.db_code                    7EI7 
_struct_ref.pdbx_db_accession          7EI7 
_struct_ref.pdbx_db_isoform            ? 
_struct_ref.entity_id                  1 
_struct_ref.pdbx_seq_one_letter_code   ? 
_struct_ref.pdbx_align_begin           1 
# 
loop_
_struct_ref_seq.align_id 
_struct_ref_seq.ref_id 
_struct_ref_seq.pdbx_PDB_id_code 
_struct_ref_seq.pdbx_strand_id 
_struct_ref_seq.seq_align_beg 
_struct_ref_seq.pdbx_seq_align_beg_ins_code 
_struct_ref_seq.seq_align_end 
_struct_ref_seq.pdbx_seq_align_end_ins_code 
_struct_ref_seq.pdbx_db_accession 
_struct_ref_seq.db_align_beg 
_struct_ref_seq.pdbx_db_align_beg_ins_code 
_struct_ref_seq.db_align_end 
_struct_ref_seq.pdbx_db_align_end_ins_code 
_struct_ref_seq.pdbx_auth_seq_align_beg 
_struct_ref_seq.pdbx_auth_seq_align_end 
1 1 7EI7 A 1 ? 19 ? 7EI7 1 ? 19 ? 1 19 
2 1 7EI7 B 1 ? 19 ? 7EI7 1 ? 19 ? 1 19 
# 
_pdbx_struct_assembly.id                   1 
_pdbx_struct_assembly.details              author_and_software_defined_assembly 
_pdbx_struct_assembly.method_details       PISA 
_pdbx_struct_assembly.oligomeric_details   dimeric 
_pdbx_struct_assembly.oligomeric_count     2 
# 
loop_
_pdbx_struct_assembly_prop.biol_id 
_pdbx_struct_assembly_prop.type 
_pdbx_struct_assembly_prop.value 
_pdbx_struct_assembly_prop.details 
1 'ABSA (A^2)' 3570 ? 
1 MORE         -31  ? 
1 'SSA (A^2)'  6470 ? 
# 
_pdbx_struct_assembly_gen.assembly_id       1 
_pdbx_struct_assembly_gen.oper_expression   1 
_pdbx_struct_assembly_gen.asym_id_list      A,B,C,D,E,F,G,H,I,J 
# 
_pdbx_struct_assembly_auth_evidence.id                     1 
_pdbx_struct_assembly_auth_evidence.assembly_id            1 
_pdbx_struct_assembly_auth_evidence.experimental_support   none 
_pdbx_struct_assembly_auth_evidence.details                ? 
# 
_pdbx_struct_oper_list.id                   1 
_pdbx_struct_oper_list.type                 'identity operation' 
_pdbx_struct_oper_list.name                 1_555 
_pdbx_struct_oper_list.symmetry_operation   x,y,z 
_pdbx_struct_oper_list.matrix[1][1]         1.0000000000 
_pdbx_struct_oper_list.matrix[1][2]         0.0000000000 
_pdbx_struct_oper_list.matrix[1][3]         0.0000000000 
_pdbx_struct_oper_list.vector[1]            0.0000000000 
_pdbx_struct_oper_list.matrix[2][1]         0.0000000000 
_pdbx_struct_oper_list.matrix[2][2]         1.0000000000 
_pdbx_struct_oper_list.matrix[2][3]         0.0000000000 
_pdbx_struct_oper_list.vector[2]            0.0000000000 
_pdbx_struct_oper_list.matrix[3][1]         0.0000000000 
_pdbx_struct_oper_list.matrix[3][2]         0.0000000000 
_pdbx_struct_oper_list.matrix[3][3]         1.0000000000 
_pdbx_struct_oper_list.vector[3]            0.0000000000 
# 
loop_
_struct_conn.id 
_struct_conn.conn_type_id 
_struct_conn.pdbx_leaving_atom_flag 
_struct_conn.pdbx_PDB_id 
_struct_conn.ptnr1_label_asym_id 
_struct_conn.ptnr1_label_comp_id 
_struct_conn.ptnr1_label_seq_id 
_struct_conn.ptnr1_label_atom_id 
_struct_conn.pdbx_ptnr1_label_alt_id 
_struct_conn.pdbx_ptnr1_PDB_ins_code 
_struct_conn.pdbx_ptnr1_standard_comp_id 
_struct_conn.ptnr1_symmetry 
_struct_conn.ptnr2_label_asym_id 
_struct_conn.ptnr2_label_comp_id 
_struct_conn.ptnr2_label_seq_id 
_struct_conn.ptnr2_label_atom_id 
_struct_conn.pdbx_ptnr2_label_alt_id 
_struct_conn.pdbx_ptnr2_PDB_ins_code 
_struct_conn.ptnr1_auth_asym_id 
_struct_conn.ptnr1_auth_comp_id 
_struct_conn.ptnr1_auth_seq_id 
_struct_conn.ptnr2_auth_asym_id 
_struct_conn.ptnr2_auth_comp_id 
_struct_conn.ptnr2_auth_seq_id 
_struct_conn.ptnr2_symmetry 
_struct_conn.pdbx_ptnr3_label_atom_id 
_struct_conn.pdbx_ptnr3_label_seq_id 
_struct_conn.pdbx_ptnr3_label_comp_id 
_struct_conn.pdbx_ptnr3_label_asym_id 
_struct_conn.pdbx_ptnr3_label_alt_id 
_struct_conn.pdbx_ptnr3_PDB_ins_code 
_struct_conn.details 
_struct_conn.pdbx_dist_value 
_struct_conn.pdbx_value_order 
_struct_conn.pdbx_role 
covale1  covale both ? A A   5  "O3'" ? ? ? 1_555 A 2PR 6  P  ? ? A A   5  A 2PR 6   1_555 ? ? ? ? ? ? ?            1.609 ? ? 
covale2  covale both ? A 2PR 6  "O3'" ? ? ? 1_555 A G   7  P  ? ? A 2PR 6  A G   7   1_555 ? ? ? ? ? ? ?            1.604 ? ? 
covale3  covale both ? B A   5  "O3'" ? ? ? 1_555 B 2PR 6  P  ? ? B A   5  B 2PR 6   1_555 ? ? ? ? ? ? ?            1.603 ? ? 
covale4  covale both ? B 2PR 6  "O3'" ? ? ? 1_555 B G   7  P  ? ? B 2PR 6  B G   7   1_555 ? ? ? ? ? ? ?            1.599 ? ? 
metalc1  metalc ?    ? A G   1  O6    ? ? ? 1_555 D CO  .  CO ? ? A G   1  A CO  102 1_555 ? ? ? ? ? ? ?            2.443 ? ? 
metalc2  metalc ?    ? A 2PR 6  N7    ? ? ? 1_555 F CO  .  CO ? ? A 2PR 6  A CO  104 1_555 ? ? ? ? ? ? ?            2.483 ? ? 
metalc3  metalc ?    ? A G   14 O6    ? ? ? 1_555 C CO  .  CO ? ? A G   14 A CO  101 1_555 ? ? ? ? ? ? ?            2.283 ? ? 
metalc4  metalc ?    ? B G   14 O6    ? ? ? 1_555 G CO  .  CO ? ? B G   14 B CO  101 1_555 ? ? ? ? ? ? ?            2.167 ? ? 
hydrog1  hydrog ?    ? A G   1  N1    ? ? ? 1_555 B C   19 N3 ? ? A G   1  B C   19  1_555 ? ? ? ? ? ? WATSON-CRICK ?     ? ? 
hydrog2  hydrog ?    ? A G   1  N2    ? ? ? 1_555 B C   19 O2 ? ? A G   1  B C   19  1_555 ? ? ? ? ? ? WATSON-CRICK ?     ? ? 
hydrog3  hydrog ?    ? A G   1  O6    ? ? ? 1_555 B C   19 N4 ? ? A G   1  B C   19  1_555 ? ? ? ? ? ? WATSON-CRICK ?     ? ? 
hydrog4  hydrog ?    ? A G   2  N1    ? ? ? 1_555 B C   18 N3 ? ? A G   2  B C   18  1_555 ? ? ? ? ? ? WATSON-CRICK ?     ? ? 
hydrog5  hydrog ?    ? A G   2  N2    ? ? ? 1_555 B C   18 O2 ? ? A G   2  B C   18  1_555 ? ? ? ? ? ? WATSON-CRICK ?     ? ? 
hydrog6  hydrog ?    ? A G   2  O6    ? ? ? 1_555 B C   18 N4 ? ? A G   2  B C   18  1_555 ? ? ? ? ? ? WATSON-CRICK ?     ? ? 
hydrog7  hydrog ?    ? A C   3  N3    ? ? ? 1_555 B G   17 N1 ? ? A C   3  B G   17  1_555 ? ? ? ? ? ? WATSON-CRICK ?     ? ? 
hydrog8  hydrog ?    ? A C   3  N4    ? ? ? 1_555 B G   17 O6 ? ? A C   3  B G   17  1_555 ? ? ? ? ? ? WATSON-CRICK ?     ? ? 
hydrog9  hydrog ?    ? A C   3  O2    ? ? ? 1_555 B G   17 N2 ? ? A C   3  B G   17  1_555 ? ? ? ? ? ? WATSON-CRICK ?     ? ? 
hydrog10 hydrog ?    ? A G   7  N2    ? ? ? 1_555 B A   16 N7 ? ? A G   7  B A   16  1_555 ? ? ? ? ? ? TYPE_11_PAIR ?     ? ? 
hydrog11 hydrog ?    ? A G   7  N3    ? ? ? 1_555 B A   16 N6 ? ? A G   7  B A   16  1_555 ? ? ? ? ? ? TYPE_11_PAIR ?     ? ? 
hydrog12 hydrog ?    ? A A   8  N6    ? ? ? 1_555 B G   15 N3 ? ? A A   8  B G   15  1_555 ? ? ? ? ? ? TYPE_11_PAIR ?     ? ? 
hydrog13 hydrog ?    ? A A   8  N7    ? ? ? 1_555 B G   15 N2 ? ? A A   8  B G   15  1_555 ? ? ? ? ? ? TYPE_11_PAIR ?     ? ? 
hydrog14 hydrog ?    ? A A   9  N6    ? ? ? 1_555 B G   14 N3 ? ? A A   9  B G   14  1_555 ? ? ? ? ? ? TYPE_11_PAIR ?     ? ? 
hydrog15 hydrog ?    ? A A   9  N7    ? ? ? 1_555 B G   14 N2 ? ? A A   9  B G   14  1_555 ? ? ? ? ? ? TYPE_11_PAIR ?     ? ? 
hydrog16 hydrog ?    ? A C   10 N3    ? ? ? 1_555 B G   13 N1 ? ? A C   10 B G   13  1_555 ? ? ? ? ? ? WATSON-CRICK ?     ? ? 
hydrog17 hydrog ?    ? A C   10 N4    ? ? ? 1_555 B G   13 O6 ? ? A C   10 B G   13  1_555 ? ? ? ? ? ? WATSON-CRICK ?     ? ? 
hydrog18 hydrog ?    ? A C   10 O2    ? ? ? 1_555 B G   13 N2 ? ? A C   10 B G   13  1_555 ? ? ? ? ? ? WATSON-CRICK ?     ? ? 
hydrog19 hydrog ?    ? A C   11 N3    ? ? ? 1_555 B G   12 N1 ? ? A C   11 B G   12  1_555 ? ? ? ? ? ? WATSON-CRICK ?     ? ? 
hydrog20 hydrog ?    ? A C   11 N4    ? ? ? 1_555 B G   12 O6 ? ? A C   11 B G   12  1_555 ? ? ? ? ? ? WATSON-CRICK ?     ? ? 
hydrog21 hydrog ?    ? A C   11 O2    ? ? ? 1_555 B G   12 N2 ? ? A C   11 B G   12  1_555 ? ? ? ? ? ? WATSON-CRICK ?     ? ? 
hydrog22 hydrog ?    ? A G   12 N1    ? ? ? 1_555 B C   11 N3 ? ? A G   12 B C   11  1_555 ? ? ? ? ? ? WATSON-CRICK ?     ? ? 
hydrog23 hydrog ?    ? A G   12 N2    ? ? ? 1_555 B C   11 O2 ? ? A G   12 B C   11  1_555 ? ? ? ? ? ? WATSON-CRICK ?     ? ? 
hydrog24 hydrog ?    ? A G   12 O6    ? ? ? 1_555 B C   11 N4 ? ? A G   12 B C   11  1_555 ? ? ? ? ? ? WATSON-CRICK ?     ? ? 
hydrog25 hydrog ?    ? A G   13 N1    ? ? ? 1_555 B C   10 N3 ? ? A G   13 B C   10  1_555 ? ? ? ? ? ? WATSON-CRICK ?     ? ? 
hydrog26 hydrog ?    ? A G   13 N2    ? ? ? 1_555 B C   10 O2 ? ? A G   13 B C   10  1_555 ? ? ? ? ? ? WATSON-CRICK ?     ? ? 
hydrog27 hydrog ?    ? A G   13 O6    ? ? ? 1_555 B C   10 N4 ? ? A G   13 B C   10  1_555 ? ? ? ? ? ? WATSON-CRICK ?     ? ? 
hydrog28 hydrog ?    ? A G   14 N2    ? ? ? 1_555 B A   9  N7 ? ? A G   14 B A   9   1_555 ? ? ? ? ? ? TYPE_11_PAIR ?     ? ? 
hydrog29 hydrog ?    ? A G   14 N3    ? ? ? 1_555 B A   9  N6 ? ? A G   14 B A   9   1_555 ? ? ? ? ? ? TYPE_11_PAIR ?     ? ? 
hydrog30 hydrog ?    ? A G   15 N2    ? ? ? 1_555 B A   8  N7 ? ? A G   15 B A   8   1_555 ? ? ? ? ? ? TYPE_11_PAIR ?     ? ? 
hydrog31 hydrog ?    ? A G   15 N3    ? ? ? 1_555 B A   8  N6 ? ? A G   15 B A   8   1_555 ? ? ? ? ? ? TYPE_11_PAIR ?     ? ? 
hydrog32 hydrog ?    ? A A   16 N6    ? ? ? 1_555 B G   7  N3 ? ? A A   16 B G   7   1_555 ? ? ? ? ? ? TYPE_11_PAIR ?     ? ? 
hydrog33 hydrog ?    ? A A   16 N7    ? ? ? 1_555 B G   7  N2 ? ? A A   16 B G   7   1_555 ? ? ? ? ? ? TYPE_11_PAIR ?     ? ? 
hydrog34 hydrog ?    ? A G   17 N1    ? ? ? 1_555 B C   3  N3 ? ? A G   17 B C   3   1_555 ? ? ? ? ? ? WATSON-CRICK ?     ? ? 
hydrog35 hydrog ?    ? A G   17 N2    ? ? ? 1_555 B C   3  O2 ? ? A G   17 B C   3   1_555 ? ? ? ? ? ? WATSON-CRICK ?     ? ? 
hydrog36 hydrog ?    ? A G   17 O6    ? ? ? 1_555 B C   3  N4 ? ? A G   17 B C   3   1_555 ? ? ? ? ? ? WATSON-CRICK ?     ? ? 
hydrog37 hydrog ?    ? A C   18 N3    ? ? ? 1_555 B G   2  N1 ? ? A C   18 B G   2   1_555 ? ? ? ? ? ? WATSON-CRICK ?     ? ? 
hydrog38 hydrog ?    ? A C   18 N4    ? ? ? 1_555 B G   2  O6 ? ? A C   18 B G   2   1_555 ? ? ? ? ? ? WATSON-CRICK ?     ? ? 
hydrog39 hydrog ?    ? A C   18 O2    ? ? ? 1_555 B G   2  N2 ? ? A C   18 B G   2   1_555 ? ? ? ? ? ? WATSON-CRICK ?     ? ? 
hydrog40 hydrog ?    ? A C   19 N3    ? ? ? 1_555 B G   1  N1 ? ? A C   19 B G   1   1_555 ? ? ? ? ? ? WATSON-CRICK ?     ? ? 
hydrog41 hydrog ?    ? A C   19 N4    ? ? ? 1_555 B G   1  O6 ? ? A C   19 B G   1   1_555 ? ? ? ? ? ? WATSON-CRICK ?     ? ? 
hydrog42 hydrog ?    ? A C   19 O2    ? ? ? 1_555 B G   1  N2 ? ? A C   19 B G   1   1_555 ? ? ? ? ? ? WATSON-CRICK ?     ? ? 
# 
loop_
_struct_conn_type.id 
_struct_conn_type.criteria 
_struct_conn_type.reference 
covale ? ? 
metalc ? ? 
hydrog ? ? 
# 
_pdbx_entry_details.entry_id                   7EI7 
_pdbx_entry_details.has_ligand_of_interest     Y 
_pdbx_entry_details.compound_details           ? 
_pdbx_entry_details.source_details             ? 
_pdbx_entry_details.nonpolymer_details         ? 
_pdbx_entry_details.sequence_details           ? 
_pdbx_entry_details.has_protein_modification   N 
# 
_pdbx_struct_special_symmetry.id              1 
_pdbx_struct_special_symmetry.PDB_model_num   1 
_pdbx_struct_special_symmetry.auth_asym_id    B 
_pdbx_struct_special_symmetry.auth_comp_id    CO 
_pdbx_struct_special_symmetry.auth_seq_id     102 
_pdbx_struct_special_symmetry.PDB_ins_code    ? 
_pdbx_struct_special_symmetry.label_asym_id   H 
_pdbx_struct_special_symmetry.label_comp_id   CO 
_pdbx_struct_special_symmetry.label_seq_id    . 
# 
loop_
_chem_comp_atom.comp_id 
_chem_comp_atom.atom_id 
_chem_comp_atom.type_symbol 
_chem_comp_atom.pdbx_aromatic_flag 
_chem_comp_atom.pdbx_stereo_config 
_chem_comp_atom.pdbx_ordinal 
2PR OP3    O  N N 1   
2PR P      P  N N 2   
2PR OP1    O  N N 3   
2PR OP2    O  N N 4   
2PR "O5'"  O  N N 5   
2PR "C5'"  C  N N 6   
2PR "C4'"  C  N R 7   
2PR "O4'"  O  N N 8   
2PR "C3'"  C  N S 9   
2PR "O3'"  O  N N 10  
2PR "C2'"  C  N N 11  
2PR "C1'"  C  N R 12  
2PR N9     N  Y N 13  
2PR C8     C  Y N 14  
2PR N7     N  Y N 15  
2PR C5     C  Y N 16  
2PR C6     C  Y N 17  
2PR N1     N  Y N 18  
2PR C2     C  Y N 19  
2PR N2     N  N N 20  
2PR N3     N  Y N 21  
2PR C4     C  Y N 22  
2PR HOP3   H  N N 23  
2PR HOP2   H  N N 24  
2PR "H5'"  H  N N 25  
2PR "H5''" H  N N 26  
2PR "H4'"  H  N N 27  
2PR "H3'"  H  N N 28  
2PR "HO3'" H  N N 29  
2PR "H2'"  H  N N 30  
2PR "H2''" H  N N 31  
2PR "H1'"  H  N N 32  
2PR H8     H  N N 33  
2PR H6     H  N N 34  
2PR HN21   H  N N 35  
2PR HN22   H  N N 36  
A   OP3    O  N N 37  
A   P      P  N N 38  
A   OP1    O  N N 39  
A   OP2    O  N N 40  
A   "O5'"  O  N N 41  
A   "C5'"  C  N N 42  
A   "C4'"  C  N R 43  
A   "O4'"  O  N N 44  
A   "C3'"  C  N S 45  
A   "O3'"  O  N N 46  
A   "C2'"  C  N R 47  
A   "O2'"  O  N N 48  
A   "C1'"  C  N R 49  
A   N9     N  Y N 50  
A   C8     C  Y N 51  
A   N7     N  Y N 52  
A   C5     C  Y N 53  
A   C6     C  Y N 54  
A   N6     N  N N 55  
A   N1     N  Y N 56  
A   C2     C  Y N 57  
A   N3     N  Y N 58  
A   C4     C  Y N 59  
A   HOP3   H  N N 60  
A   HOP2   H  N N 61  
A   "H5'"  H  N N 62  
A   "H5''" H  N N 63  
A   "H4'"  H  N N 64  
A   "H3'"  H  N N 65  
A   "HO3'" H  N N 66  
A   "H2'"  H  N N 67  
A   "HO2'" H  N N 68  
A   "H1'"  H  N N 69  
A   H8     H  N N 70  
A   H61    H  N N 71  
A   H62    H  N N 72  
A   H2     H  N N 73  
C   OP3    O  N N 74  
C   P      P  N N 75  
C   OP1    O  N N 76  
C   OP2    O  N N 77  
C   "O5'"  O  N N 78  
C   "C5'"  C  N N 79  
C   "C4'"  C  N R 80  
C   "O4'"  O  N N 81  
C   "C3'"  C  N S 82  
C   "O3'"  O  N N 83  
C   "C2'"  C  N R 84  
C   "O2'"  O  N N 85  
C   "C1'"  C  N R 86  
C   N1     N  N N 87  
C   C2     C  N N 88  
C   O2     O  N N 89  
C   N3     N  N N 90  
C   C4     C  N N 91  
C   N4     N  N N 92  
C   C5     C  N N 93  
C   C6     C  N N 94  
C   HOP3   H  N N 95  
C   HOP2   H  N N 96  
C   "H5'"  H  N N 97  
C   "H5''" H  N N 98  
C   "H4'"  H  N N 99  
C   "H3'"  H  N N 100 
C   "HO3'" H  N N 101 
C   "H2'"  H  N N 102 
C   "HO2'" H  N N 103 
C   "H1'"  H  N N 104 
C   H41    H  N N 105 
C   H42    H  N N 106 
C   H5     H  N N 107 
C   H6     H  N N 108 
CO  CO     CO N N 109 
G   OP3    O  N N 110 
G   P      P  N N 111 
G   OP1    O  N N 112 
G   OP2    O  N N 113 
G   "O5'"  O  N N 114 
G   "C5'"  C  N N 115 
G   "C4'"  C  N R 116 
G   "O4'"  O  N N 117 
G   "C3'"  C  N S 118 
G   "O3'"  O  N N 119 
G   "C2'"  C  N R 120 
G   "O2'"  O  N N 121 
G   "C1'"  C  N R 122 
G   N9     N  Y N 123 
G   C8     C  Y N 124 
G   N7     N  Y N 125 
G   C5     C  Y N 126 
G   C6     C  N N 127 
G   O6     O  N N 128 
G   N1     N  N N 129 
G   C2     C  N N 130 
G   N2     N  N N 131 
G   N3     N  N N 132 
G   C4     C  Y N 133 
G   HOP3   H  N N 134 
G   HOP2   H  N N 135 
G   "H5'"  H  N N 136 
G   "H5''" H  N N 137 
G   "H4'"  H  N N 138 
G   "H3'"  H  N N 139 
G   "HO3'" H  N N 140 
G   "H2'"  H  N N 141 
G   "HO2'" H  N N 142 
G   "H1'"  H  N N 143 
G   H8     H  N N 144 
G   H1     H  N N 145 
G   H21    H  N N 146 
G   H22    H  N N 147 
HOH O      O  N N 148 
HOH H1     H  N N 149 
HOH H2     H  N N 150 
# 
loop_
_chem_comp_bond.comp_id 
_chem_comp_bond.atom_id_1 
_chem_comp_bond.atom_id_2 
_chem_comp_bond.value_order 
_chem_comp_bond.pdbx_aromatic_flag 
_chem_comp_bond.pdbx_stereo_config 
_chem_comp_bond.pdbx_ordinal 
2PR OP3   P      sing N N 1   
2PR OP3   HOP3   sing N N 2   
2PR P     OP1    doub N N 3   
2PR P     OP2    sing N N 4   
2PR P     "O5'"  sing N N 5   
2PR OP2   HOP2   sing N N 6   
2PR "O5'" "C5'"  sing N N 7   
2PR "C5'" "C4'"  sing N N 8   
2PR "C5'" "H5'"  sing N N 9   
2PR "C5'" "H5''" sing N N 10  
2PR "C4'" "O4'"  sing N N 11  
2PR "C4'" "C3'"  sing N N 12  
2PR "C4'" "H4'"  sing N N 13  
2PR "O4'" "C1'"  sing N N 14  
2PR "C3'" "O3'"  sing N N 15  
2PR "C3'" "C2'"  sing N N 16  
2PR "C3'" "H3'"  sing N N 17  
2PR "O3'" "HO3'" sing N N 18  
2PR "C2'" "C1'"  sing N N 19  
2PR "C2'" "H2'"  sing N N 20  
2PR "C2'" "H2''" sing N N 21  
2PR "C1'" N9     sing N N 22  
2PR "C1'" "H1'"  sing N N 23  
2PR N9    C8     sing Y N 24  
2PR N9    C4     sing Y N 25  
2PR C8    N7     doub Y N 26  
2PR C8    H8     sing N N 27  
2PR N7    C5     sing Y N 28  
2PR C5    C6     sing Y N 29  
2PR C5    C4     doub Y N 30  
2PR C6    N1     doub Y N 31  
2PR C6    H6     sing N N 32  
2PR N1    C2     sing Y N 33  
2PR C2    N2     sing N N 34  
2PR C2    N3     doub Y N 35  
2PR N2    HN21   sing N N 36  
2PR N2    HN22   sing N N 37  
2PR N3    C4     sing Y N 38  
A   OP3   P      sing N N 39  
A   OP3   HOP3   sing N N 40  
A   P     OP1    doub N N 41  
A   P     OP2    sing N N 42  
A   P     "O5'"  sing N N 43  
A   OP2   HOP2   sing N N 44  
A   "O5'" "C5'"  sing N N 45  
A   "C5'" "C4'"  sing N N 46  
A   "C5'" "H5'"  sing N N 47  
A   "C5'" "H5''" sing N N 48  
A   "C4'" "O4'"  sing N N 49  
A   "C4'" "C3'"  sing N N 50  
A   "C4'" "H4'"  sing N N 51  
A   "O4'" "C1'"  sing N N 52  
A   "C3'" "O3'"  sing N N 53  
A   "C3'" "C2'"  sing N N 54  
A   "C3'" "H3'"  sing N N 55  
A   "O3'" "HO3'" sing N N 56  
A   "C2'" "O2'"  sing N N 57  
A   "C2'" "C1'"  sing N N 58  
A   "C2'" "H2'"  sing N N 59  
A   "O2'" "HO2'" sing N N 60  
A   "C1'" N9     sing N N 61  
A   "C1'" "H1'"  sing N N 62  
A   N9    C8     sing Y N 63  
A   N9    C4     sing Y N 64  
A   C8    N7     doub Y N 65  
A   C8    H8     sing N N 66  
A   N7    C5     sing Y N 67  
A   C5    C6     sing Y N 68  
A   C5    C4     doub Y N 69  
A   C6    N6     sing N N 70  
A   C6    N1     doub Y N 71  
A   N6    H61    sing N N 72  
A   N6    H62    sing N N 73  
A   N1    C2     sing Y N 74  
A   C2    N3     doub Y N 75  
A   C2    H2     sing N N 76  
A   N3    C4     sing Y N 77  
C   OP3   P      sing N N 78  
C   OP3   HOP3   sing N N 79  
C   P     OP1    doub N N 80  
C   P     OP2    sing N N 81  
C   P     "O5'"  sing N N 82  
C   OP2   HOP2   sing N N 83  
C   "O5'" "C5'"  sing N N 84  
C   "C5'" "C4'"  sing N N 85  
C   "C5'" "H5'"  sing N N 86  
C   "C5'" "H5''" sing N N 87  
C   "C4'" "O4'"  sing N N 88  
C   "C4'" "C3'"  sing N N 89  
C   "C4'" "H4'"  sing N N 90  
C   "O4'" "C1'"  sing N N 91  
C   "C3'" "O3'"  sing N N 92  
C   "C3'" "C2'"  sing N N 93  
C   "C3'" "H3'"  sing N N 94  
C   "O3'" "HO3'" sing N N 95  
C   "C2'" "O2'"  sing N N 96  
C   "C2'" "C1'"  sing N N 97  
C   "C2'" "H2'"  sing N N 98  
C   "O2'" "HO2'" sing N N 99  
C   "C1'" N1     sing N N 100 
C   "C1'" "H1'"  sing N N 101 
C   N1    C2     sing N N 102 
C   N1    C6     sing N N 103 
C   C2    O2     doub N N 104 
C   C2    N3     sing N N 105 
C   N3    C4     doub N N 106 
C   C4    N4     sing N N 107 
C   C4    C5     sing N N 108 
C   N4    H41    sing N N 109 
C   N4    H42    sing N N 110 
C   C5    C6     doub N N 111 
C   C5    H5     sing N N 112 
C   C6    H6     sing N N 113 
G   OP3   P      sing N N 114 
G   OP3   HOP3   sing N N 115 
G   P     OP1    doub N N 116 
G   P     OP2    sing N N 117 
G   P     "O5'"  sing N N 118 
G   OP2   HOP2   sing N N 119 
G   "O5'" "C5'"  sing N N 120 
G   "C5'" "C4'"  sing N N 121 
G   "C5'" "H5'"  sing N N 122 
G   "C5'" "H5''" sing N N 123 
G   "C4'" "O4'"  sing N N 124 
G   "C4'" "C3'"  sing N N 125 
G   "C4'" "H4'"  sing N N 126 
G   "O4'" "C1'"  sing N N 127 
G   "C3'" "O3'"  sing N N 128 
G   "C3'" "C2'"  sing N N 129 
G   "C3'" "H3'"  sing N N 130 
G   "O3'" "HO3'" sing N N 131 
G   "C2'" "O2'"  sing N N 132 
G   "C2'" "C1'"  sing N N 133 
G   "C2'" "H2'"  sing N N 134 
G   "O2'" "HO2'" sing N N 135 
G   "C1'" N9     sing N N 136 
G   "C1'" "H1'"  sing N N 137 
G   N9    C8     sing Y N 138 
G   N9    C4     sing Y N 139 
G   C8    N7     doub Y N 140 
G   C8    H8     sing N N 141 
G   N7    C5     sing Y N 142 
G   C5    C6     sing N N 143 
G   C5    C4     doub Y N 144 
G   C6    O6     doub N N 145 
G   C6    N1     sing N N 146 
G   N1    C2     sing N N 147 
G   N1    H1     sing N N 148 
G   C2    N2     sing N N 149 
G   C2    N3     doub N N 150 
G   N2    H21    sing N N 151 
G   N2    H22    sing N N 152 
G   N3    C4     sing N N 153 
HOH O     H1     sing N N 154 
HOH O     H2     sing N N 155 
# 
loop_
_ndb_struct_conf_na.entry_id 
_ndb_struct_conf_na.feature 
7EI7 'double helix'        
7EI7 'a-form double helix' 
# 
loop_
_ndb_struct_na_base_pair.model_number 
_ndb_struct_na_base_pair.i_label_asym_id 
_ndb_struct_na_base_pair.i_label_comp_id 
_ndb_struct_na_base_pair.i_label_seq_id 
_ndb_struct_na_base_pair.i_symmetry 
_ndb_struct_na_base_pair.j_label_asym_id 
_ndb_struct_na_base_pair.j_label_comp_id 
_ndb_struct_na_base_pair.j_label_seq_id 
_ndb_struct_na_base_pair.j_symmetry 
_ndb_struct_na_base_pair.shear 
_ndb_struct_na_base_pair.stretch 
_ndb_struct_na_base_pair.stagger 
_ndb_struct_na_base_pair.buckle 
_ndb_struct_na_base_pair.propeller 
_ndb_struct_na_base_pair.opening 
_ndb_struct_na_base_pair.pair_number 
_ndb_struct_na_base_pair.pair_name 
_ndb_struct_na_base_pair.i_auth_asym_id 
_ndb_struct_na_base_pair.i_auth_seq_id 
_ndb_struct_na_base_pair.i_PDB_ins_code 
_ndb_struct_na_base_pair.j_auth_asym_id 
_ndb_struct_na_base_pair.j_auth_seq_id 
_ndb_struct_na_base_pair.j_PDB_ins_code 
_ndb_struct_na_base_pair.hbond_type_28 
_ndb_struct_na_base_pair.hbond_type_12 
1 A G 1  1_555 B C 19 1_555 0.306  0.085  -0.116 -11.651 3.672  -1.472  1  A_G1:C19_B  A 1  ? B 19 ? 19 1  
1 A G 2  1_555 B C 18 1_555 -1.262 -0.458 -0.159 1.114   -4.677 2.746   2  A_G2:C18_B  A 2  ? B 18 ? 19 1  
1 A C 3  1_555 B G 17 1_555 0.943  -0.396 -0.234 6.157   -5.543 4.756   3  A_C3:G17_B  A 3  ? B 17 ? 19 1  
1 A G 7  1_555 B A 16 1_555 6.407  -3.930 0.526  26.380  11.903 5.724   4  A_G7:A16_B  A 7  ? B 16 ? 11 9  
1 A A 8  1_555 B G 15 1_555 -6.572 -4.687 0.857  -25.579 -4.207 -12.459 5  A_A8:G15_B  A 8  ? B 15 ? 11 10 
1 A A 9  1_555 B G 14 1_555 -7.127 -3.608 0.162  5.960   -3.134 13.351  6  A_A9:G14_B  A 9  ? B 14 ? 11 5  
1 A C 10 1_555 B G 13 1_555 -0.281 0.409  -0.120 7.649   -7.438 13.188  7  A_C10:G13_B A 10 ? B 13 ? 19 1  
1 A C 11 1_555 B G 12 1_555 -0.029 -0.079 -0.476 13.049  13.989 2.365   8  A_C11:G12_B A 11 ? B 12 ? 19 1  
1 A G 12 1_555 B C 11 1_555 0.292  -0.609 -0.253 -6.908  -5.582 -3.937  9  A_G12:C11_B A 12 ? B 11 ? 19 1  
1 A G 13 1_555 B C 10 1_555 -0.039 0.275  -0.164 -8.892  -4.609 12.756  10 A_G13:C10_B A 13 ? B 10 ? 19 1  
1 A G 14 1_555 B A 9  1_555 6.958  -3.373 0.048  -5.264  -6.400 12.102  11 A_G14:A9_B  A 14 ? B 9  ? 11 5  
1 A G 15 1_555 B A 8  1_555 6.496  -4.493 0.153  26.473  6.407  -6.355  12 A_G15:A8_B  A 15 ? B 8  ? 11 10 
1 A A 16 1_555 B G 7  1_555 -6.563 -4.627 0.716  -15.641 20.972 10.421  13 A_A16:G7_B  A 16 ? B 7  ? 11 9  
1 A G 17 1_555 B C 3  1_555 0.528  -0.542 -0.658 -14.214 -0.145 -7.458  14 A_G17:C3_B  A 17 ? B 3  ? 19 1  
1 A C 18 1_555 B G 2  1_555 -0.161 -0.177 -0.498 5.201   -0.816 1.594   15 A_C18:G2_B  A 18 ? B 2  ? 19 1  
1 A C 19 1_555 B G 1  1_555 -0.992 -0.225 -0.132 5.976   6.885  1.657   16 A_C19:G1_B  A 19 ? B 1  ? 19 1  
# 
loop_
_ndb_struct_na_base_pair_step.model_number 
_ndb_struct_na_base_pair_step.i_label_asym_id_1 
_ndb_struct_na_base_pair_step.i_label_comp_id_1 
_ndb_struct_na_base_pair_step.i_label_seq_id_1 
_ndb_struct_na_base_pair_step.i_symmetry_1 
_ndb_struct_na_base_pair_step.j_label_asym_id_1 
_ndb_struct_na_base_pair_step.j_label_comp_id_1 
_ndb_struct_na_base_pair_step.j_label_seq_id_1 
_ndb_struct_na_base_pair_step.j_symmetry_1 
_ndb_struct_na_base_pair_step.i_label_asym_id_2 
_ndb_struct_na_base_pair_step.i_label_comp_id_2 
_ndb_struct_na_base_pair_step.i_label_seq_id_2 
_ndb_struct_na_base_pair_step.i_symmetry_2 
_ndb_struct_na_base_pair_step.j_label_asym_id_2 
_ndb_struct_na_base_pair_step.j_label_comp_id_2 
_ndb_struct_na_base_pair_step.j_label_seq_id_2 
_ndb_struct_na_base_pair_step.j_symmetry_2 
_ndb_struct_na_base_pair_step.shift 
_ndb_struct_na_base_pair_step.slide 
_ndb_struct_na_base_pair_step.rise 
_ndb_struct_na_base_pair_step.tilt 
_ndb_struct_na_base_pair_step.roll 
_ndb_struct_na_base_pair_step.twist 
_ndb_struct_na_base_pair_step.x_displacement 
_ndb_struct_na_base_pair_step.y_displacement 
_ndb_struct_na_base_pair_step.helical_rise 
_ndb_struct_na_base_pair_step.inclination 
_ndb_struct_na_base_pair_step.tip 
_ndb_struct_na_base_pair_step.helical_twist 
_ndb_struct_na_base_pair_step.step_number 
_ndb_struct_na_base_pair_step.step_name 
_ndb_struct_na_base_pair_step.i_auth_asym_id_1 
_ndb_struct_na_base_pair_step.i_auth_seq_id_1 
_ndb_struct_na_base_pair_step.i_PDB_ins_code_1 
_ndb_struct_na_base_pair_step.j_auth_asym_id_1 
_ndb_struct_na_base_pair_step.j_auth_seq_id_1 
_ndb_struct_na_base_pair_step.j_PDB_ins_code_1 
_ndb_struct_na_base_pair_step.i_auth_asym_id_2 
_ndb_struct_na_base_pair_step.i_auth_seq_id_2 
_ndb_struct_na_base_pair_step.i_PDB_ins_code_2 
_ndb_struct_na_base_pair_step.j_auth_asym_id_2 
_ndb_struct_na_base_pair_step.j_auth_seq_id_2 
_ndb_struct_na_base_pair_step.j_PDB_ins_code_2 
1 A G 1  1_555 B C 19 1_555 A G 2  1_555 B C 18 1_555 0.067  -1.951 3.199 -1.650  -0.833 20.460 -5.107 -0.908  3.259 -2.338 4.633 
20.542  1  AA_G1G2:C18C19_BB   A 1  ? B 19 ? A 2  ? B 18 ? 
1 A G 2  1_555 B C 18 1_555 A C 3  1_555 B G 17 1_555 0.878  -2.004 3.148 1.743   1.629  40.332 -3.077 -1.085  3.102 2.360  -2.525 
40.399  2  AA_G2C3:G17C18_BB   A 2  ? B 18 ? A 3  ? B 17 ? 
1 A G 7  1_555 B A 16 1_555 A A 8  1_555 B G 15 1_555 -1.607 -1.476 4.417 -8.763  -4.975 -7.767 12.613 -17.734 1.020 25.906 
-45.626 -12.716 3  AA_G7A8:G15A16_BB   A 7  ? B 16 ? A 8  ? B 15 ? 
1 A A 8  1_555 B G 15 1_555 A A 9  1_555 B G 14 1_555 0.158  -0.136 2.994 -10.666 3.003  33.723 -0.624 -1.683  2.796 5.011  17.799 
35.446  4  AA_A8A9:G14G15_BB   A 8  ? B 15 ? A 9  ? B 14 ? 
1 A A 9  1_555 B G 14 1_555 A C 10 1_555 B G 13 1_555 0.139  -0.052 3.189 -2.484  4.067  61.021 -0.239 -0.251  3.173 3.998  2.442 
61.189  5  AA_A9C10:G13G14_BB  A 9  ? B 14 ? A 10 ? B 13 ? 
1 A C 10 1_555 B G 13 1_555 A C 11 1_555 B G 12 1_555 -0.830 -1.629 3.073 0.598   6.354  31.644 -3.935 1.588   2.687 11.506 -1.083 
32.265  6  AA_C10C11:G12G13_BB A 10 ? B 13 ? A 11 ? B 12 ? 
1 A C 11 1_555 B G 12 1_555 A G 12 1_555 B C 11 1_555 0.042  -2.223 3.652 1.629   13.018 31.798 -5.785 0.182   2.570 22.595 -2.828 
34.333  7  AA_C11G12:C11G12_BB A 11 ? B 12 ? A 12 ? B 11 ? 
1 A G 12 1_555 B C 11 1_555 A G 13 1_555 B C 10 1_555 1.107  -2.202 3.100 0.118   5.459  27.345 -5.722 -2.274  2.623 11.404 -0.247 
27.875  8  AA_G12G13:C10C11_BB A 12 ? B 11 ? A 13 ? B 10 ? 
1 A G 13 1_555 B C 10 1_555 A G 14 1_555 B A 9  1_555 0.154  -0.455 3.031 4.565   6.351  66.208 -0.646 0.027   2.986 5.793  -4.164 
66.616  9  AA_G13G14:A9C10_BB  A 13 ? B 10 ? A 14 ? B 9  ? 
1 A G 14 1_555 B A 9  1_555 A G 15 1_555 B A 8  1_555 -0.146 -0.317 2.952 18.544  0.241  30.185 -0.555 2.701   2.457 0.417  
-32.087 35.313  10 AA_G14G15:A8A9_BB   A 14 ? B 9  ? A 15 ? B 8  ? 
1 A G 15 1_555 B A 8  1_555 A A 16 1_555 B G 7  1_555 1.809  -1.311 4.369 8.598   -5.676 -5.523 13.672 19.841  0.101 34.094 51.639 
-11.686 11 AA_G15A16:G7A8_BB   A 15 ? B 8  ? A 16 ? B 7  ? 
1 A G 17 1_555 B C 3  1_555 A C 18 1_555 B G 2  1_555 0.027  -1.921 2.790 -1.583  1.815  29.634 -4.061 -0.330  2.665 3.542  3.088 
29.730  12 AA_G17C18:G2C3_BB   A 17 ? B 3  ? A 18 ? B 2  ? 
1 A C 18 1_555 B G 2  1_555 A C 19 1_555 B G 1  1_555 0.040  -2.142 3.412 -3.378  5.118  24.745 -6.288 -1.035  2.886 11.714 7.731 
25.482  13 AA_C18C19:G1G2_BB   A 18 ? B 2  ? A 19 ? B 1  ? 
# 
_pdbx_initial_refinement_model.id               1 
_pdbx_initial_refinement_model.entity_id_list   ? 
_pdbx_initial_refinement_model.type             'experimental model' 
_pdbx_initial_refinement_model.source_name      PDB 
_pdbx_initial_refinement_model.accession_code   4C40 
_pdbx_initial_refinement_model.details          ? 
# 
_atom_sites.entry_id                    7EI7 
_atom_sites.Cartn_transf_matrix[1][1]   ? 
_atom_sites.Cartn_transf_matrix[1][2]   ? 
_atom_sites.Cartn_transf_matrix[1][3]   ? 
_atom_sites.Cartn_transf_matrix[2][1]   ? 
_atom_sites.Cartn_transf_matrix[2][2]   ? 
_atom_sites.Cartn_transf_matrix[2][3]   ? 
_atom_sites.Cartn_transf_matrix[3][1]   ? 
_atom_sites.Cartn_transf_matrix[3][2]   ? 
_atom_sites.Cartn_transf_matrix[3][3]   ? 
_atom_sites.Cartn_transf_vector[1]      ? 
_atom_sites.Cartn_transf_vector[2]      ? 
_atom_sites.Cartn_transf_vector[3]      ? 
_atom_sites.fract_transf_matrix[1][1]   -0.00634323 
_atom_sites.fract_transf_matrix[1][2]   -0.01152131 
_atom_sites.fract_transf_matrix[1][3]   -0.00066742 
_atom_sites.fract_transf_matrix[2][1]   0.01140983 
_atom_sites.fract_transf_matrix[2][2]   -0.00614651 
_atom_sites.fract_transf_matrix[2][3]   -0.00233639 
_atom_sites.fract_transf_matrix[3][1]   0.00319447 
_atom_sites.fract_transf_matrix[3][2]   -0.00314120 
_atom_sites.fract_transf_matrix[3][3]   0.02386410 
_atom_sites.fract_transf_vector[1]      -0.245696 
_atom_sites.fract_transf_vector[2]      -0.007837 
_atom_sites.fract_transf_vector[3]      -0.241329 
_atom_sites.solution_primary            ? 
_atom_sites.solution_secondary          ? 
_atom_sites.solution_hydrogens          ? 
_atom_sites.special_details             ? 
# 
loop_
_atom_type.symbol 
C  
CO 
N  
O  
P  
# 
loop_
_atom_site.group_PDB 
_atom_site.id 
_atom_site.type_symbol 
_atom_site.label_atom_id 
_atom_site.label_alt_id 
_atom_site.label_comp_id 
_atom_site.label_asym_id 
_atom_site.label_entity_id 
_atom_site.label_seq_id 
_atom_site.pdbx_PDB_ins_code 
_atom_site.Cartn_x 
_atom_site.Cartn_y 
_atom_site.Cartn_z 
_atom_site.occupancy 
_atom_site.B_iso_or_equiv 
_atom_site.pdbx_formal_charge 
_atom_site.auth_seq_id 
_atom_site.auth_comp_id 
_atom_site.auth_asym_id 
_atom_site.auth_atom_id 
_atom_site.pdbx_PDB_model_num 
ATOM   1   O  "O5'" . G   A 1 1  ? -21.666 5.424   -5.007  1.00 58.67  ? 1   G   A "O5'" 1 
ATOM   2   C  "C5'" . G   A 1 1  ? -21.905 4.049   -4.742  1.00 53.09  ? 1   G   A "C5'" 1 
ATOM   3   C  "C4'" . G   A 1 1  ? -20.832 3.170   -5.335  1.00 45.88  ? 1   G   A "C4'" 1 
ATOM   4   O  "O4'" . G   A 1 1  ? -20.242 3.823   -6.488  1.00 53.95  ? 1   G   A "O4'" 1 
ATOM   5   C  "C3'" . G   A 1 1  ? -19.639 2.897   -4.453  1.00 51.28  ? 1   G   A "C3'" 1 
ATOM   6   O  "O3'" . G   A 1 1  ? -19.880 1.932   -3.452  1.00 58.06  ? 1   G   A "O3'" 1 
ATOM   7   C  "C2'" . G   A 1 1  ? -18.577 2.508   -5.467  1.00 51.99  ? 1   G   A "C2'" 1 
ATOM   8   O  "O2'" . G   A 1 1  ? -18.855 1.233   -6.020  1.00 46.54  ? 1   G   A "O2'" 1 
ATOM   9   C  "C1'" . G   A 1 1  ? -18.864 3.521   -6.553  1.00 49.61  ? 1   G   A "C1'" 1 
ATOM   10  N  N9    . G   A 1 1  ? -18.099 4.770   -6.380  1.00 43.89  ? 1   G   A N9    1 
ATOM   11  C  C8    . G   A 1 1  ? -18.639 6.019   -6.271  1.00 48.01  ? 1   G   A C8    1 
ATOM   12  N  N7    . G   A 1 1  ? -17.734 6.946   -6.167  1.00 55.27  ? 1   G   A N7    1 
ATOM   13  C  C5    . G   A 1 1  ? -16.521 6.275   -6.230  1.00 48.89  ? 1   G   A C5    1 
ATOM   14  C  C6    . G   A 1 1  ? -15.188 6.773   -6.160  1.00 57.04  ? 1   G   A C6    1 
ATOM   15  O  O6    . G   A 1 1  ? -14.810 7.952   -6.021  1.00 63.32  ? 1   G   A O6    1 
ATOM   16  N  N1    . G   A 1 1  ? -14.240 5.754   -6.243  1.00 54.02  ? 1   G   A N1    1 
ATOM   17  C  C2    . G   A 1 1  ? -14.552 4.424   -6.378  1.00 51.58  ? 1   G   A C2    1 
ATOM   18  N  N2    . G   A 1 1  ? -13.501 3.595   -6.445  1.00 49.61  ? 1   G   A N2    1 
ATOM   19  N  N3    . G   A 1 1  ? -15.793 3.942   -6.448  1.00 48.74  ? 1   G   A N3    1 
ATOM   20  C  C4    . G   A 1 1  ? -16.727 4.921   -6.364  1.00 43.67  ? 1   G   A C4    1 
ATOM   21  P  P     . G   A 1 2  ? -19.450 2.271   -1.940  1.00 54.53  ? 2   G   A P     1 
ATOM   22  O  OP1   . G   A 1 2  ? -20.407 1.554   -1.038  1.00 53.06  ? 2   G   A OP1   1 
ATOM   23  O  OP2   . G   A 1 2  ? -19.353 3.754   -1.865  1.00 42.96  ? 2   G   A OP2   1 
ATOM   24  O  "O5'" . G   A 1 2  ? -17.977 1.660   -1.811  1.00 38.23  ? 2   G   A "O5'" 1 
ATOM   25  C  "C5'" . G   A 1 2  ? -17.703 0.330   -2.234  1.00 40.36  ? 2   G   A "C5'" 1 
ATOM   26  C  "C4'" . G   A 1 2  ? -16.261 0.154   -2.649  1.00 43.51  ? 2   G   A "C4'" 1 
ATOM   27  O  "O4'" . G   A 1 2  ? -15.925 1.052   -3.744  1.00 51.42  ? 2   G   A "O4'" 1 
ATOM   28  C  "C3'" . G   A 1 2  ? -15.224 0.497   -1.602  1.00 46.00  ? 2   G   A "C3'" 1 
ATOM   29  O  "O3'" . G   A 1 2  ? -15.094 -0.456  -0.575  1.00 47.53  ? 2   G   A "O3'" 1 
ATOM   30  C  "C2'" . G   A 1 2  ? -13.972 0.689   -2.438  1.00 41.59  ? 2   G   A "C2'" 1 
ATOM   31  O  "O2'" . G   A 1 2  ? -13.459 -0.558  -2.849  1.00 33.82  ? 2   G   A "O2'" 1 
ATOM   32  C  "C1'" . G   A 1 2  ? -14.551 1.410   -3.655  1.00 48.83  ? 2   G   A "C1'" 1 
ATOM   33  N  N9    . G   A 1 2  ? -14.427 2.863   -3.461  1.00 45.87  ? 2   G   A N9    1 
ATOM   34  C  C8    . G   A 1 2  ? -15.408 3.780   -3.191  1.00 45.74  ? 2   G   A C8    1 
ATOM   35  N  N7    . G   A 1 2  ? -14.932 4.986   -3.039  1.00 47.50  ? 2   G   A N7    1 
ATOM   36  C  C5    . G   A 1 2  ? -13.561 4.846   -3.196  1.00 49.80  ? 2   G   A C5    1 
ATOM   37  C  C6    . G   A 1 2  ? -12.514 5.809   -3.131  1.00 50.19  ? 2   G   A C6    1 
ATOM   38  O  O6    . G   A 1 2  ? -12.589 7.023   -2.911  1.00 51.12  ? 2   G   A O6    1 
ATOM   39  N  N1    . G   A 1 2  ? -11.261 5.254   -3.353  1.00 52.06  ? 2   G   A N1    1 
ATOM   40  C  C2    . G   A 1 2  ? -11.042 3.927   -3.607  1.00 51.36  ? 2   G   A C2    1 
ATOM   41  N  N2    . G   A 1 2  ? -9.752  3.608   -3.796  1.00 42.51  ? 2   G   A N2    1 
ATOM   42  N  N3    . G   A 1 2  ? -12.004 3.002   -3.668  1.00 47.62  ? 2   G   A N3    1 
ATOM   43  C  C4    . G   A 1 2  ? -13.230 3.536   -3.449  1.00 48.33  ? 2   G   A C4    1 
ATOM   44  P  P     . C   A 1 3  ? -15.051 0.072   0.945   1.00 54.88  ? 3   C   A P     1 
ATOM   45  O  OP1   . C   A 1 3  ? -15.289 -1.112  1.833   1.00 53.63  ? 3   C   A OP1   1 
ATOM   46  O  OP2   . C   A 1 3  ? -15.980 1.220   1.064   1.00 36.49  ? 3   C   A OP2   1 
ATOM   47  O  "O5'" . C   A 1 3  ? -13.561 0.622   1.107   1.00 32.12  ? 3   C   A "O5'" 1 
ATOM   48  C  "C5'" . C   A 1 3  ? -12.460 -0.166  0.689   1.00 32.64  ? 3   C   A "C5'" 1 
ATOM   49  C  "C4'" . C   A 1 3  ? -11.197 0.648   0.572   1.00 34.59  ? 3   C   A "C4'" 1 
ATOM   50  O  "O4'" . C   A 1 3  ? -11.300 1.630   -0.495  1.00 49.01  ? 3   C   A "O4'" 1 
ATOM   51  C  "C3'" . C   A 1 3  ? -10.809 1.493   1.760   1.00 39.18  ? 3   C   A "C3'" 1 
ATOM   52  O  "O3'" . C   A 1 3  ? -10.293 0.736   2.832   1.00 47.80  ? 3   C   A "O3'" 1 
ATOM   53  C  "C2'" . C   A 1 3  ? -9.793  2.427   1.138   1.00 40.29  ? 3   C   A "C2'" 1 
ATOM   54  O  "O2'" . C   A 1 3  ? -8.608  1.715   0.847   1.00 45.86  ? 3   C   A "O2'" 1 
ATOM   55  C  "C1'" . C   A 1 3  ? -10.472 2.738   -0.189  1.00 42.47  ? 3   C   A "C1'" 1 
ATOM   56  N  N1    . C   A 1 3  ? -11.294 3.957   -0.057  1.00 43.26  ? 3   C   A N1    1 
ATOM   57  C  C2    . C   A 1 3  ? -10.638 5.191   -0.053  1.00 48.66  ? 3   C   A C2    1 
ATOM   58  O  O2    . C   A 1 3  ? -9.398  5.240   -0.203  1.00 46.60  ? 3   C   A O2    1 
ATOM   59  N  N3    . C   A 1 3  ? -11.391 6.306   0.119   1.00 48.80  ? 3   C   A N3    1 
ATOM   60  C  C4    . C   A 1 3  ? -12.711 6.217   0.293   1.00 43.60  ? 3   C   A C4    1 
ATOM   61  N  N4    . C   A 1 3  ? -13.417 7.334   0.448   1.00 53.21  ? 3   C   A N4    1 
ATOM   62  C  C5    . C   A 1 3  ? -13.388 4.976   0.302   1.00 44.93  ? 3   C   A C5    1 
ATOM   63  C  C6    . C   A 1 3  ? -12.643 3.883   0.133   1.00 44.91  ? 3   C   A C6    1 
ATOM   64  P  P     . G   A 1 4  ? -10.961 0.840   4.294   1.00 37.07  ? 4   G   A P     1 
ATOM   65  O  OP1   . G   A 1 4  ? -10.665 -0.473  4.913   1.00 53.38  ? 4   G   A OP1   1 
ATOM   66  O  OP2   . G   A 1 4  ? -12.378 1.268   4.139   1.00 50.74  ? 4   G   A OP2   1 
ATOM   67  O  "O5'" . G   A 1 4  ? -10.165 2.033   5.011   1.00 39.88  ? 4   G   A "O5'" 1 
ATOM   68  C  "C5'" . G   A 1 4  ? -8.744  2.082   4.994   1.00 43.11  ? 4   G   A "C5'" 1 
ATOM   69  C  "C4'" . G   A 1 4  ? -8.194  3.486   4.859   1.00 39.77  ? 4   G   A "C4'" 1 
ATOM   70  O  "O4'" . G   A 1 4  ? -8.592  4.094   3.601   1.00 42.62  ? 4   G   A "O4'" 1 
ATOM   71  C  "C3'" . G   A 1 4  ? -8.619  4.522   5.886   1.00 39.77  ? 4   G   A "C3'" 1 
ATOM   72  O  "O3'" . G   A 1 4  ? -8.033  4.362   7.161   1.00 43.90  ? 4   G   A "O3'" 1 
ATOM   73  C  "C2'" . G   A 1 4  ? -8.208  5.808   5.191   1.00 46.41  ? 4   G   A "C2'" 1 
ATOM   74  O  "O2'" . G   A 1 4  ? -6.796  5.941   5.204   1.00 48.79  ? 4   G   A "O2'" 1 
ATOM   75  C  "C1'" . G   A 1 4  ? -8.652  5.505   3.760   1.00 44.53  ? 4   G   A "C1'" 1 
ATOM   76  N  N9    . G   A 1 4  ? -10.042 5.968   3.581   1.00 46.18  ? 4   G   A N9    1 
ATOM   77  C  C8    . G   A 1 4  ? -11.193 5.227   3.507   1.00 49.01  ? 4   G   A C8    1 
ATOM   78  N  N7    . G   A 1 4  ? -12.267 5.965   3.402   1.00 50.80  ? 4   G   A N7    1 
ATOM   79  C  C5    . G   A 1 4  ? -11.807 7.270   3.442   1.00 49.04  ? 4   G   A C5    1 
ATOM   80  C  C6    . G   A 1 4  ? -12.513 8.508   3.378   1.00 51.12  ? 4   G   A C6    1 
ATOM   81  O  O6    . G   A 1 4  ? -13.745 8.708   3.269   1.00 48.29  ? 4   G   A O6    1 
ATOM   82  N  N1    . G   A 1 4  ? -11.627 9.587   3.447   1.00 52.67  ? 4   G   A N1    1 
ATOM   83  C  C2    . G   A 1 4  ? -10.258 9.486   3.574   1.00 48.36  ? 4   G   A C2    1 
ATOM   84  N  N2    . G   A 1 4  ? -9.547  10.623  3.622   1.00 47.83  ? 4   G   A N2    1 
ATOM   85  N  N3    . G   A 1 4  ? -9.611  8.339   3.629   1.00 45.28  ? 4   G   A N3    1 
ATOM   86  C  C4    . G   A 1 4  ? -10.439 7.283   3.563   1.00 43.67  ? 4   G   A C4    1 
ATOM   87  P  P     . A   A 1 5  ? -8.977  4.164   8.449   1.00 47.73  ? 5   A   A P     1 
ATOM   88  O  OP1   . A   A 1 5  ? -9.049  2.700   8.752   1.00 49.50  ? 5   A   A OP1   1 
ATOM   89  O  OP2   . A   A 1 5  ? -10.249 4.895   8.188   1.00 39.65  ? 5   A   A OP2   1 
ATOM   90  O  "O5'" . A   A 1 5  ? -8.162  4.861   9.641   1.00 47.17  ? 5   A   A "O5'" 1 
ATOM   91  C  "C5'" . A   A 1 5  ? -7.728  6.216   9.565   1.00 51.10  ? 5   A   A "C5'" 1 
ATOM   92  C  "C4'" . A   A 1 5  ? -7.262  6.739   10.908  1.00 50.80  ? 5   A   A "C4'" 1 
ATOM   93  O  "O4'" . A   A 1 5  ? -6.388  7.884   10.694  1.00 51.87  ? 5   A   A "O4'" 1 
ATOM   94  C  "C3'" . A   A 1 5  ? -8.364  7.234   11.840  1.00 45.68  ? 5   A   A "C3'" 1 
ATOM   95  O  "O3'" . A   A 1 5  ? -7.915  7.109   13.190  1.00 43.10  ? 5   A   A "O3'" 1 
ATOM   96  C  "C2'" . A   A 1 5  ? -8.428  8.718   11.485  1.00 53.54  ? 5   A   A "C2'" 1 
ATOM   97  O  "O2'" . A   A 1 5  ? -9.021  9.540   12.464  1.00 63.33  ? 5   A   A "O2'" 1 
ATOM   98  C  "C1'" . A   A 1 5  ? -6.950  9.034   11.310  1.00 49.90  ? 5   A   A "C1'" 1 
ATOM   99  N  N9    . A   A 1 5  ? -6.650  10.184  10.462  1.00 53.62  ? 5   A   A N9    1 
ATOM   100 C  C8    . A   A 1 5  ? -5.892  11.290  10.758  1.00 58.68  ? 5   A   A C8    1 
ATOM   101 N  N7    . A   A 1 5  ? -5.775  12.147  9.763   1.00 57.81  ? 5   A   A N7    1 
ATOM   102 C  C5    . A   A 1 5  ? -6.492  11.546  8.739   1.00 60.16  ? 5   A   A C5    1 
ATOM   103 C  C6    . A   A 1 5  ? -6.757  11.926  7.416   1.00 58.17  ? 5   A   A C6    1 
ATOM   104 N  N6    . A   A 1 5  ? -6.326  13.044  6.834   1.00 62.07  ? 5   A   A N6    1 
ATOM   105 N  N1    . A   A 1 5  ? -7.498  11.091  6.675   1.00 53.14  ? 5   A   A N1    1 
ATOM   106 C  C2    . A   A 1 5  ? -7.955  9.966   7.232   1.00 55.17  ? 5   A   A C2    1 
ATOM   107 N  N3    . A   A 1 5  ? -7.776  9.491   8.455   1.00 52.25  ? 5   A   A N3    1 
ATOM   108 C  C4    . A   A 1 5  ? -7.029  10.341  9.162   1.00 55.67  ? 5   A   A C4    1 
HETATM 109 P  P     . 2PR A 1 6  ? -8.121  5.749   14.023  1.00 54.02  ? 6   2PR A P     1 
HETATM 110 O  OP1   . 2PR A 1 6  ? -9.555  5.304   14.086  1.00 43.49  ? 6   2PR A OP1   1 
HETATM 111 O  OP2   . 2PR A 1 6  ? -7.227  5.692   15.251  1.00 39.68  ? 6   2PR A OP2   1 
HETATM 112 O  "O5'" . 2PR A 1 6  ? -7.310  4.403   13.016  1.00 55.67  ? 6   2PR A "O5'" 1 
HETATM 113 C  "C5'" . 2PR A 1 6  ? -6.541  3.511   13.658  1.00 47.40  ? 6   2PR A "C5'" 1 
HETATM 114 C  "C4'" . 2PR A 1 6  ? -6.891  2.100   13.107  1.00 41.40  ? 6   2PR A "C4'" 1 
HETATM 115 O  "O4'" . 2PR A 1 6  ? -8.002  1.576   13.834  1.00 45.38  ? 6   2PR A "O4'" 1 
HETATM 116 C  "C3'" . 2PR A 1 6  ? -7.319  2.063   11.595  1.00 47.74  ? 6   2PR A "C3'" 1 
HETATM 117 O  "O3'" . 2PR A 1 6  ? -6.695  0.993   11.002  1.00 50.84  ? 6   2PR A "O3'" 1 
HETATM 118 C  "C2'" . 2PR A 1 6  ? -8.813  1.745   11.689  1.00 44.19  ? 6   2PR A "C2'" 1 
HETATM 119 C  "C1'" . 2PR A 1 6  ? -8.773  0.871   12.940  1.00 43.48  ? 6   2PR A "C1'" 1 
HETATM 120 N  N9    . 2PR A 1 6  ? -10.138 0.677   13.489  1.00 45.33  ? 6   2PR A N9    1 
HETATM 121 C  C8    . 2PR A 1 6  ? -11.144 -0.145  12.913  1.00 50.90  ? 6   2PR A C8    1 
HETATM 122 N  N7    . 2PR A 1 6  ? -12.262 -0.132  13.622  1.00 53.20  ? 6   2PR A N7    1 
HETATM 123 C  C5    . 2PR A 1 6  ? -12.011 0.726   14.721  1.00 52.41  ? 6   2PR A C5    1 
HETATM 124 C  C6    . 2PR A 1 6  ? -12.821 1.119   15.801  1.00 53.57  ? 6   2PR A C6    1 
HETATM 125 N  N1    . 2PR A 1 6  ? -12.396 1.949   16.753  1.00 39.30  ? 6   2PR A N1    1 
HETATM 126 C  C2    . 2PR A 1 6  ? -11.065 2.398   16.584  1.00 61.12  ? 6   2PR A C2    1 
HETATM 127 N  N2    . 2PR A 1 6  ? -10.600 3.272   17.563  1.00 69.01  ? 6   2PR A N2    1 
HETATM 128 N  N3    . 2PR A 1 6  ? -10.143 2.088   15.568  1.00 58.91  ? 6   2PR A N3    1 
HETATM 129 C  C4    . 2PR A 1 6  ? -10.690 1.238   14.649  1.00 44.51  ? 6   2PR A C4    1 
ATOM   130 P  P     . G   A 1 7  ? -5.303  1.188   10.229  1.00 55.05  ? 7   G   A P     1 
ATOM   131 O  OP1   . G   A 1 7  ? -5.241  0.146   9.168   1.00 47.86  ? 7   G   A OP1   1 
ATOM   132 O  OP2   . G   A 1 7  ? -4.206  1.231   11.226  1.00 68.81  ? 7   G   A OP2   1 
ATOM   133 O  "O5'" . G   A 1 7  ? -5.413  2.656   9.620   1.00 48.24  ? 7   G   A "O5'" 1 
ATOM   134 C  "C5'" . G   A 1 7  ? -5.624  2.852   8.229   1.00 55.21  ? 7   G   A "C5'" 1 
ATOM   135 C  "C4'" . G   A 1 7  ? -4.843  4.033   7.702   1.00 61.94  ? 7   G   A "C4'" 1 
ATOM   136 O  "O4'" . G   A 1 7  ? -4.839  5.098   8.696   1.00 61.70  ? 7   G   A "O4'" 1 
ATOM   137 C  "C3'" . G   A 1 7  ? -3.373  3.759   7.388   1.00 60.94  ? 7   G   A "C3'" 1 
ATOM   138 O  "O3'" . G   A 1 7  ? -2.953  4.647   6.354   1.00 59.91  ? 7   G   A "O3'" 1 
ATOM   139 C  "C2'" . G   A 1 7  ? -2.695  4.205   8.661   1.00 54.38  ? 7   G   A "C2'" 1 
ATOM   140 O  "O2'" . G   A 1 7  ? -1.325  4.496   8.509   1.00 66.09  ? 7   G   A "O2'" 1 
ATOM   141 C  "C1'" . G   A 1 7  ? -3.504  5.453   8.973   1.00 55.69  ? 7   G   A "C1'" 1 
ATOM   142 N  N9    . G   A 1 7  ? -3.352  5.926   10.347  1.00 60.40  ? 7   G   A N9    1 
ATOM   143 C  C8    . G   A 1 7  ? -3.276  5.149   11.470  1.00 65.30  ? 7   G   A C8    1 
ATOM   144 N  N7    . G   A 1 7  ? -3.073  5.844   12.550  1.00 65.21  ? 7   G   A N7    1 
ATOM   145 C  C5    . G   A 1 7  ? -2.991  7.156   12.108  1.00 62.70  ? 7   G   A C5    1 
ATOM   146 C  C6    . G   A 1 7  ? -2.767  8.352   12.839  1.00 62.75  ? 7   G   A C6    1 
ATOM   147 O  O6    . G   A 1 7  ? -2.598  8.488   14.069  1.00 57.32  ? 7   G   A O6    1 
ATOM   148 N  N1    . G   A 1 7  ? -2.756  9.456   11.990  1.00 58.01  ? 7   G   A N1    1 
ATOM   149 C  C2    . G   A 1 7  ? -2.930  9.423   10.631  1.00 58.53  ? 7   G   A C2    1 
ATOM   150 N  N2    . G   A 1 7  ? -2.879  10.609  9.998   1.00 54.20  ? 7   G   A N2    1 
ATOM   151 N  N3    . G   A 1 7  ? -3.136  8.310   9.956   1.00 61.90  ? 7   G   A N3    1 
ATOM   152 C  C4    . G   A 1 7  ? -3.153  7.225   10.749  1.00 59.27  ? 7   G   A C4    1 
ATOM   153 P  P     . A   A 1 8  ? -2.200  4.101   5.044   1.00 60.59  ? 8   A   A P     1 
ATOM   154 O  OP1   . A   A 1 8  ? -1.875  2.651   5.160   1.00 58.45  ? 8   A   A OP1   1 
ATOM   155 O  OP2   . A   A 1 8  ? -1.130  5.064   4.674   1.00 64.45  ? 8   A   A OP2   1 
ATOM   156 O  "O5'" . A   A 1 8  ? -3.351  4.186   3.962   1.00 65.95  ? 8   A   A "O5'" 1 
ATOM   157 C  "C5'" . A   A 1 8  ? -3.055  4.106   2.584   1.00 67.78  ? 8   A   A "C5'" 1 
ATOM   158 C  "C4'" . A   A 1 8  ? -3.693  5.248   1.855   1.00 56.83  ? 8   A   A "C4'" 1 
ATOM   159 O  "O4'" . A   A 1 8  ? -4.166  6.232   2.812   1.00 56.92  ? 8   A   A "O4'" 1 
ATOM   160 C  "C3'" . A   A 1 8  ? -2.754  6.028   0.970   1.00 57.14  ? 8   A   A "C3'" 1 
ATOM   161 O  "O3'" . A   A 1 8  ? -2.528  5.387   -0.252  1.00 52.08  ? 8   A   A "O3'" 1 
ATOM   162 C  "C2'" . A   A 1 8  ? -3.435  7.375   0.870   1.00 60.20  ? 8   A   A "C2'" 1 
ATOM   163 O  "O2'" . A   A 1 8  ? -4.550  7.302   -0.002  1.00 60.92  ? 8   A   A "O2'" 1 
ATOM   164 C  "C1'" . A   A 1 8  ? -3.942  7.531   2.306   1.00 63.09  ? 8   A   A "C1'" 1 
ATOM   165 N  N9    . A   A 1 8  ? -2.930  8.151   3.178   1.00 63.41  ? 8   A   A N9    1 
ATOM   166 C  C8    . A   A 1 8  ? -2.602  7.697   4.428   1.00 62.88  ? 8   A   A C8    1 
ATOM   167 N  N7    . A   A 1 8  ? -1.668  8.402   5.019   1.00 68.37  ? 8   A   A N7    1 
ATOM   168 C  C5    . A   A 1 8  ? -1.350  9.384   4.088   1.00 68.73  ? 8   A   A C5    1 
ATOM   169 C  C6    . A   A 1 8  ? -0.423  10.447  4.119   1.00 68.55  ? 8   A   A C6    1 
ATOM   170 N  N6    . A   A 1 8  ? 0.369   10.685  5.172   1.00 71.27  ? 8   A   A N6    1 
ATOM   171 N  N1    . A   A 1 8  ? -0.351  11.261  3.032   1.00 65.79  ? 8   A   A N1    1 
ATOM   172 C  C2    . A   A 1 8  ? -1.159  11.007  1.996   1.00 66.75  ? 8   A   A C2    1 
ATOM   173 N  N3    . A   A 1 8  ? -2.066  10.038  1.849   1.00 64.34  ? 8   A   A N3    1 
ATOM   174 C  C4    . A   A 1 8  ? -2.123  9.248   2.941   1.00 64.62  ? 8   A   A C4    1 
ATOM   175 P  P     . A   A 1 9  ? -1.082  4.757   -0.491  1.00 54.35  ? 9   A   A P     1 
ATOM   176 O  OP1   . A   A 1 9  ? -1.203  3.721   -1.551  1.00 77.41  ? 9   A   A OP1   1 
ATOM   177 O  OP2   . A   A 1 9  ? -0.510  4.414   0.833   1.00 54.71  ? 9   A   A OP2   1 
ATOM   178 O  "O5'" . A   A 1 9  ? -0.285  5.970   -1.122  1.00 60.85  ? 9   A   A "O5'" 1 
ATOM   179 C  "C5'" . A   A 1 9  ? -0.783  6.570   -2.304  1.00 72.08  ? 9   A   A "C5'" 1 
ATOM   180 C  "C4'" . A   A 1 9  ? -0.124  7.890   -2.561  1.00 69.57  ? 9   A   A "C4'" 1 
ATOM   181 O  "O4'" . A   A 1 9  ? -0.435  8.798   -1.474  1.00 64.31  ? 9   A   A "O4'" 1 
ATOM   182 C  "C3'" . A   A 1 9  ? 1.390   7.856   -2.595  1.00 68.52  ? 9   A   A "C3'" 1 
ATOM   183 O  "O3'" . A   A 1 9  ? 1.901   7.437   -3.854  1.00 74.42  ? 9   A   A "O3'" 1 
ATOM   184 C  "C2'" . A   A 1 9  ? 1.745   9.281   -2.231  1.00 73.96  ? 9   A   A "C2'" 1 
ATOM   185 O  "O2'" . A   A 1 9  ? 1.506   10.126  -3.344  1.00 81.00  ? 9   A   A "O2'" 1 
ATOM   186 C  "C1'" . A   A 1 9  ? 0.689   9.587   -1.175  1.00 70.28  ? 9   A   A "C1'" 1 
ATOM   187 N  N9    . A   A 1 9  ? 1.136   9.249   0.198   1.00 74.72  ? 9   A   A N9    1 
ATOM   188 C  C8    . A   A 1 9  ? 0.733   8.172   0.956   1.00 71.35  ? 9   A   A C8    1 
ATOM   189 N  N7    . A   A 1 9  ? 1.271   8.118   2.152   1.00 62.80  ? 9   A   A N7    1 
ATOM   190 C  C5    . A   A 1 9  ? 2.076   9.242   2.187   1.00 68.17  ? 9   A   A C5    1 
ATOM   191 C  C6    . A   A 1 9  ? 2.913   9.742   3.191   1.00 77.38  ? 9   A   A C6    1 
ATOM   192 N  N6    . A   A 1 9  ? 3.067   9.136   4.372   1.00 79.35  ? 9   A   A N6    1 
ATOM   193 N  N1    . A   A 1 9  ? 3.587   10.884  2.939   1.00 67.60  ? 9   A   A N1    1 
ATOM   194 C  C2    . A   A 1 9  ? 3.414   11.464  1.742   1.00 70.02  ? 9   A   A C2    1 
ATOM   195 N  N3    . A   A 1 9  ? 2.657   11.090  0.715   1.00 62.55  ? 9   A   A N3    1 
ATOM   196 C  C4    . A   A 1 9  ? 2.003   9.955   1.005   1.00 66.98  ? 9   A   A C4    1 
ATOM   197 P  P     . C   A 1 10 ? 3.131   6.390   -3.941  1.00 86.79  ? 10  C   A P     1 
ATOM   198 O  OP1   . C   A 1 10 ? 3.502   6.230   -5.378  1.00 75.90  ? 10  C   A OP1   1 
ATOM   199 O  OP2   . C   A 1 10 ? 2.831   5.185   -3.115  1.00 68.79  ? 10  C   A OP2   1 
ATOM   200 O  "O5'" . C   A 1 10 ? 4.324   7.157   -3.226  1.00 75.95  ? 10  C   A "O5'" 1 
ATOM   201 C  "C5'" . C   A 1 10 ? 4.733   8.436   -3.671  1.00 71.79  ? 10  C   A "C5'" 1 
ATOM   202 C  "C4'" . C   A 1 10 ? 5.553   9.094   -2.610  1.00 70.67  ? 10  C   A "C4'" 1 
ATOM   203 O  "O4'" . C   A 1 10 ? 4.695   9.443   -1.494  1.00 63.57  ? 10  C   A "O4'" 1 
ATOM   204 C  "C3'" . C   A 1 10 ? 6.616   8.199   -1.991  1.00 80.92  ? 10  C   A "C3'" 1 
ATOM   205 O  "O3'" . C   A 1 10 ? 7.798   8.119   -2.762  1.00 84.55  ? 10  C   A "O3'" 1 
ATOM   206 C  "C2'" . C   A 1 10 ? 6.809   8.820   -0.620  1.00 85.72  ? 10  C   A "C2'" 1 
ATOM   207 O  "O2'" . C   A 1 10 ? 7.579   10.010  -0.718  1.00 76.78  ? 10  C   A "O2'" 1 
ATOM   208 C  "C1'" . C   A 1 10 ? 5.365   9.192   -0.275  1.00 81.41  ? 10  C   A "C1'" 1 
ATOM   209 N  N1    . C   A 1 10 ? 4.681   8.066   0.407   1.00 74.65  ? 10  C   A N1    1 
ATOM   210 C  C2    . C   A 1 10 ? 5.018   7.791   1.728   1.00 70.47  ? 10  C   A C2    1 
ATOM   211 O  O2    . C   A 1 10 ? 5.853   8.516   2.280   1.00 70.84  ? 10  C   A O2    1 
ATOM   212 N  N3    . C   A 1 10 ? 4.426   6.759   2.372   1.00 78.63  ? 10  C   A N3    1 
ATOM   213 C  C4    . C   A 1 10 ? 3.531   5.999   1.747   1.00 69.78  ? 10  C   A C4    1 
ATOM   214 N  N4    . C   A 1 10 ? 2.972   4.997   2.424   1.00 66.43  ? 10  C   A N4    1 
ATOM   215 C  C5    . C   A 1 10 ? 3.171   6.245   0.396   1.00 71.87  ? 10  C   A C5    1 
ATOM   216 C  C6    . C   A 1 10 ? 3.762   7.273   -0.227  1.00 73.85  ? 10  C   A C6    1 
ATOM   217 P  P     . C   A 1 11 ? 8.446   6.689   -3.087  1.00 96.53  ? 11  C   A P     1 
ATOM   218 O  OP1   . C   A 1 11 ? 9.169   6.825   -4.380  1.00 95.44  ? 11  C   A OP1   1 
ATOM   219 O  OP2   . C   A 1 11 ? 7.422   5.631   -2.880  1.00 88.94  ? 11  C   A OP2   1 
ATOM   220 O  "O5'" . C   A 1 11 ? 9.540   6.514   -1.954  1.00 85.58  ? 11  C   A "O5'" 1 
ATOM   221 C  "C5'" . C   A 1 11 ? 10.545  7.493   -1.777  1.00 85.91  ? 11  C   A "C5'" 1 
ATOM   222 C  "C4'" . C   A 1 11 ? 11.207  7.324   -0.444  1.00 90.28  ? 11  C   A "C4'" 1 
ATOM   223 O  "O4'" . C   A 1 11 ? 10.273  7.690   0.610   1.00 85.34  ? 11  C   A "O4'" 1 
ATOM   224 C  "C3'" . C   A 1 11 ? 11.610  5.900   -0.095  1.00 84.71  ? 11  C   A "C3'" 1 
ATOM   225 O  "O3'" . C   A 1 11 ? 12.819  5.479   -0.713  1.00 82.37  ? 11  C   A "O3'" 1 
ATOM   226 C  "C2'" . C   A 1 11 ? 11.669  5.948   1.424   1.00 84.58  ? 11  C   A "C2'" 1 
ATOM   227 O  "O2'" . C   A 1 11 ? 12.861  6.594   1.851   1.00 87.88  ? 11  C   A "O2'" 1 
ATOM   228 C  "C1'" . C   A 1 11 ? 10.477  6.858   1.738   1.00 88.29  ? 11  C   A "C1'" 1 
ATOM   229 N  N1    . C   A 1 11 ? 9.243   6.069   2.003   1.00 87.51  ? 11  C   A N1    1 
ATOM   230 C  C2    . C   A 1 11 ? 9.082   5.452   3.259   1.00 78.03  ? 11  C   A C2    1 
ATOM   231 O  O2    . C   A 1 11 ? 9.956   5.583   4.133   1.00 78.18  ? 11  C   A O2    1 
ATOM   232 N  N3    . C   A 1 11 ? 7.971   4.720   3.508   1.00 76.38  ? 11  C   A N3    1 
ATOM   233 C  C4    . C   A 1 11 ? 7.041   4.579   2.565   1.00 73.94  ? 11  C   A C4    1 
ATOM   234 N  N4    . C   A 1 11 ? 5.971   3.840   2.863   1.00 70.95  ? 11  C   A N4    1 
ATOM   235 C  C5    . C   A 1 11 ? 7.172   5.191   1.281   1.00 74.03  ? 11  C   A C5    1 
ATOM   236 C  C6    . C   A 1 11 ? 8.274   5.917   1.042   1.00 81.41  ? 11  C   A C6    1 
ATOM   237 P  P     . G   A 1 12 ? 13.083  3.912   -1.012  1.00 93.38  ? 12  G   A P     1 
ATOM   238 O  OP1   . G   A 1 12 ? 14.355  3.781   -1.762  1.00 92.45  ? 12  G   A OP1   1 
ATOM   239 O  OP2   . G   A 1 12 ? 11.866  3.341   -1.636  1.00 96.81  ? 12  G   A OP2   1 
ATOM   240 O  "O5'" . G   A 1 12 ? 13.292  3.257   0.433   1.00 83.68  ? 12  G   A "O5'" 1 
ATOM   241 C  "C5'" . G   A 1 12 ? 14.282  3.761   1.320   1.00 79.56  ? 12  G   A "C5'" 1 
ATOM   242 C  "C4'" . G   A 1 12 ? 14.182  3.159   2.701   1.00 78.96  ? 12  G   A "C4'" 1 
ATOM   243 O  "O4'" . G   A 1 12 ? 12.989  3.617   3.400   1.00 75.70  ? 12  G   A "O4'" 1 
ATOM   244 C  "C3'" . G   A 1 12 ? 14.064  1.649   2.774   1.00 80.37  ? 12  G   A "C3'" 1 
ATOM   245 O  "O3'" . G   A 1 12 ? 15.261  0.961   2.475   1.00 88.62  ? 12  G   A "O3'" 1 
ATOM   246 C  "C2'" . G   A 1 12 ? 13.539  1.447   4.190   1.00 74.52  ? 12  G   A "C2'" 1 
ATOM   247 O  "O2'" . G   A 1 12 ? 14.555  1.665   5.161   1.00 64.41  ? 12  G   A "O2'" 1 
ATOM   248 C  "C1'" . G   A 1 12 ? 12.534  2.593   4.276   1.00 77.75  ? 12  G   A "C1'" 1 
ATOM   249 N  N9    . G   A 1 12 ? 11.220  2.115   3.816   1.00 74.84  ? 12  G   A N9    1 
ATOM   250 C  C8    . G   A 1 12 ? 10.539  2.444   2.663   1.00 77.95  ? 12  G   A C8    1 
ATOM   251 N  N7    . G   A 1 12 ? 9.405   1.802   2.553   1.00 75.15  ? 12  G   A N7    1 
ATOM   252 C  C5    . G   A 1 12 ? 9.353   0.999   3.691   1.00 70.37  ? 12  G   A C5    1 
ATOM   253 C  C6    . G   A 1 12 ? 8.368   0.081   4.123   1.00 71.49  ? 12  G   A C6    1 
ATOM   254 O  O6    . G   A 1 12 ? 7.297   -0.218  3.574   1.00 72.43  ? 12  G   A O6    1 
ATOM   255 N  N1    . G   A 1 12 ? 8.719   -0.509  5.333   1.00 71.01  ? 12  G   A N1    1 
ATOM   256 C  C2    . G   A 1 12 ? 9.867   -0.258  6.038   1.00 72.42  ? 12  G   A C2    1 
ATOM   257 N  N2    . G   A 1 12 ? 10.020  -0.936  7.189   1.00 73.69  ? 12  G   A N2    1 
ATOM   258 N  N3    . G   A 1 12 ? 10.793  0.591   5.640   1.00 69.28  ? 12  G   A N3    1 
ATOM   259 C  C4    . G   A 1 12 ? 10.468  1.175   4.475   1.00 67.45  ? 12  G   A C4    1 
ATOM   260 P  P     . G   A 1 13 ? 15.205  -0.303  1.490   1.00 70.22  ? 13  G   A P     1 
ATOM   261 O  OP1   . G   A 1 13 ? 16.537  -0.471  0.874   1.00 75.12  ? 13  G   A OP1   1 
ATOM   262 O  OP2   . G   A 1 13 ? 14.038  -0.093  0.596   1.00 82.90  ? 13  G   A OP2   1 
ATOM   263 O  "O5'" . G   A 1 13 ? 14.888  -1.519  2.465   1.00 61.65  ? 13  G   A "O5'" 1 
ATOM   264 C  "C5'" . G   A 1 13 ? 15.592  -1.651  3.691   1.00 69.67  ? 13  G   A "C5'" 1 
ATOM   265 C  "C4'" . G   A 1 13 ? 14.792  -2.386  4.740   1.00 70.26  ? 13  G   A "C4'" 1 
ATOM   266 O  "O4'" . G   A 1 13 ? 13.582  -1.648  5.048   1.00 65.01  ? 13  G   A "O4'" 1 
ATOM   267 C  "C3'" . G   A 1 13 ? 14.300  -3.774  4.362   1.00 65.79  ? 13  G   A "C3'" 1 
ATOM   268 O  "O3'" . G   A 1 13 ? 15.302  -4.773  4.494   1.00 70.83  ? 13  G   A "O3'" 1 
ATOM   269 C  "C2'" . G   A 1 13 ? 13.101  -3.964  5.286   1.00 68.99  ? 13  G   A "C2'" 1 
ATOM   270 O  "O2'" . G   A 1 13 ? 13.503  -4.336  6.593   1.00 64.61  ? 13  G   A "O2'" 1 
ATOM   271 C  "C1'" . G   A 1 13 ? 12.531  -2.546  5.341   1.00 73.09  ? 13  G   A "C1'" 1 
ATOM   272 N  N9    . G   A 1 13 ? 11.473  -2.371  4.336   1.00 70.39  ? 13  G   A N9    1 
ATOM   273 C  C8    . G   A 1 13 ? 11.479  -1.537  3.251   1.00 67.17  ? 13  G   A C8    1 
ATOM   274 N  N7    . G   A 1 13 ? 10.389  -1.642  2.540   1.00 74.37  ? 13  G   A N7    1 
ATOM   275 C  C5    . G   A 1 13 ? 9.628   -2.601  3.200   1.00 70.41  ? 13  G   A C5    1 
ATOM   276 C  C6    . G   A 1 13 ? 8.337   -3.122  2.905   1.00 72.50  ? 13  G   A C6    1 
ATOM   277 O  O6    . G   A 1 13 ? 7.592   -2.844  1.957   1.00 70.74  ? 13  G   A O6    1 
ATOM   278 N  N1    . G   A 1 13 ? 7.948   -4.071  3.849   1.00 73.55  ? 13  G   A N1    1 
ATOM   279 C  C2    . G   A 1 13 ? 8.706   -4.463  4.937   1.00 74.24  ? 13  G   A C2    1 
ATOM   280 N  N2    . G   A 1 13 ? 8.176   -5.397  5.742   1.00 71.13  ? 13  G   A N2    1 
ATOM   281 N  N3    . G   A 1 13 ? 9.902   -3.978  5.221   1.00 71.13  ? 13  G   A N3    1 
ATOM   282 C  C4    . G   A 1 13 ? 10.290  -3.058  4.317   1.00 68.55  ? 13  G   A C4    1 
ATOM   283 P  P     . G   A 1 14 ? 15.574  -5.819  3.299   1.00 81.85  ? 14  G   A P     1 
ATOM   284 O  OP1   . G   A 1 14 ? 16.672  -6.761  3.667   1.00 87.71  ? 14  G   A OP1   1 
ATOM   285 O  OP2   . G   A 1 14 ? 15.689  -4.988  2.074   1.00 72.67  ? 14  G   A OP2   1 
ATOM   286 O  "O5'" . G   A 1 14 ? 14.249  -6.706  3.230   1.00 85.74  ? 14  G   A "O5'" 1 
ATOM   287 C  "C5'" . G   A 1 14 ? 13.808  -7.459  4.352   1.00 83.75  ? 14  G   A "C5'" 1 
ATOM   288 C  "C4'" . G   A 1 14 ? 12.332  -7.766  4.266   1.00 84.29  ? 14  G   A "C4'" 1 
ATOM   289 O  "O4'" . G   A 1 14 ? 11.570  -6.532  4.150   1.00 70.46  ? 14  G   A "O4'" 1 
ATOM   290 C  "C3'" . G   A 1 14 ? 11.900  -8.600  3.071   1.00 79.83  ? 14  G   A "C3'" 1 
ATOM   291 O  "O3'" . G   A 1 14 ? 12.043  -9.984  3.320   1.00 85.61  ? 14  G   A "O3'" 1 
ATOM   292 C  "C2'" . G   A 1 14 ? 10.449  -8.183  2.864   1.00 81.22  ? 14  G   A "C2'" 1 
ATOM   293 O  "O2'" . G   A 1 14 ? 9.623   -8.878  3.786   1.00 87.92  ? 14  G   A "O2'" 1 
ATOM   294 C  "C1'" . G   A 1 14 ? 10.479  -6.713  3.278   1.00 71.76  ? 14  G   A "C1'" 1 
ATOM   295 N  N9    . G   A 1 14 ? 10.637  -5.767  2.159   1.00 68.21  ? 14  G   A N9    1 
ATOM   296 C  C8    . G   A 1 14 ? 11.799  -5.091  1.922   1.00 68.54  ? 14  G   A C8    1 
ATOM   297 N  N7    . G   A 1 14 ? 11.730  -4.270  0.922   1.00 71.62  ? 14  G   A N7    1 
ATOM   298 C  C5    . G   A 1 14 ? 10.426  -4.389  0.478   1.00 67.55  ? 14  G   A C5    1 
ATOM   299 C  C6    . G   A 1 14 ? 9.793   -3.719  -0.594  1.00 65.84  ? 14  G   A C6    1 
ATOM   300 O  O6    . G   A 1 14 ? 10.272  -2.887  -1.373  1.00 62.64  ? 14  G   A O6    1 
ATOM   301 N  N1    . G   A 1 14 ? 8.477   -4.118  -0.721  1.00 66.02  ? 14  G   A N1    1 
ATOM   302 C  C2    . G   A 1 14 ? 7.856   -5.038  0.078   1.00 68.92  ? 14  G   A C2    1 
ATOM   303 N  N2    . G   A 1 14 ? 6.572   -5.262  -0.231  1.00 74.48  ? 14  G   A N2    1 
ATOM   304 N  N3    . G   A 1 14 ? 8.435   -5.675  1.089   1.00 68.00  ? 14  G   A N3    1 
ATOM   305 C  C4    . G   A 1 14 ? 9.725   -5.309  1.230   1.00 68.30  ? 14  G   A C4    1 
ATOM   306 P  P     . G   A 1 15 ? 13.188  -10.819 2.568   1.00 97.88  ? 15  G   A P     1 
ATOM   307 O  OP1   . G   A 1 15 ? 13.511  -12.015 3.391   1.00 93.57  ? 15  G   A OP1   1 
ATOM   308 O  OP2   . G   A 1 15 ? 14.265  -9.873  2.162   1.00 87.25  ? 15  G   A OP2   1 
ATOM   309 O  "O5'" . G   A 1 15 ? 12.466  -11.374 1.267   1.00 83.55  ? 15  G   A "O5'" 1 
ATOM   310 C  "C5'" . G   A 1 15 ? 11.565  -12.468 1.365   1.00 79.65  ? 15  G   A "C5'" 1 
ATOM   311 C  "C4'" . G   A 1 15 ? 10.396  -12.291 0.434   1.00 77.86  ? 15  G   A "C4'" 1 
ATOM   312 O  "O4'" . G   A 1 15 ? 10.247  -10.877 0.125   1.00 76.75  ? 15  G   A "O4'" 1 
ATOM   313 C  "C3'" . G   A 1 15 ? 10.533  -13.009 -0.905  1.00 72.35  ? 15  G   A "C3'" 1 
ATOM   314 O  "O3'" . G   A 1 15 ? 9.254   -13.459 -1.334  1.00 81.34  ? 15  G   A "O3'" 1 
ATOM   315 C  "C2'" . G   A 1 15 ? 11.011  -11.907 -1.835  1.00 74.45  ? 15  G   A "C2'" 1 
ATOM   316 O  "O2'" . G   A 1 15 ? 10.697  -12.116 -3.192  1.00 88.57  ? 15  G   A "O2'" 1 
ATOM   317 C  "C1'" . G   A 1 15 ? 10.279  -10.696 -1.277  1.00 75.21  ? 15  G   A "C1'" 1 
ATOM   318 N  N9    . G   A 1 15 ? 10.942  -9.430  -1.589  1.00 72.24  ? 15  G   A N9    1 
ATOM   319 C  C8    . G   A 1 15 ? 12.290  -9.189  -1.592  1.00 73.27  ? 15  G   A C8    1 
ATOM   320 N  N7    . G   A 1 15 ? 12.582  -7.966  -1.934  1.00 79.78  ? 15  G   A N7    1 
ATOM   321 C  C5    . G   A 1 15 ? 11.360  -7.365  -2.174  1.00 69.89  ? 15  G   A C5    1 
ATOM   322 C  C6    . G   A 1 15 ? 11.064  -6.044  -2.580  1.00 64.55  ? 15  G   A C6    1 
ATOM   323 O  O6    . G   A 1 15 ? 11.832  -5.097  -2.821  1.00 56.86  ? 15  G   A O6    1 
ATOM   324 N  N1    . G   A 1 15 ? 9.692   -5.884  -2.702  1.00 68.38  ? 15  G   A N1    1 
ATOM   325 C  C2    . G   A 1 15 ? 8.743   -6.850  -2.469  1.00 70.99  ? 15  G   A C2    1 
ATOM   326 N  N2    . G   A 1 15 ? 7.468   -6.473  -2.651  1.00 67.77  ? 15  G   A N2    1 
ATOM   327 N  N3    . G   A 1 15 ? 9.011   -8.087  -2.094  1.00 74.09  ? 15  G   A N3    1 
ATOM   328 C  C4    . G   A 1 15 ? 10.336  -8.263  -1.968  1.00 72.80  ? 15  G   A C4    1 
ATOM   329 P  P     . A   A 1 16 ? 9.061   -14.990 -1.788  1.00 102.86 ? 16  A   A P     1 
ATOM   330 O  OP1   . A   A 1 16 ? 9.146   -15.835 -0.564  1.00 105.18 ? 16  A   A OP1   1 
ATOM   331 O  OP2   . A   A 1 16 ? 9.996   -15.262 -2.916  1.00 86.61  ? 16  A   A OP2   1 
ATOM   332 O  "O5'" . A   A 1 16 ? 7.568   -15.043 -2.341  1.00 90.16  ? 16  A   A "O5'" 1 
ATOM   333 C  "C5'" . A   A 1 16 ? 6.458   -15.018 -1.449  1.00 79.44  ? 16  A   A "C5'" 1 
ATOM   334 C  "C4'" . A   A 1 16 ? 5.168   -14.719 -2.172  1.00 73.22  ? 16  A   A "C4'" 1 
ATOM   335 O  "O4'" . A   A 1 16 ? 5.100   -13.299 -2.478  1.00 69.06  ? 16  A   A "O4'" 1 
ATOM   336 C  "C3'" . A   A 1 16 ? 4.971   -15.449 -3.501  1.00 69.54  ? 16  A   A "C3'" 1 
ATOM   337 O  "O3'" . A   A 1 16 ? 3.586   -15.688 -3.690  1.00 79.85  ? 16  A   A "O3'" 1 
ATOM   338 C  "C2'" . A   A 1 16 ? 5.397   -14.409 -4.520  1.00 72.79  ? 16  A   A "C2'" 1 
ATOM   339 O  "O2'" . A   A 1 16 ? 4.837   -14.588 -5.805  1.00 68.09  ? 16  A   A "O2'" 1 
ATOM   340 C  "C1'" . A   A 1 16 ? 4.894   -13.126 -3.864  1.00 69.96  ? 16  A   A "C1'" 1 
ATOM   341 N  N9    . A   A 1 16 ? 5.621   -11.938 -4.296  1.00 61.90  ? 16  A   A N9    1 
ATOM   342 C  C8    . A   A 1 16 ? 6.963   -11.710 -4.164  1.00 67.51  ? 16  A   A C8    1 
ATOM   343 N  N7    . A   A 1 16 ? 7.347   -10.568 -4.663  1.00 73.35  ? 16  A   A N7    1 
ATOM   344 C  C5    . A   A 1 16 ? 6.172   -10.016 -5.152  1.00 62.40  ? 16  A   A C5    1 
ATOM   345 C  C6    . A   A 1 16 ? 5.909   -8.801  -5.805  1.00 54.65  ? 16  A   A C6    1 
ATOM   346 N  N6    . A   A 1 16 ? 6.851   -7.896  -6.072  1.00 55.53  ? 16  A   A N6    1 
ATOM   347 N  N1    . A   A 1 16 ? 4.629   -8.556  -6.160  1.00 55.90  ? 16  A   A N1    1 
ATOM   348 C  C2    . A   A 1 16 ? 3.691   -9.473  -5.882  1.00 59.36  ? 16  A   A C2    1 
ATOM   349 N  N3    . A   A 1 16 ? 3.818   -10.648 -5.281  1.00 62.15  ? 16  A   A N3    1 
ATOM   350 C  C4    . A   A 1 16 ? 5.097   -10.855 -4.935  1.00 61.40  ? 16  A   A C4    1 
ATOM   351 P  P     . G   A 1 17 ? 2.945   -17.116 -3.351  1.00 91.93  ? 17  G   A P     1 
ATOM   352 O  OP1   . G   A 1 17 ? 3.795   -17.749 -2.300  1.00 75.10  ? 17  G   A OP1   1 
ATOM   353 O  OP2   . G   A 1 17 ? 2.660   -17.789 -4.658  1.00 74.96  ? 17  G   A OP2   1 
ATOM   354 O  "O5'" . G   A 1 17 ? 1.555   -16.740 -2.664  1.00 88.70  ? 17  G   A "O5'" 1 
ATOM   355 C  "C5'" . G   A 1 17 ? 0.611   -15.912 -3.331  1.00 81.04  ? 17  G   A "C5'" 1 
ATOM   356 C  "C4'" . G   A 1 17 ? 0.901   -14.448 -3.106  1.00 79.81  ? 17  G   A "C4'" 1 
ATOM   357 O  "O4'" . G   A 1 17 ? 1.547   -13.898 -4.280  1.00 71.79  ? 17  G   A "O4'" 1 
ATOM   358 C  "C3'" . G   A 1 17 ? -0.314  -13.559 -2.887  1.00 75.73  ? 17  G   A "C3'" 1 
ATOM   359 O  "O3'" . G   A 1 17 ? -0.761  -13.568 -1.538  1.00 77.73  ? 17  G   A "O3'" 1 
ATOM   360 C  "C2'" . G   A 1 17 ? 0.174   -12.194 -3.349  1.00 68.28  ? 17  G   A "C2'" 1 
ATOM   361 O  "O2'" . G   A 1 17 ? 0.917   -11.561 -2.317  1.00 71.42  ? 17  G   A "O2'" 1 
ATOM   362 C  "C1'" . G   A 1 17 ? 1.132   -12.569 -4.481  1.00 62.55  ? 17  G   A "C1'" 1 
ATOM   363 N  N9    . G   A 1 17 ? 0.511   -12.473 -5.815  1.00 59.28  ? 17  G   A N9    1 
ATOM   364 C  C8    . G   A 1 17 ? 0.443   -13.475 -6.762  1.00 63.30  ? 17  G   A C8    1 
ATOM   365 N  N7    . G   A 1 17 ? -0.153  -13.115 -7.870  1.00 50.80  ? 17  G   A N7    1 
ATOM   366 C  C5    . G   A 1 17 ? -0.495  -11.791 -7.633  1.00 47.28  ? 17  G   A C5    1 
ATOM   367 C  C6    . G   A 1 17 ? -1.152  -10.865 -8.473  1.00 49.77  ? 17  G   A C6    1 
ATOM   368 O  O6    . G   A 1 17 ? -1.580  -11.043 -9.620  1.00 56.23  ? 17  G   A O6    1 
ATOM   369 N  N1    . G   A 1 17 ? -1.298  -9.623  -7.864  1.00 48.35  ? 17  G   A N1    1 
ATOM   370 C  C2    . G   A 1 17 ? -0.864  -9.301  -6.604  1.00 45.63  ? 17  G   A C2    1 
ATOM   371 N  N2    . G   A 1 17 ? -1.101  -8.047  -6.206  1.00 45.93  ? 17  G   A N2    1 
ATOM   372 N  N3    . G   A 1 17 ? -0.240  -10.153 -5.803  1.00 55.86  ? 17  G   A N3    1 
ATOM   373 C  C4    . G   A 1 17 ? -0.088  -11.371 -6.379  1.00 56.09  ? 17  G   A C4    1 
ATOM   374 P  P     . C   A 1 18 ? -2.315  -13.813 -1.207  1.00 74.35  ? 18  C   A P     1 
ATOM   375 O  OP1   . C   A 1 18 ? -2.430  -14.315 0.189   1.00 80.10  ? 18  C   A OP1   1 
ATOM   376 O  OP2   . C   A 1 18 ? -2.882  -14.611 -2.344  1.00 62.25  ? 18  C   A OP2   1 
ATOM   377 O  "O5'" . C   A 1 18 ? -2.961  -12.356 -1.275  1.00 68.77  ? 18  C   A "O5'" 1 
ATOM   378 C  "C5'" . C   A 1 18 ? -2.455  -11.272 -0.514  1.00 58.71  ? 18  C   A "C5'" 1 
ATOM   379 C  "C4'" . C   A 1 18 ? -2.984  -9.949  -1.025  1.00 64.51  ? 18  C   A "C4'" 1 
ATOM   380 O  "O4'" . C   A 1 18 ? -2.367  -9.635  -2.302  1.00 66.56  ? 18  C   A "O4'" 1 
ATOM   381 C  "C3'" . C   A 1 18 ? -4.477  -9.867  -1.330  1.00 72.62  ? 18  C   A "C3'" 1 
ATOM   382 O  "O3'" . C   A 1 18 ? -5.311  -9.725  -0.188  1.00 76.01  ? 18  C   A "O3'" 1 
ATOM   383 C  "C2'" . C   A 1 18 ? -4.548  -8.683  -2.284  1.00 62.91  ? 18  C   A "C2'" 1 
ATOM   384 O  "O2'" . C   A 1 18 ? -4.429  -7.468  -1.566  1.00 61.67  ? 18  C   A "O2'" 1 
ATOM   385 C  "C1'" . C   A 1 18 ? -3.268  -8.874  -3.092  1.00 58.61  ? 18  C   A "C1'" 1 
ATOM   386 N  N1    . C   A 1 18 ? -3.512  -9.564  -4.381  1.00 54.52  ? 18  C   A N1    1 
ATOM   387 C  C2    . C   A 1 18 ? -4.004  -8.818  -5.474  1.00 53.19  ? 18  C   A C2    1 
ATOM   388 O  O2    . C   A 1 18 ? -4.232  -7.601  -5.340  1.00 45.55  ? 18  C   A O2    1 
ATOM   389 N  N3    . C   A 1 18 ? -4.218  -9.449  -6.657  1.00 51.49  ? 18  C   A N3    1 
ATOM   390 C  C4    . C   A 1 18 ? -3.966  -10.758 -6.776  1.00 50.90  ? 18  C   A C4    1 
ATOM   391 N  N4    . C   A 1 18 ? -4.194  -11.349 -7.953  1.00 44.52  ? 18  C   A N4    1 
ATOM   392 C  C5    . C   A 1 18 ? -3.467  -11.525 -5.684  1.00 54.99  ? 18  C   A C5    1 
ATOM   393 C  C6    . C   A 1 18 ? -3.255  -10.899 -4.518  1.00 55.15  ? 18  C   A C6    1 
ATOM   394 P  P     . C   A 1 19 ? -6.832  -10.262 -0.237  1.00 71.37  ? 19  C   A P     1 
ATOM   395 O  OP1   . C   A 1 19 ? -7.368  -10.147 1.144   1.00 78.04  ? 19  C   A OP1   1 
ATOM   396 O  OP2   . C   A 1 19 ? -6.885  -11.596 -0.909  1.00 63.57  ? 19  C   A OP2   1 
ATOM   397 O  "O5'" . C   A 1 19 ? -7.584  -9.198  -1.158  1.00 59.85  ? 19  C   A "O5'" 1 
ATOM   398 C  "C5'" . C   A 1 19 ? -7.712  -7.854  -0.735  1.00 58.49  ? 19  C   A "C5'" 1 
ATOM   399 C  "C4'" . C   A 1 19 ? -8.382  -7.004  -1.784  1.00 68.82  ? 19  C   A "C4'" 1 
ATOM   400 O  "O4'" . C   A 1 19 ? -7.608  -7.010  -3.008  1.00 71.21  ? 19  C   A "O4'" 1 
ATOM   401 C  "C3'" . C   A 1 19 ? -9.771  -7.430  -2.240  1.00 62.98  ? 19  C   A "C3'" 1 
ATOM   402 O  "O3'" . C   A 1 19 ? -10.795 -7.070  -1.324  1.00 62.17  ? 19  C   A "O3'" 1 
ATOM   403 C  "C2'" . C   A 1 19 ? -9.901  -6.721  -3.582  1.00 59.11  ? 19  C   A "C2'" 1 
ATOM   404 O  "O2'" . C   A 1 19 ? -10.230 -5.355  -3.386  1.00 71.49  ? 19  C   A "O2'" 1 
ATOM   405 C  "C1'" . C   A 1 19 ? -8.465  -6.796  -4.112  1.00 61.97  ? 19  C   A "C1'" 1 
ATOM   406 N  N1    . C   A 1 19 ? -8.292  -7.889  -5.094  1.00 61.20  ? 19  C   A N1    1 
ATOM   407 C  C2    . C   A 1 19 ? -8.799  -7.702  -6.404  1.00 59.99  ? 19  C   A C2    1 
ATOM   408 O  O2    . C   A 1 19 ? -9.381  -6.628  -6.704  1.00 57.74  ? 19  C   A O2    1 
ATOM   409 N  N3    . C   A 1 19 ? -8.657  -8.705  -7.315  1.00 45.55  ? 19  C   A N3    1 
ATOM   410 C  C4    . C   A 1 19 ? -8.043  -9.831  -6.947  1.00 50.51  ? 19  C   A C4    1 
ATOM   411 N  N4    . C   A 1 19 ? -7.919  -10.798 -7.852  1.00 54.89  ? 19  C   A N4    1 
ATOM   412 C  C5    . C   A 1 19 ? -7.525  -10.035 -5.633  1.00 55.07  ? 19  C   A C5    1 
ATOM   413 C  C6    . C   A 1 19 ? -7.668  -9.053  -4.737  1.00 52.29  ? 19  C   A C6    1 
ATOM   414 O  "O5'" . G   B 1 1  ? -10.623 -10.127 -16.904 1.00 49.31  ? 1   G   B "O5'" 1 
ATOM   415 C  "C5'" . G   B 1 1  ? -11.388 -9.089  -17.493 1.00 54.03  ? 1   G   B "C5'" 1 
ATOM   416 C  "C4'" . G   B 1 1  ? -11.554 -7.927  -16.549 1.00 57.52  ? 1   G   B "C4'" 1 
ATOM   417 O  "O4'" . G   B 1 1  ? -12.339 -8.347  -15.394 1.00 57.36  ? 1   G   B "O4'" 1 
ATOM   418 C  "C3'" . G   B 1 1  ? -10.275 -7.387  -15.930 1.00 64.01  ? 1   G   B "C3'" 1 
ATOM   419 O  "O3'" . G   B 1 1  ? -9.513  -6.539  -16.773 1.00 59.07  ? 1   G   B "O3'" 1 
ATOM   420 C  "C2'" . G   B 1 1  ? -10.797 -6.722  -14.666 1.00 61.48  ? 1   G   B "C2'" 1 
ATOM   421 O  "O2'" . G   B 1 1  ? -11.506 -5.539  -14.996 1.00 67.31  ? 1   G   B "O2'" 1 
ATOM   422 C  "C1'" . G   B 1 1  ? -11.813 -7.760  -14.218 1.00 51.51  ? 1   G   B "C1'" 1 
ATOM   423 N  N9    . G   B 1 1  ? -11.158 -8.835  -13.457 1.00 50.06  ? 1   G   B N9    1 
ATOM   424 C  C8    . G   B 1 1  ? -10.980 -10.096 -13.947 1.00 55.01  ? 1   G   B C8    1 
ATOM   425 N  N7    . G   B 1 1  ? -10.364 -10.892 -13.126 1.00 59.44  ? 1   G   B N7    1 
ATOM   426 C  C5    . G   B 1 1  ? -10.115 -10.101 -12.024 1.00 53.56  ? 1   G   B C5    1 
ATOM   427 C  C6    . G   B 1 1  ? -9.466  -10.462 -10.830 1.00 57.29  ? 1   G   B C6    1 
ATOM   428 O  O6    . G   B 1 1  ? -8.993  -11.572 -10.542 1.00 61.88  ? 1   G   B O6    1 
ATOM   429 N  N1    . G   B 1 1  ? -9.402  -9.384  -9.954  1.00 53.91  ? 1   G   B N1    1 
ATOM   430 C  C2    . G   B 1 1  ? -9.902  -8.132  -10.214 1.00 52.67  ? 1   G   B C2    1 
ATOM   431 N  N2    . G   B 1 1  ? -9.734  -7.237  -9.236  1.00 51.31  ? 1   G   B N2    1 
ATOM   432 N  N3    . G   B 1 1  ? -10.515 -7.780  -11.337 1.00 51.47  ? 1   G   B N3    1 
ATOM   433 C  C4    . G   B 1 1  ? -10.591 -8.820  -12.200 1.00 51.73  ? 1   G   B C4    1 
ATOM   434 P  P     . G   B 1 2  ? -7.919  -6.430  -16.537 1.00 77.13  ? 2   G   B P     1 
ATOM   435 O  OP1   . G   B 1 2  ? -7.313  -5.645  -17.654 1.00 74.55  ? 2   G   B OP1   1 
ATOM   436 O  OP2   . G   B 1 2  ? -7.380  -7.778  -16.230 1.00 75.17  ? 2   G   B OP2   1 
ATOM   437 O  "O5'" . G   B 1 2  ? -7.798  -5.595  -15.193 1.00 49.14  ? 2   G   B "O5'" 1 
ATOM   438 C  "C5'" . G   B 1 2  ? -8.372  -4.306  -15.101 1.00 51.79  ? 2   G   B "C5'" 1 
ATOM   439 C  "C4'" . G   B 1 2  ? -8.074  -3.736  -13.760 1.00 51.76  ? 2   G   B "C4'" 1 
ATOM   440 O  "O4'" . G   B 1 2  ? -8.709  -4.576  -12.767 1.00 55.66  ? 2   G   B "O4'" 1 
ATOM   441 C  "C3'" . G   B 1 2  ? -6.609  -3.797  -13.386 1.00 56.08  ? 2   G   B "C3'" 1 
ATOM   442 O  "O3'" . G   B 1 2  ? -5.826  -2.759  -13.931 1.00 64.87  ? 2   G   B "O3'" 1 
ATOM   443 C  "C2'" . G   B 1 2  ? -6.662  -3.816  -11.874 1.00 54.42  ? 2   G   B "C2'" 1 
ATOM   444 O  "O2'" . G   B 1 2  ? -7.009  -2.529  -11.392 1.00 61.99  ? 2   G   B "O2'" 1 
ATOM   445 C  "C1'" . G   B 1 2  ? -7.848  -4.739  -11.658 1.00 52.73  ? 2   G   B "C1'" 1 
ATOM   446 N  N9    . G   B 1 2  ? -7.418  -6.149  -11.601 1.00 49.46  ? 2   G   B N9    1 
ATOM   447 C  C8    . G   B 1 2  ? -7.513  -7.113  -12.579 1.00 55.17  ? 2   G   B C8    1 
ATOM   448 N  N7    . G   B 1 2  ? -7.037  -8.275  -12.196 1.00 56.14  ? 2   G   B N7    1 
ATOM   449 C  C5    . G   B 1 2  ? -6.595  -8.058  -10.889 1.00 49.41  ? 2   G   B C5    1 
ATOM   450 C  C6    . G   B 1 2  ? -5.977  -8.925  -9.940  1.00 48.84  ? 2   G   B C6    1 
ATOM   451 O  O6    . G   B 1 2  ? -5.664  -10.116 -10.027 1.00 52.58  ? 2   G   B O6    1 
ATOM   452 N  N1    . G   B 1 2  ? -5.697  -8.284  -8.753  1.00 43.92  ? 2   G   B N1    1 
ATOM   453 C  C2    . G   B 1 2  ? -5.974  -6.972  -8.489  1.00 45.95  ? 2   G   B C2    1 
ATOM   454 N  N2    . G   B 1 2  ? -5.626  -6.552  -7.259  1.00 48.46  ? 2   G   B N2    1 
ATOM   455 N  N3    . G   B 1 2  ? -6.543  -6.138  -9.351  1.00 44.77  ? 2   G   B N3    1 
ATOM   456 C  C4    . G   B 1 2  ? -6.822  -6.747  -10.519 1.00 45.70  ? 2   G   B C4    1 
ATOM   457 P  P     . C   B 1 3  ? -4.262  -3.041  -14.173 1.00 72.61  ? 3   C   B P     1 
ATOM   458 O  OP1   . C   B 1 3  ? -3.694  -1.928  -14.986 1.00 67.66  ? 3   C   B OP1   1 
ATOM   459 O  OP2   . C   B 1 3  ? -4.103  -4.431  -14.678 1.00 79.26  ? 3   C   B OP2   1 
ATOM   460 O  "O5'" . C   B 1 3  ? -3.658  -3.075  -12.695 1.00 53.81  ? 3   C   B "O5'" 1 
ATOM   461 C  "C5'" . C   B 1 3  ? -3.712  -1.936  -11.851 1.00 55.12  ? 3   C   B "C5'" 1 
ATOM   462 C  "C4'" . C   B 1 3  ? -3.056  -2.211  -10.523 1.00 54.02  ? 3   C   B "C4'" 1 
ATOM   463 O  "O4'" . C   B 1 3  ? -3.790  -3.243  -9.817  1.00 45.76  ? 3   C   B "O4'" 1 
ATOM   464 C  "C3'" . C   B 1 3  ? -1.647  -2.771  -10.567 1.00 53.53  ? 3   C   B "C3'" 1 
ATOM   465 O  "O3'" . C   B 1 3  ? -0.648  -1.827  -10.854 1.00 48.55  ? 3   C   B "O3'" 1 
ATOM   466 C  "C2'" . C   B 1 3  ? -1.507  -3.400  -9.197  1.00 54.73  ? 3   C   B "C2'" 1 
ATOM   467 O  "O2'" . C   B 1 3  ? -1.294  -2.399  -8.215  1.00 80.57  ? 3   C   B "O2'" 1 
ATOM   468 C  "C1'" . C   B 1 3  ? -2.900  -3.989  -9.007  1.00 48.25  ? 3   C   B "C1'" 1 
ATOM   469 N  N1    . C   B 1 3  ? -2.908  -5.391  -9.446  1.00 41.42  ? 3   C   B N1    1 
ATOM   470 C  C2    . C   B 1 3  ? -2.560  -6.338  -8.494  1.00 46.01  ? 3   C   B C2    1 
ATOM   471 O  O2    . C   B 1 3  ? -2.307  -5.939  -7.341  1.00 42.21  ? 3   C   B O2    1 
ATOM   472 N  N3    . C   B 1 3  ? -2.538  -7.646  -8.862  1.00 47.31  ? 3   C   B N3    1 
ATOM   473 C  C4    . C   B 1 3  ? -2.832  -7.995  -10.120 1.00 40.78  ? 3   C   B C4    1 
ATOM   474 N  N4    . C   B 1 3  ? -2.794  -9.279  -10.460 1.00 37.57  ? 3   C   B N4    1 
ATOM   475 C  C5    . C   B 1 3  ? -3.183  -7.035  -11.106 1.00 49.52  ? 3   C   B C5    1 
ATOM   476 C  C6    . C   B 1 3  ? -3.205  -5.750  -10.728 1.00 49.30  ? 3   C   B C6    1 
ATOM   477 P  P     . G   B 1 4  ? 0.618   -2.328  -11.697 1.00 64.00  ? 4   G   B P     1 
ATOM   478 O  OP1   . G   B 1 4  ? 1.627   -1.224  -11.683 1.00 75.88  ? 4   G   B OP1   1 
ATOM   479 O  OP2   . G   B 1 4  ? 0.113   -2.852  -13.011 1.00 54.79  ? 4   G   B OP2   1 
ATOM   480 O  "O5'" . G   B 1 4  ? 1.194   -3.522  -10.803 1.00 39.99  ? 4   G   B "O5'" 1 
ATOM   481 C  "C5'" . G   B 1 4  ? 2.009   -3.217  -9.691  1.00 43.43  ? 4   G   B "C5'" 1 
ATOM   482 C  "C4'" . G   B 1 4  ? 2.491   -4.432  -8.934  1.00 50.03  ? 4   G   B "C4'" 1 
ATOM   483 O  "O4'" . G   B 1 4  ? 1.391   -5.316  -8.584  1.00 50.47  ? 4   G   B "O4'" 1 
ATOM   484 C  "C3'" . G   B 1 4  ? 3.476   -5.356  -9.625  1.00 56.60  ? 4   G   B "C3'" 1 
ATOM   485 O  "O3'" . G   B 1 4  ? 4.788   -4.834  -9.726  1.00 56.16  ? 4   G   B "O3'" 1 
ATOM   486 C  "C2'" . G   B 1 4  ? 3.368   -6.600  -8.759  1.00 49.27  ? 4   G   B "C2'" 1 
ATOM   487 O  "O2'" . G   B 1 4  ? 3.974   -6.376  -7.501  1.00 48.27  ? 4   G   B "O2'" 1 
ATOM   488 C  "C1'" . G   B 1 4  ? 1.857   -6.654  -8.553  1.00 49.94  ? 4   G   B "C1'" 1 
ATOM   489 N  N9    . G   B 1 4  ? 1.256   -7.366  -9.687  1.00 48.64  ? 4   G   B N9    1 
ATOM   490 C  C8    . G   B 1 4  ? 0.615   -6.806  -10.768 1.00 46.75  ? 4   G   B C8    1 
ATOM   491 N  N7    . G   B 1 4  ? 0.241   -7.705  -11.633 1.00 50.68  ? 4   G   B N7    1 
ATOM   492 C  C5    . G   B 1 4  ? 0.684   -8.909  -11.091 1.00 49.36  ? 4   G   B C5    1 
ATOM   493 C  C6    . G   B 1 4  ? 0.583   -10.232 -11.579 1.00 52.13  ? 4   G   B C6    1 
ATOM   494 O  O6    . G   B 1 4  ? 0.056   -10.611 -12.632 1.00 55.56  ? 4   G   B O6    1 
ATOM   495 N  N1    . G   B 1 4  ? 1.168   -11.153 -10.714 1.00 43.00  ? 4   G   B N1    1 
ATOM   496 C  C2    . G   B 1 4  ? 1.785   -10.834 -9.539  1.00 43.73  ? 4   G   B C2    1 
ATOM   497 N  N2    . G   B 1 4  ? 2.292   -11.852 -8.830  1.00 52.49  ? 4   G   B N2    1 
ATOM   498 N  N3    . G   B 1 4  ? 1.890   -9.603  -9.084  1.00 49.61  ? 4   G   B N3    1 
ATOM   499 C  C4    . G   B 1 4  ? 1.323   -8.709  -9.902  1.00 42.95  ? 4   G   B C4    1 
ATOM   500 P  P     . A   B 1 5  ? 5.538   -4.804  -11.158 1.00 60.58  ? 5   A   B P     1 
ATOM   501 O  OP1   . A   B 1 5  ? 5.456   -3.429  -11.737 1.00 49.26  ? 5   A   B OP1   1 
ATOM   502 O  OP2   . A   B 1 5  ? 5.076   -5.979  -11.961 1.00 62.03  ? 5   A   B OP2   1 
ATOM   503 O  "O5'" . A   B 1 5  ? 7.064   -5.043  -10.766 1.00 59.07  ? 5   A   B "O5'" 1 
ATOM   504 C  "C5'" . A   B 1 5  ? 7.422   -5.991  -9.771  1.00 54.24  ? 5   A   B "C5'" 1 
ATOM   505 C  "C4'" . A   B 1 5  ? 8.914   -6.151  -9.704  1.00 59.55  ? 5   A   B "C4'" 1 
ATOM   506 O  "O4'" . A   B 1 5  ? 9.238   -7.188  -8.741  1.00 60.74  ? 5   A   B "O4'" 1 
ATOM   507 C  "C3'" . A   B 1 5  ? 9.542   -6.603  -11.009 1.00 63.51  ? 5   A   B "C3'" 1 
ATOM   508 O  "O3'" . A   B 1 5  ? 10.923  -6.244  -10.981 1.00 67.89  ? 5   A   B "O3'" 1 
ATOM   509 C  "C2'" . A   B 1 5  ? 9.436   -8.110  -10.887 1.00 64.42  ? 5   A   B "C2'" 1 
ATOM   510 O  "O2'" . A   B 1 5  ? 10.285  -8.811  -11.767 1.00 66.98  ? 5   A   B "O2'" 1 
ATOM   511 C  "C1'" . A   B 1 5  ? 9.814   -8.295  -9.417  1.00 64.96  ? 5   A   B "C1'" 1 
ATOM   512 N  N9    . A   B 1 5  ? 9.300   -9.505  -8.776  1.00 67.35  ? 5   A   B N9    1 
ATOM   513 C  C8    . A   B 1 5  ? 10.007  -10.420 -8.034  1.00 70.43  ? 5   A   B C8    1 
ATOM   514 N  N7    . A   B 1 5  ? 9.275   -11.401 -7.547  1.00 63.77  ? 5   A   B N7    1 
ATOM   515 C  C5    . A   B 1 5  ? 7.990   -11.100 -7.989  1.00 63.12  ? 5   A   B C5    1 
ATOM   516 C  C6    . A   B 1 5  ? 6.744   -11.745 -7.824  1.00 67.33  ? 5   A   B C6    1 
ATOM   517 N  N6    . A   B 1 5  ? 6.558   -12.873 -7.138  1.00 68.40  ? 5   A   B N6    1 
ATOM   518 N  N1    . A   B 1 5  ? 5.660   -11.173 -8.394  1.00 64.88  ? 5   A   B N1    1 
ATOM   519 C  C2    . A   B 1 5  ? 5.818   -10.036 -9.087  1.00 64.48  ? 5   A   B C2    1 
ATOM   520 N  N3    . A   B 1 5  ? 6.934   -9.339  -9.310  1.00 66.34  ? 5   A   B N3    1 
ATOM   521 C  C4    . A   B 1 5  ? 7.995   -9.930  -8.737  1.00 64.24  ? 5   A   B C4    1 
HETATM 522 P  P     . 2PR B 1 6  ? 11.567  -5.363  -12.155 1.00 67.99  ? 6   2PR B P     1 
HETATM 523 O  OP1   . 2PR B 1 6  ? 11.119  -5.788  -13.528 1.00 63.56  ? 6   2PR B OP1   1 
HETATM 524 O  OP2   . 2PR B 1 6  ? 13.020  -5.042  -11.861 1.00 83.86  ? 6   2PR B OP2   1 
HETATM 525 O  "O5'" . 2PR B 1 6  ? 10.844  -3.698  -11.924 1.00 65.78  ? 6   2PR B "O5'" 1 
HETATM 526 C  "C5'" . 2PR B 1 6  ? 11.353  -2.967  -10.940 1.00 58.21  ? 6   2PR B "C5'" 1 
HETATM 527 C  "C4'" . 2PR B 1 6  ? 10.577  -1.616  -10.917 1.00 62.02  ? 6   2PR B "C4'" 1 
HETATM 528 O  "O4'" . 2PR B 1 6  ? 10.373  -1.071  -12.230 1.00 55.92  ? 6   2PR B "O4'" 1 
HETATM 529 C  "C3'" . 2PR B 1 6  ? 9.141   -1.730  -10.300 1.00 57.25  ? 6   2PR B "C3'" 1 
HETATM 530 O  "O3'" . 2PR B 1 6  ? 8.944   -0.611  -9.573  1.00 60.54  ? 6   2PR B "O3'" 1 
HETATM 531 C  "C2'" . 2PR B 1 6  ? 8.276   -1.608  -11.515 1.00 54.57  ? 6   2PR B "C2'" 1 
HETATM 532 C  "C1'" . 2PR B 1 6  ? 9.108   -0.528  -12.183 1.00 60.72  ? 6   2PR B "C1'" 1 
HETATM 533 N  N9    . 2PR B 1 6  ? 8.613   -0.297  -13.515 1.00 72.40  ? 6   2PR B N9    1 
HETATM 534 C  C8    . 2PR B 1 6  ? 7.369   0.354   -13.834 1.00 78.18  ? 6   2PR B C8    1 
HETATM 535 N  N7    . 2PR B 1 6  ? 7.163   0.410   -15.160 1.00 86.82  ? 6   2PR B N7    1 
HETATM 536 C  C5    . 2PR B 1 6  ? 8.314   -0.231  -15.738 1.00 73.53  ? 6   2PR B C5    1 
HETATM 537 C  C6    . 2PR B 1 6  ? 8.663   -0.482  -17.059 1.00 73.60  ? 6   2PR B C6    1 
HETATM 538 N  N1    . 2PR B 1 6  ? 9.802   -1.115  -17.386 1.00 66.17  ? 6   2PR B N1    1 
HETATM 539 C  C2    . 2PR B 1 6  ? 10.609  -1.504  -16.320 1.00 61.49  ? 6   2PR B C2    1 
HETATM 540 N  N2    . 2PR B 1 6  ? 11.778  -2.152  -16.708 1.00 63.39  ? 6   2PR B N2    1 
HETATM 541 N  N3    . 2PR B 1 6  ? 10.396  -1.335  -14.947 1.00 51.81  ? 6   2PR B N3    1 
HETATM 542 C  C4    . 2PR B 1 6  ? 9.220   -0.680  -14.720 1.00 58.87  ? 6   2PR B C4    1 
ATOM   543 P  P     . G   B 1 7  ? 8.629   -0.701  -8.008  1.00 73.67  ? 7   G   B P     1 
ATOM   544 O  OP1   . G   B 1 7  ? 7.453   0.181   -7.773  1.00 65.44  ? 7   G   B OP1   1 
ATOM   545 O  OP2   . G   B 1 7  ? 9.905   -0.475  -7.270  1.00 72.77  ? 7   G   B OP2   1 
ATOM   546 O  "O5'" . G   B 1 7  ? 8.216   -2.221  -7.754  1.00 60.05  ? 7   G   B "O5'" 1 
ATOM   547 C  "C5'" . G   B 1 7  ? 6.858   -2.635  -7.824  1.00 60.58  ? 7   G   B "C5'" 1 
ATOM   548 C  "C4'" . G   B 1 7  ? 6.567   -3.751  -6.856  1.00 56.57  ? 7   G   B "C4'" 1 
ATOM   549 O  "O4'" . G   B 1 7  ? 7.557   -4.798  -7.024  1.00 65.00  ? 7   G   B "O4'" 1 
ATOM   550 C  "C3'" . G   B 1 7  ? 6.607   -3.378  -5.379  1.00 66.35  ? 7   G   B "C3'" 1 
ATOM   551 O  "O3'" . G   B 1 7  ? 5.700   -4.233  -4.687  1.00 69.63  ? 7   G   B "O3'" 1 
ATOM   552 C  "C2'" . G   B 1 7  ? 8.026   -3.759  -4.985  1.00 63.86  ? 7   G   B "C2'" 1 
ATOM   553 O  "O2'" . G   B 1 7  ? 8.213   -3.977  -3.601  1.00 69.36  ? 7   G   B "O2'" 1 
ATOM   554 C  "C1'" . G   B 1 7  ? 8.216   -5.036  -5.798  1.00 61.28  ? 7   G   B "C1'" 1 
ATOM   555 N  N9    . G   B 1 7  ? 9.600   -5.329  -6.117  1.00 60.51  ? 7   G   B N9    1 
ATOM   556 C  C8    . G   B 1 7  ? 10.420  -4.451  -6.753  1.00 63.95  ? 7   G   B C8    1 
ATOM   557 N  N7    . G   B 1 7  ? 11.608  -4.926  -6.935  1.00 69.61  ? 7   G   B N7    1 
ATOM   558 C  C5    . G   B 1 7  ? 11.559  -6.193  -6.393  1.00 65.86  ? 7   G   B C5    1 
ATOM   559 C  C6    . G   B 1 7  ? 12.587  -7.159  -6.314  1.00 80.58  ? 7   G   B C6    1 
ATOM   560 O  O6    . G   B 1 7  ? 13.756  -7.057  -6.732  1.00 92.54  ? 7   G   B O6    1 
ATOM   561 N  N1    . G   B 1 7  ? 12.135  -8.318  -5.679  1.00 76.53  ? 7   G   B N1    1 
ATOM   562 C  C2    . G   B 1 7  ? 10.860  -8.508  -5.195  1.00 68.51  ? 7   G   B C2    1 
ATOM   563 N  N2    . G   B 1 7  ? 10.632  -9.701  -4.621  1.00 66.37  ? 7   G   B N2    1 
ATOM   564 N  N3    . G   B 1 7  ? 9.894   -7.594  -5.269  1.00 67.72  ? 7   G   B N3    1 
ATOM   565 C  C4    . G   B 1 7  ? 10.317  -6.469  -5.880  1.00 63.51  ? 7   G   B C4    1 
ATOM   566 P  P     . A   B 1 8  ? 4.797   -3.670  -3.495  1.00 52.93  ? 8   A   B P     1 
ATOM   567 O  OP1   . A   B 1 8  ? 4.144   -2.445  -4.026  1.00 56.93  ? 8   A   B OP1   1 
ATOM   568 O  OP2   . A   B 1 8  ? 5.616   -3.635  -2.248  1.00 53.46  ? 8   A   B OP2   1 
ATOM   569 O  "O5'" . A   B 1 8  ? 3.669   -4.783  -3.319  1.00 56.46  ? 8   A   B "O5'" 1 
ATOM   570 C  "C5'" . A   B 1 8  ? 2.464   -4.705  -4.064  1.00 65.38  ? 8   A   B "C5'" 1 
ATOM   571 C  "C4'" . A   B 1 8  ? 1.508   -5.806  -3.696  1.00 58.61  ? 8   A   B "C4'" 1 
ATOM   572 O  "O4'" . A   B 1 8  ? 2.014   -7.066  -4.205  1.00 60.64  ? 8   A   B "O4'" 1 
ATOM   573 C  "C3'" . A   B 1 8  ? 1.332   -6.043  -2.210  1.00 60.73  ? 8   A   B "C3'" 1 
ATOM   574 O  "O3'" . A   B 1 8  ? 0.360   -5.197  -1.638  1.00 59.98  ? 8   A   B "O3'" 1 
ATOM   575 C  "C2'" . A   B 1 8  ? 0.949   -7.506  -2.154  1.00 65.24  ? 8   A   B "C2'" 1 
ATOM   576 O  "O2'" . A   B 1 8  ? -0.399  -7.660  -2.566  1.00 64.54  ? 8   A   B "O2'" 1 
ATOM   577 C  "C1'" . A   B 1 8  ? 1.847   -8.074  -3.241  1.00 61.96  ? 8   A   B "C1'" 1 
ATOM   578 N  N9    . A   B 1 8  ? 3.190   -8.360  -2.728  1.00 62.89  ? 8   A   B N9    1 
ATOM   579 C  C8    . A   B 1 8  ? 4.305   -7.694  -3.153  1.00 66.13  ? 8   A   B C8    1 
ATOM   580 N  N7    . A   B 1 8  ? 5.408   -8.091  -2.578  1.00 68.79  ? 8   A   B N7    1 
ATOM   581 C  C5    . A   B 1 8  ? 4.978   -9.082  -1.720  1.00 63.31  ? 8   A   B C5    1 
ATOM   582 C  C6    . A   B 1 8  ? 5.706   -9.873  -0.840  1.00 68.08  ? 8   A   B C6    1 
ATOM   583 N  N6    . A   B 1 8  ? 7.030   -9.736  -0.733  1.00 73.39  ? 8   A   B N6    1 
ATOM   584 N  N1    . A   B 1 8  ? 5.028   -10.784 -0.102  1.00 67.92  ? 8   A   B N1    1 
ATOM   585 C  C2    . A   B 1 8  ? 3.700   -10.856 -0.283  1.00 69.79  ? 8   A   B C2    1 
ATOM   586 N  N3    . A   B 1 8  ? 2.890   -10.149 -1.080  1.00 64.66  ? 8   A   B N3    1 
ATOM   587 C  C4    . A   B 1 8  ? 3.610   -9.269  -1.790  1.00 61.37  ? 8   A   B C4    1 
ATOM   588 P  P     . A   B 1 9  ? 0.482   -4.786  -0.088  1.00 73.55  ? 9   A   B P     1 
ATOM   589 O  OP1   . A   B 1 9  ? -0.684  -3.924  0.239   1.00 84.66  ? 9   A   B OP1   1 
ATOM   590 O  OP2   . A   B 1 9  ? 1.869   -4.297  0.147   1.00 81.39  ? 9   A   B OP2   1 
ATOM   591 O  "O5'" . A   B 1 9  ? 0.359   -6.158  0.711   1.00 58.52  ? 9   A   B "O5'" 1 
ATOM   592 C  "C5'" . A   B 1 9  ? -0.863  -6.872  0.770   1.00 66.27  ? 9   A   B "C5'" 1 
ATOM   593 C  "C4'" . A   B 1 9  ? -0.681  -8.180  1.498   1.00 75.55  ? 9   A   B "C4'" 1 
ATOM   594 O  "O4'" . A   B 1 9  ? 0.348   -8.968  0.838   1.00 67.99  ? 9   A   B "O4'" 1 
ATOM   595 C  "C3'" . A   B 1 9  ? -0.206  -8.073  2.944   1.00 72.59  ? 9   A   B "C3'" 1 
ATOM   596 O  "O3'" . A   B 1 9  ? -1.275  -7.862  3.850   1.00 70.69  ? 9   A   B "O3'" 1 
ATOM   597 C  "C2'" . A   B 1 9  ? 0.503   -9.400  3.160   1.00 73.36  ? 9   A   B "C2'" 1 
ATOM   598 O  "O2'" . A   B 1 9  ? -0.441  -10.442 3.370   1.00 82.33  ? 9   A   B "O2'" 1 
ATOM   599 C  "C1'" . A   B 1 9  ? 1.157   -9.605  1.801   1.00 68.96  ? 9   A   B "C1'" 1 
ATOM   600 N  N9    . A   B 1 9  ? 2.470   -8.956  1.755   1.00 76.10  ? 9   A   B N9    1 
ATOM   601 C  C8    . A   B 1 9  ? 2.813   -7.888  0.970   1.00 74.35  ? 9   A   B C8    1 
ATOM   602 N  N7    . A   B 1 9  ? 4.053   -7.511  1.118   1.00 70.78  ? 9   A   B N7    1 
ATOM   603 C  C5    . A   B 1 9  ? 4.537   -8.392  2.065   1.00 69.62  ? 9   A   B C5    1 
ATOM   604 C  C6    . A   B 1 9  ? 5.792   -8.504  2.649   1.00 73.10  ? 9   A   B C6    1 
ATOM   605 N  N6    . A   B 1 9  ? 6.786   -7.673  2.320   1.00 73.30  ? 9   A   B N6    1 
ATOM   606 N  N1    . A   B 1 9  ? 5.978   -9.484  3.569   1.00 73.11  ? 9   A   B N1    1 
ATOM   607 C  C2    . A   B 1 9  ? 4.956   -10.292 3.864   1.00 66.28  ? 9   A   B C2    1 
ATOM   608 N  N3    . A   B 1 9  ? 3.720   -10.276 3.371   1.00 69.84  ? 9   A   B N3    1 
ATOM   609 C  C4    . A   B 1 9  ? 3.582   -9.288  2.475   1.00 72.25  ? 9   A   B C4    1 
ATOM   610 P  P     . C   B 1 10 ? -1.169  -6.738  4.996   1.00 88.76  ? 10  C   B P     1 
ATOM   611 O  OP1   . C   B 1 10 ? -2.334  -6.968  5.895   1.00 92.60  ? 10  C   B OP1   1 
ATOM   612 O  OP2   . C   B 1 10 ? -0.973  -5.380  4.375   1.00 61.22  ? 10  C   B OP2   1 
ATOM   613 O  "O5'" . C   B 1 10 ? 0.141   -7.143  5.808   1.00 74.02  ? 10  C   B "O5'" 1 
ATOM   614 C  "C5'" . C   B 1 10 ? 0.203   -8.335  6.584   1.00 68.41  ? 10  C   B "C5'" 1 
ATOM   615 C  "C4'" . C   B 1 10 ? 1.528   -8.427  7.294   1.00 71.42  ? 10  C   B "C4'" 1 
ATOM   616 O  "O4'" . C   B 1 10 ? 2.556   -8.805  6.332   1.00 80.97  ? 10  C   B "O4'" 1 
ATOM   617 C  "C3'" . C   B 1 10 ? 2.020   -7.103  7.871   1.00 71.09  ? 10  C   B "C3'" 1 
ATOM   618 O  "O3'" . C   B 1 10 ? 1.503   -6.811  9.153   1.00 61.92  ? 10  C   B "O3'" 1 
ATOM   619 C  "C2'" . C   B 1 10 ? 3.532   -7.256  7.838   1.00 74.01  ? 10  C   B "C2'" 1 
ATOM   620 O  "O2'" . C   B 1 10 ? 3.971   -8.062  8.922   1.00 82.34  ? 10  C   B "O2'" 1 
ATOM   621 C  "C1'" . C   B 1 10 ? 3.720   -8.025  6.530   1.00 76.64  ? 10  C   B "C1'" 1 
ATOM   622 N  N1    . C   B 1 10 ? 3.875   -7.095  5.376   1.00 73.08  ? 10  C   B N1    1 
ATOM   623 C  C2    . C   B 1 10 ? 5.118   -6.478  5.135   1.00 74.69  ? 10  C   B C2    1 
ATOM   624 O  O2    . C   B 1 10 ? 6.080   -6.734  5.875   1.00 79.83  ? 10  C   B O2    1 
ATOM   625 N  N3    . C   B 1 10 ? 5.264   -5.621  4.092   1.00 74.53  ? 10  C   B N3    1 
ATOM   626 C  C4    . C   B 1 10 ? 4.222   -5.360  3.302   1.00 73.66  ? 10  C   B C4    1 
ATOM   627 N  N4    . C   B 1 10 ? 4.396   -4.509  2.285   1.00 69.08  ? 10  C   B N4    1 
ATOM   628 C  C5    . C   B 1 10 ? 2.945   -5.961  3.523   1.00 73.68  ? 10  C   B C5    1 
ATOM   629 C  C6    . C   B 1 10 ? 2.819   -6.810  4.546   1.00 71.58  ? 10  C   B C6    1 
ATOM   630 P  P     . C   B 1 11 ? 1.442   -5.285  9.652   1.00 82.89  ? 11  C   B P     1 
ATOM   631 O  OP1   . C   B 1 11 ? 0.789   -5.303  10.988  1.00 79.42  ? 11  C   B OP1   1 
ATOM   632 O  OP2   . C   B 1 11 ? 0.851   -4.441  8.586   1.00 62.80  ? 11  C   B OP2   1 
ATOM   633 O  "O5'" . C   B 1 11 ? 2.973   -4.876  9.866   1.00 76.08  ? 11  C   B "O5'" 1 
ATOM   634 C  "C5'" . C   B 1 11 ? 3.750   -5.506  10.876  1.00 78.07  ? 11  C   B "C5'" 1 
ATOM   635 C  "C4'" . C   B 1 11 ? 5.179   -5.020  10.908  1.00 72.03  ? 11  C   B "C4'" 1 
ATOM   636 O  "O4'" . C   B 1 11 ? 5.844   -5.277  9.643   1.00 69.82  ? 11  C   B "O4'" 1 
ATOM   637 C  "C3'" . C   B 1 11 ? 5.389   -3.534  11.133  1.00 65.49  ? 11  C   B "C3'" 1 
ATOM   638 O  "O3'" . C   B 1 11 ? 5.265   -3.173  12.492  1.00 71.57  ? 11  C   B "O3'" 1 
ATOM   639 C  "C2'" . C   B 1 11 ? 6.794   -3.320  10.607  1.00 72.34  ? 11  C   B "C2'" 1 
ATOM   640 O  "O2'" . C   B 1 11 ? 7.733   -3.763  11.569  1.00 66.32  ? 11  C   B "O2'" 1 
ATOM   641 C  "C1'" . C   B 1 11 ? 6.829   -4.288  9.420   1.00 79.03  ? 11  C   B "C1'" 1 
ATOM   642 N  N1    . C   B 1 11 ? 6.551   -3.602  8.138   1.00 76.48  ? 11  C   B N1    1 
ATOM   643 C  C2    . C   B 1 11 ? 7.566   -2.822  7.562   1.00 76.10  ? 11  C   B C2    1 
ATOM   644 O  O2    . C   B 1 11 ? 8.670   -2.726  8.126   1.00 73.82  ? 11  C   B O2    1 
ATOM   645 N  N3    . C   B 1 11 ? 7.322   -2.183  6.391   1.00 76.81  ? 11  C   B N3    1 
ATOM   646 C  C4    . C   B 1 11 ? 6.133   -2.300  5.797   1.00 70.72  ? 11  C   B C4    1 
ATOM   647 N  N4    . C   B 1 11 ? 5.947   -1.658  4.642   1.00 62.76  ? 11  C   B N4    1 
ATOM   648 C  C5    . C   B 1 11 ? 5.086   -3.084  6.367   1.00 68.38  ? 11  C   B C5    1 
ATOM   649 C  C6    . C   B 1 11 ? 5.333   -3.710  7.526   1.00 72.26  ? 11  C   B C6    1 
ATOM   650 P  P     . G   B 1 12 ? 4.694   -1.729  12.913  1.00 80.33  ? 12  G   B P     1 
ATOM   651 O  OP1   . G   B 1 12 ? 4.662   -1.721  14.403  1.00 94.48  ? 12  G   B OP1   1 
ATOM   652 O  OP2   . G   B 1 12 ? 3.429   -1.518  12.171  1.00 67.38  ? 12  G   B OP2   1 
ATOM   653 O  "O5'" . G   B 1 12 ? 5.817   -0.683  12.448  1.00 57.65  ? 12  G   B "O5'" 1 
ATOM   654 C  "C5'" . G   B 1 12 ? 7.061   -0.615  13.136  1.00 68.75  ? 12  G   B "C5'" 1 
ATOM   655 C  "C4'" . G   B 1 12 ? 8.021   0.399   12.552  1.00 63.90  ? 12  G   B "C4'" 1 
ATOM   656 O  "O4'" . G   B 1 12 ? 8.529   -0.051  11.269  1.00 72.65  ? 12  G   B "O4'" 1 
ATOM   657 C  "C3'" . G   B 1 12 ? 7.470   1.789   12.266  1.00 58.44  ? 12  G   B "C3'" 1 
ATOM   658 O  "O3'" . G   B 1 12 ? 7.396   2.597   13.424  1.00 59.50  ? 12  G   B "O3'" 1 
ATOM   659 C  "C2'" . G   B 1 12 ? 8.449   2.333   11.240  1.00 59.22  ? 12  G   B "C2'" 1 
ATOM   660 O  "O2'" . G   B 1 12 ? 9.606   2.814   11.890  1.00 62.72  ? 12  G   B "O2'" 1 
ATOM   661 C  "C1'" . G   B 1 12 ? 8.816   1.069   10.451  1.00 76.55  ? 12  G   B "C1'" 1 
ATOM   662 N  N9    . G   B 1 12 ? 8.028   0.974   9.210   1.00 71.10  ? 12  G   B N9    1 
ATOM   663 C  C8    . G   B 1 12 ? 7.070   0.046   8.918   1.00 67.74  ? 12  G   B C8    1 
ATOM   664 N  N7    . G   B 1 12 ? 6.530   0.245   7.752   1.00 71.88  ? 12  G   B N7    1 
ATOM   665 C  C5    . G   B 1 12 ? 7.168   1.361   7.250   1.00 70.03  ? 12  G   B C5    1 
ATOM   666 C  C6    . G   B 1 12 ? 6.993   2.035   6.021   1.00 69.06  ? 12  G   B C6    1 
ATOM   667 O  O6    . G   B 1 12 ? 6.215   1.771   5.101   1.00 66.63  ? 12  G   B O6    1 
ATOM   668 N  N1    . G   B 1 12 ? 7.844   3.117   5.894   1.00 69.03  ? 12  G   B N1    1 
ATOM   669 C  C2    . G   B 1 12 ? 8.748   3.500   6.844   1.00 71.95  ? 12  G   B C2    1 
ATOM   670 N  N2    . G   B 1 12 ? 9.459   4.586   6.521   1.00 72.99  ? 12  G   B N2    1 
ATOM   671 N  N3    . G   B 1 12 ? 8.923   2.887   8.011   1.00 71.83  ? 12  G   B N3    1 
ATOM   672 C  C4    . G   B 1 12 ? 8.101   1.826   8.139   1.00 68.72  ? 12  G   B C4    1 
ATOM   673 P  P     . G   B 1 13 ? 6.324   3.792   13.503  1.00 72.20  ? 13  G   B P     1 
ATOM   674 O  OP1   . G   B 1 13 ? 6.260   4.328   14.891  1.00 73.33  ? 13  G   B OP1   1 
ATOM   675 O  OP2   . G   B 1 13 ? 5.076   3.227   12.924  1.00 78.82  ? 13  G   B OP2   1 
ATOM   676 O  "O5'" . G   B 1 13 ? 6.905   4.920   12.524  1.00 59.85  ? 13  G   B "O5'" 1 
ATOM   677 C  "C5'" . G   B 1 13 ? 8.043   5.696   12.877  1.00 57.69  ? 13  G   B "C5'" 1 
ATOM   678 C  "C4'" . G   B 1 13 ? 8.665   6.358   11.672  1.00 60.62  ? 13  G   B "C4'" 1 
ATOM   679 O  "O4'" . G   B 1 13 ? 8.743   5.407   10.579  1.00 68.06  ? 13  G   B "O4'" 1 
ATOM   680 C  "C3'" . G   B 1 13 ? 7.886   7.529   11.102  1.00 63.35  ? 13  G   B "C3'" 1 
ATOM   681 O  "O3'" . G   B 1 13 ? 8.199   8.742   11.755  1.00 64.77  ? 13  G   B "O3'" 1 
ATOM   682 C  "C2'" . G   B 1 13 ? 8.271   7.529   9.628   1.00 69.84  ? 13  G   B "C2'" 1 
ATOM   683 O  "O2'" . G   B 1 13 ? 9.518   8.168   9.444   1.00 69.70  ? 13  G   B "O2'" 1 
ATOM   684 C  "C1'" . G   B 1 13 ? 8.458   6.044   9.351   1.00 69.98  ? 13  G   B "C1'" 1 
ATOM   685 N  N9    . G   B 1 13 ? 7.266   5.406   8.752   1.00 66.79  ? 13  G   B N9    1 
ATOM   686 C  C8    . G   B 1 13 ? 6.532   4.376   9.297   1.00 71.55  ? 13  G   B C8    1 
ATOM   687 N  N7    . G   B 1 13 ? 5.546   3.970   8.549   1.00 69.27  ? 13  G   B N7    1 
ATOM   688 C  C5    . G   B 1 13 ? 5.638   4.777   7.425   1.00 75.17  ? 13  G   B C5    1 
ATOM   689 C  C6    . G   B 1 13 ? 4.835   4.807   6.249   1.00 78.49  ? 13  G   B C6    1 
ATOM   690 O  O6    . G   B 1 13 ? 3.850   4.116   5.942   1.00 79.79  ? 13  G   B O6    1 
ATOM   691 N  N1    . G   B 1 13 ? 5.281   5.778   5.363   1.00 69.43  ? 13  G   B N1    1 
ATOM   692 C  C2    . G   B 1 13 ? 6.357   6.608   5.574   1.00 70.82  ? 13  G   B C2    1 
ATOM   693 N  N2    . G   B 1 13 ? 6.632   7.482   4.592   1.00 65.93  ? 13  G   B N2    1 
ATOM   694 N  N3    . G   B 1 13 ? 7.106   6.584   6.669   1.00 68.47  ? 13  G   B N3    1 
ATOM   695 C  C4    . G   B 1 13 ? 6.690   5.659   7.542   1.00 63.76  ? 13  G   B C4    1 
ATOM   696 P  P     . G   B 1 14 ? 7.029   9.611   12.428  1.00 81.93  ? 14  G   B P     1 
ATOM   697 O  OP1   . G   B 1 14 ? 7.639   10.751  13.164  1.00 83.61  ? 14  G   B OP1   1 
ATOM   698 O  OP2   . G   B 1 14 ? 6.177   8.637   13.168  1.00 64.69  ? 14  G   B OP2   1 
ATOM   699 O  "O5'" . G   B 1 14 ? 6.224   10.198  11.175  1.00 73.05  ? 14  G   B "O5'" 1 
ATOM   700 C  "C5'" . G   B 1 14 ? 6.918   10.820  10.104  1.00 68.46  ? 14  G   B "C5'" 1 
ATOM   701 C  "C4'" . G   B 1 14 ? 6.184   10.677  8.795   1.00 77.72  ? 14  G   B "C4'" 1 
ATOM   702 O  "O4'" . G   B 1 14 ? 6.078   9.283   8.411   1.00 81.15  ? 14  G   B "O4'" 1 
ATOM   703 C  "C3'" . G   B 1 14 ? 4.752   11.177  8.790   1.00 77.30  ? 14  G   B "C3'" 1 
ATOM   704 O  "O3'" . G   B 1 14 ? 4.697   12.583  8.618   1.00 86.69  ? 14  G   B "O3'" 1 
ATOM   705 C  "C2'" . G   B 1 14 ? 4.120   10.401  7.636   1.00 77.54  ? 14  G   B "C2'" 1 
ATOM   706 O  "O2'" . G   B 1 14 ? 4.426   11.035  6.401   1.00 77.79  ? 14  G   B "O2'" 1 
ATOM   707 C  "C1'" . G   B 1 14 ? 4.878   9.070   7.693   1.00 74.02  ? 14  G   B "C1'" 1 
ATOM   708 N  N9    . G   B 1 14 ? 4.140   7.962   8.339   1.00 68.97  ? 14  G   B N9    1 
ATOM   709 C  C8    . G   B 1 14 ? 4.428   7.504   9.601   1.00 70.14  ? 14  G   B C8    1 
ATOM   710 N  N7    . G   B 1 14 ? 3.700   6.488   9.971   1.00 75.34  ? 14  G   B N7    1 
ATOM   711 C  C5    . G   B 1 14 ? 2.887   6.242   8.879   1.00 71.86  ? 14  G   B C5    1 
ATOM   712 C  C6    . G   B 1 14 ? 1.900   5.241   8.736   1.00 73.15  ? 14  G   B C6    1 
ATOM   713 O  O6    . G   B 1 14 ? 1.574   4.390   9.575   1.00 71.32  ? 14  G   B O6    1 
ATOM   714 N  N1    . G   B 1 14 ? 1.285   5.305   7.489   1.00 72.81  ? 14  G   B N1    1 
ATOM   715 C  C2    . G   B 1 14 ? 1.603   6.229   6.516   1.00 71.46  ? 14  G   B C2    1 
ATOM   716 N  N2    . G   B 1 14 ? 0.902   6.133   5.368   1.00 68.99  ? 14  G   B N2    1 
ATOM   717 N  N3    . G   B 1 14 ? 2.537   7.173   6.651   1.00 67.46  ? 14  G   B N3    1 
ATOM   718 C  C4    . G   B 1 14 ? 3.141   7.131   7.855   1.00 69.20  ? 14  G   B C4    1 
ATOM   719 P  P     . G   B 1 15 ? 4.398   13.550  9.869   1.00 95.37  ? 15  G   B P     1 
ATOM   720 O  OP1   . G   B 1 15 ? 5.572   14.436  10.087  1.00 89.80  ? 15  G   B OP1   1 
ATOM   721 O  OP2   . G   B 1 15 ? 3.880   12.717  10.990  1.00 80.07  ? 15  G   B OP2   1 
ATOM   722 O  "O5'" . G   B 1 15 ? 3.238   14.481  9.313   1.00 92.50  ? 15  G   B "O5'" 1 
ATOM   723 C  "C5'" . G   B 1 15 ? 3.013   14.564  7.911   1.00 83.61  ? 15  G   B "C5'" 1 
ATOM   724 C  "C4'" . G   B 1 15 ? 1.664   14.012  7.538   1.00 75.42  ? 15  G   B "C4'" 1 
ATOM   725 O  "O4'" . G   B 1 15 ? 1.582   12.601  7.922   1.00 74.21  ? 15  G   B "O4'" 1 
ATOM   726 C  "C3'" . G   B 1 15 ? 0.483   14.701  8.225   1.00 77.95  ? 15  G   B "C3'" 1 
ATOM   727 O  "O3'" . G   B 1 15 ? -0.631  14.695  7.329   1.00 67.47  ? 15  G   B "O3'" 1 
ATOM   728 C  "C2'" . G   B 1 15 ? 0.209   13.755  9.389   1.00 81.27  ? 15  G   B "C2'" 1 
ATOM   729 O  "O2'" . G   B 1 15 ? -1.062  13.871  9.987   1.00 81.53  ? 15  G   B "O2'" 1 
ATOM   730 C  "C1'" . G   B 1 15 ? 0.419   12.416  8.697   1.00 74.51  ? 15  G   B "C1'" 1 
ATOM   731 N  N9    . G   B 1 15 ? 0.534   11.259  9.590   1.00 66.32  ? 15  G   B N9    1 
ATOM   732 C  C8    . G   B 1 15 ? 0.969   11.283  10.886  1.00 72.70  ? 15  G   B C8    1 
ATOM   733 N  N7    . G   B 1 15 ? 0.911   10.112  11.468  1.00 72.26  ? 15  G   B N7    1 
ATOM   734 C  C5    . G   B 1 15 ? 0.374   9.262   10.512  1.00 68.27  ? 15  G   B C5    1 
ATOM   735 C  C6    . G   B 1 15 ? 0.079   7.869   10.586  1.00 61.09  ? 15  G   B C6    1 
ATOM   736 O  O6    . G   B 1 15 ? 0.237   7.073   11.525  1.00 63.36  ? 15  G   B O6    1 
ATOM   737 N  N1    . G   B 1 15 ? -0.451  7.400   9.394   1.00 60.31  ? 15  G   B N1    1 
ATOM   738 C  C2    . G   B 1 15 ? -0.668  8.166   8.278   1.00 65.75  ? 15  G   B C2    1 
ATOM   739 N  N2    . G   B 1 15 ? -1.192  7.496   7.242   1.00 57.97  ? 15  G   B N2    1 
ATOM   740 N  N3    . G   B 1 15 ? -0.404  9.469   8.195   1.00 67.25  ? 15  G   B N3    1 
ATOM   741 C  C4    . G   B 1 15 ? 0.119   9.958   9.344   1.00 66.95  ? 15  G   B C4    1 
ATOM   742 P  P     . A   B 1 16 ? -1.579  15.990  7.192   1.00 80.44  ? 16  A   B P     1 
ATOM   743 O  OP1   . A   B 1 16 ? -0.871  17.166  7.763   1.00 88.29  ? 16  A   B OP1   1 
ATOM   744 O  OP2   . A   B 1 16 ? -2.920  15.602  7.710   1.00 75.59  ? 16  A   B OP2   1 
ATOM   745 O  "O5'" . A   B 1 16 ? -1.698  16.274  5.620   1.00 78.79  ? 16  A   B "O5'" 1 
ATOM   746 C  "C5'" . A   B 1 16 ? -1.054  15.458  4.642   1.00 64.48  ? 16  A   B "C5'" 1 
ATOM   747 C  "C4'" . A   B 1 16 ? -2.047  14.886  3.658   1.00 74.66  ? 16  A   B "C4'" 1 
ATOM   748 O  "O4'" . A   B 1 16 ? -2.273  13.476  3.951   1.00 77.07  ? 16  A   B "O4'" 1 
ATOM   749 C  "C3'" . A   B 1 16 ? -3.431  15.533  3.668   1.00 67.16  ? 16  A   B "C3'" 1 
ATOM   750 O  "O3'" . A   B 1 16 ? -3.979  15.369  2.363   1.00 73.51  ? 16  A   B "O3'" 1 
ATOM   751 C  "C2'" . A   B 1 16 ? -4.190  14.641  4.645   1.00 59.31  ? 16  A   B "C2'" 1 
ATOM   752 O  "O2'" . A   B 1 16 ? -5.594  14.698  4.542   1.00 64.30  ? 16  A   B "O2'" 1 
ATOM   753 C  "C1'" . A   B 1 16 ? -3.644  13.269  4.262   1.00 67.54  ? 16  A   B "C1'" 1 
ATOM   754 N  N9    . A   B 1 16 ? -3.733  12.258  5.316   1.00 60.49  ? 16  A   B N9    1 
ATOM   755 C  C8    . A   B 1 16 ? -3.104  12.246  6.533   1.00 69.59  ? 16  A   B C8    1 
ATOM   756 N  N7    . A   B 1 16 ? -3.369  11.181  7.251   1.00 64.36  ? 16  A   B N7    1 
ATOM   757 C  C5    . A   B 1 16 ? -4.218  10.452  6.445   1.00 57.98  ? 16  A   B C5    1 
ATOM   758 C  C6    . A   B 1 16 ? -4.856  9.231   6.633   1.00 58.30  ? 16  A   B C6    1 
ATOM   759 N  N6    . A   B 1 16 ? -4.725  8.501   7.743   1.00 63.53  ? 16  A   B N6    1 
ATOM   760 N  N1    . A   B 1 16 ? -5.642  8.776   5.631   1.00 54.31  ? 16  A   B N1    1 
ATOM   761 C  C2    . A   B 1 16 ? -5.781  9.503   4.519   1.00 59.72  ? 16  A   B C2    1 
ATOM   762 N  N3    . A   B 1 16 ? -5.223  10.673  4.238   1.00 68.86  ? 16  A   B N3    1 
ATOM   763 C  C4    . A   B 1 16 ? -4.448  11.094  5.252   1.00 59.26  ? 16  A   B C4    1 
ATOM   764 P  P     . G   B 1 17 ? -5.233  16.240  1.872   1.00 84.54  ? 17  G   B P     1 
ATOM   765 O  OP1   . G   B 1 17 ? -5.040  17.627  2.370   1.00 84.29  ? 17  G   B OP1   1 
ATOM   766 O  OP2   . G   B 1 17 ? -6.494  15.523  2.233   1.00 76.31  ? 17  G   B OP2   1 
ATOM   767 O  "O5'" . G   B 1 17 ? -5.074  16.223  0.279   1.00 89.01  ? 17  G   B "O5'" 1 
ATOM   768 C  "C5'" . G   B 1 17 ? -5.619  15.166  -0.515  1.00 90.38  ? 17  G   B "C5'" 1 
ATOM   769 C  "C4'" . G   B 1 17 ? -4.987  13.822  -0.211  1.00 77.37  ? 17  G   B "C4'" 1 
ATOM   770 O  "O4'" . G   B 1 17 ? -5.603  13.233  0.972   1.00 63.84  ? 17  G   B "O4'" 1 
ATOM   771 C  "C3'" . G   B 1 17 ? -5.152  12.754  -1.287  1.00 68.37  ? 17  G   B "C3'" 1 
ATOM   772 O  "O3'" . G   B 1 17 ? -4.196  12.856  -2.330  1.00 71.10  ? 17  G   B "O3'" 1 
ATOM   773 C  "C2'" . G   B 1 17 ? -5.025  11.461  -0.499  1.00 65.18  ? 17  G   B "C2'" 1 
ATOM   774 O  "O2'" . G   B 1 17 ? -3.658  11.169  -0.240  1.00 71.17  ? 17  G   B "O2'" 1 
ATOM   775 C  "C1'" . G   B 1 17 ? -5.715  11.835  0.813   1.00 60.71  ? 17  G   B "C1'" 1 
ATOM   776 N  N9    . G   B 1 17 ? -7.149  11.494  0.781   1.00 61.77  ? 17  G   B N9    1 
ATOM   777 C  C8    . G   B 1 17 ? -8.184  12.392  0.901   1.00 61.82  ? 17  G   B C8    1 
ATOM   778 N  N7    . G   B 1 17 ? -9.365  11.835  0.842   1.00 51.95  ? 17  G   B N7    1 
ATOM   779 C  C5    . G   B 1 17 ? -9.089  10.490  0.656   1.00 53.04  ? 17  G   B C5    1 
ATOM   780 C  C6    . G   B 1 17 ? -9.982  9.411   0.520   1.00 50.85  ? 17  G   B C6    1 
ATOM   781 O  O6    . G   B 1 17 ? -11.211 9.435   0.537   1.00 53.22  ? 17  G   B O6    1 
ATOM   782 N  N1    . G   B 1 17 ? -9.330  8.207   0.366   1.00 49.14  ? 17  G   B N1    1 
ATOM   783 C  C2    . G   B 1 17 ? -7.981  8.056   0.338   1.00 51.25  ? 17  G   B C2    1 
ATOM   784 N  N2    . G   B 1 17 ? -7.589  6.791   0.174   1.00 54.31  ? 17  G   B N2    1 
ATOM   785 N  N3    . G   B 1 17 ? -7.109  9.049   0.461   1.00 53.75  ? 17  G   B N3    1 
ATOM   786 C  C4    . G   B 1 17 ? -7.731  10.245  0.620   1.00 60.15  ? 17  G   B C4    1 
ATOM   787 P  P     . C   B 1 18 ? -4.575  12.378  -3.823  1.00 85.38  ? 18  C   B P     1 
ATOM   788 O  OP1   . C   B 1 18 ? -3.397  12.613  -4.719  1.00 60.86  ? 18  C   B OP1   1 
ATOM   789 O  OP2   . C   B 1 18 ? -5.881  13.019  -4.112  1.00 82.99  ? 18  C   B OP2   1 
ATOM   790 O  "O5'" . C   B 1 18 ? -4.822  10.803  -3.710  1.00 70.30  ? 18  C   B "O5'" 1 
ATOM   791 C  "C5'" . C   B 1 18 ? -3.723  9.908   -3.608  1.00 67.42  ? 18  C   B "C5'" 1 
ATOM   792 C  "C4'" . C   B 1 18 ? -4.153  8.467   -3.704  1.00 60.69  ? 18  C   B "C4'" 1 
ATOM   793 O  "O4'" . C   B 1 18 ? -5.077  8.154   -2.631  1.00 62.12  ? 18  C   B "O4'" 1 
ATOM   794 C  "C3'" . C   B 1 18 ? -4.927  8.115   -4.949  1.00 73.11  ? 18  C   B "C3'" 1 
ATOM   795 O  "O3'" . C   B 1 18 ? -4.107  7.944   -6.081  1.00 78.94  ? 18  C   B "O3'" 1 
ATOM   796 C  "C2'" . C   B 1 18 ? -5.692  6.874   -4.524  1.00 67.30  ? 18  C   B "C2'" 1 
ATOM   797 O  "O2'" . C   B 1 18 ? -4.831  5.746   -4.505  1.00 60.73  ? 18  C   B "O2'" 1 
ATOM   798 C  "C1'" . C   B 1 18 ? -6.044  7.234   -3.085  1.00 58.19  ? 18  C   B "C1'" 1 
ATOM   799 N  N1    . C   B 1 18 ? -7.365  7.881   -2.976  1.00 52.90  ? 18  C   B N1    1 
ATOM   800 C  C2    . C   B 1 18 ? -8.531  7.108   -3.006  1.00 55.74  ? 18  C   B C2    1 
ATOM   801 O  O2    . C   B 1 18 ? -8.433  5.878   -3.148  1.00 56.08  ? 18  C   B O2    1 
ATOM   802 N  N3    . C   B 1 18 ? -9.743  7.707   -2.889  1.00 49.89  ? 18  C   B N3    1 
ATOM   803 C  C4    . C   B 1 18 ? -9.801  9.031   -2.744  1.00 53.78  ? 18  C   B C4    1 
ATOM   804 N  N4    . C   B 1 18 ? -11.002 9.603   -2.629  1.00 52.48  ? 18  C   B N4    1 
ATOM   805 C  C5    . C   B 1 18 ? -8.624  9.838   -2.706  1.00 58.92  ? 18  C   B C5    1 
ATOM   806 C  C6    . C   B 1 18 ? -7.438  9.228   -2.823  1.00 52.89  ? 18  C   B C6    1 
ATOM   807 P  P     . C   B 1 19 ? -4.668  8.404   -7.516  1.00 89.10  ? 19  C   B P     1 
ATOM   808 O  OP1   . C   B 1 19 ? -3.470  8.550   -8.390  1.00 87.90  ? 19  C   B OP1   1 
ATOM   809 O  OP2   . C   B 1 19 ? -5.609  9.566   -7.375  1.00 56.88  ? 19  C   B OP2   1 
ATOM   810 O  "O5'" . C   B 1 19 ? -5.492  7.126   -7.993  1.00 64.76  ? 19  C   B "O5'" 1 
ATOM   811 C  "C5'" . C   B 1 19 ? -4.843  5.878   -8.172  1.00 63.91  ? 19  C   B "C5'" 1 
ATOM   812 C  "C4'" . C   B 1 19 ? -5.858  4.778   -8.234  1.00 72.89  ? 19  C   B "C4'" 1 
ATOM   813 O  "O4'" . C   B 1 19 ? -6.728  4.918   -7.088  1.00 61.02  ? 19  C   B "O4'" 1 
ATOM   814 C  "C3'" . C   B 1 19 ? -6.804  4.811   -9.430  1.00 71.53  ? 19  C   B "C3'" 1 
ATOM   815 O  "O3'" . C   B 1 19 ? -6.262  4.197   -10.593 1.00 55.90  ? 19  C   B "O3'" 1 
ATOM   816 C  "C2'" . C   B 1 19 ? -8.059  4.117   -8.896  1.00 65.22  ? 19  C   B "C2'" 1 
ATOM   817 O  "O2'" . C   B 1 19 ? -7.927  2.703   -8.952  1.00 64.05  ? 19  C   B "O2'" 1 
ATOM   818 C  "C1'" . C   B 1 19 ? -8.047  4.537   -7.426  1.00 56.73  ? 19  C   B "C1'" 1 
ATOM   819 N  N1    . C   B 1 19 ? -8.986  5.645   -7.113  1.00 53.53  ? 19  C   B N1    1 
ATOM   820 C  C2    . C   B 1 19 ? -10.303 5.267   -6.886  1.00 54.82  ? 19  C   B C2    1 
ATOM   821 O  O2    . C   B 1 19 ? -10.561 4.065   -7.002  1.00 57.09  ? 19  C   B O2    1 
ATOM   822 N  N3    . C   B 1 19 ? -11.246 6.183   -6.571  1.00 50.46  ? 19  C   B N3    1 
ATOM   823 C  C4    . C   B 1 19 ? -10.889 7.458   -6.473  1.00 50.93  ? 19  C   B C4    1 
ATOM   824 N  N4    . C   B 1 19 ? -11.851 8.323   -6.161  1.00 45.88  ? 19  C   B N4    1 
ATOM   825 C  C5    . C   B 1 19 ? -9.539  7.885   -6.681  1.00 51.36  ? 19  C   B C5    1 
ATOM   826 C  C6    . C   B 1 19 ? -8.620  6.959   -6.995  1.00 50.02  ? 19  C   B C6    1 
HETATM 827 CO CO    . CO  C 2 .  ? 10.773  -0.794  -2.138  1.00 62.72  ? 101 CO  A CO    1 
HETATM 828 CO CO    . CO  D 2 .  ? -16.588 9.361   -5.114  1.00 99.08  ? 102 CO  A CO    1 
HETATM 829 CO CO    . CO  E 2 .  ? 1.239   -17.288 -8.777  1.00 116.35 ? 103 CO  A CO    1 
HETATM 830 CO CO    . CO  F 2 .  ? -13.173 -2.331  12.918  1.00 54.93  ? 104 CO  A CO    1 
HETATM 831 CO CO    . CO  G 2 .  ? 1.650   2.477   10.592  1.00 61.52  ? 101 CO  B CO    1 
HETATM 832 CO CO    . CO  H 2 .  ? -9.873  -15.222 -11.520 0.25 107.53 ? 102 CO  B CO    1 
HETATM 833 O  O     . HOH I 3 .  ? -16.334 8.006   1.494   1.00 59.49  ? 201 HOH A O     1 
HETATM 834 O  O     . HOH I 3 .  ? 5.393   -0.349  0.791   1.00 29.42  ? 202 HOH A O     1 
HETATM 835 O  O     . HOH I 3 .  ? 16.275  -4.610  -1.543  1.00 45.09  ? 203 HOH A O     1 
HETATM 836 O  O     . HOH J 3 .  ? 2.459   7.907   14.999  1.00 48.49  ? 201 HOH B O     1 
# 
